data_6ZGX
#
_entry.id   6ZGX
#
_cell.length_a   73.772
_cell.length_b   114.447
_cell.length_c   120.924
_cell.angle_alpha   90.000
_cell.angle_beta   100.550
_cell.angle_gamma   90.000
#
_symmetry.space_group_name_H-M   'P 1 21 1'
#
loop_
_entity.id
_entity.type
_entity.pdbx_description
1 polymer Galactokinase
2 non-polymer beta-D-galactopyranose
3 non-polymer "2-(1,3-benzoxazol-2-ylamino)spiro[1,6,7,8-tetrahydroquinazoline-4,1'-cyclohexane]-5-one"
4 non-polymer 1-[2-(2-oxidanylidenepyrrolidin-1-yl)ethyl]-3-phenyl-urea
5 water water
#
_entity_poly.entity_id   1
_entity_poly.type   'polypeptide(L)'
_entity_poly.pdbx_seq_one_letter_code
;MAHHHHHHAALRQPQVAELLAEARRAFREEFGAEPELAVSAPGRVNLIGEHTDYNQGLVLPMALELMTVLVGSPRKDGLV
SLLTTSEGADEPQRLQFPLPTAQRSLEPGTPRWANYVKGVIQYYPAAPLPGFSAVVVSSVPLGGGLSSSASLEVATYTFL
QQLCPDSGTIAARAQVCQQAEHSFAGMPCGIMDQFISLMGQKGHALLIDCRSLETSLVPLSDPKLAVLITNSNVRHSLAS
SEYPVRRRQCEEVARALGAASLREVQLEELEAARDLVSKEGFRRARHVVGEIRRTAQAAAALRRGDYRAFGRLMVESHRS
LRDDYEVSCPELDQLVEAALAVPGVYGSRMTGGGFGGCTVTLLEASAAPHAMRHIQEHYGGTATFYLSQAADGAKVLCL
;
_entity_poly.pdbx_strand_id   A,B,D,E
#
loop_
_chem_comp.id
_chem_comp.type
_chem_comp.name
_chem_comp.formula
GAL D-saccharide, beta linking beta-D-galactopyranose 'C6 H12 O6'
HFK non-polymer 2-(1,3-benzoxazol-2-ylamino)spiro[1,6,7,8-tetrahydroquinazoline-4,1'-cyclohexane]-5-one 'C20 H22 N4 O2'
S6V non-polymer 1-[2-(2-oxidanylidenepyrrolidin-1-yl)ethyl]-3-phenyl-urea 'C13 H17 N3 O2'
#
# COMPACT_ATOMS: atom_id res chain seq x y z
N ALA A 9 -13.12 -33.06 36.27
CA ALA A 9 -14.01 -32.00 35.71
C ALA A 9 -14.79 -32.56 34.52
N ALA A 10 -15.42 -31.64 33.79
CA ALA A 10 -16.22 -32.00 32.64
C ALA A 10 -15.39 -31.93 31.35
N LEU A 11 -14.07 -31.67 31.49
CA LEU A 11 -13.19 -31.50 30.33
C LEU A 11 -12.80 -32.85 29.75
N ARG A 12 -13.24 -33.14 28.52
CA ARG A 12 -12.85 -34.38 27.84
C ARG A 12 -11.55 -34.10 27.07
N GLN A 13 -10.50 -34.87 27.37
CA GLN A 13 -9.25 -34.79 26.64
C GLN A 13 -9.33 -35.65 25.38
N PRO A 14 -8.58 -35.29 24.30
CA PRO A 14 -8.68 -35.99 23.02
C PRO A 14 -8.27 -37.46 23.03
N GLN A 15 -7.19 -37.81 23.74
CA GLN A 15 -6.71 -39.18 23.86
C GLN A 15 -6.43 -39.83 22.48
N VAL A 16 -5.74 -39.10 21.60
CA VAL A 16 -5.65 -39.51 20.20
C VAL A 16 -4.89 -40.83 20.08
N ALA A 17 -3.74 -40.92 20.74
CA ALA A 17 -2.89 -42.10 20.63
C ALA A 17 -3.69 -43.34 21.08
N GLU A 18 -4.51 -43.14 22.11
CA GLU A 18 -5.30 -44.19 22.74
C GLU A 18 -6.39 -44.69 21.79
N LEU A 19 -7.03 -43.77 21.04
CA LEU A 19 -8.07 -44.10 20.09
C LEU A 19 -7.53 -45.06 19.04
N LEU A 20 -6.36 -44.73 18.49
CA LEU A 20 -5.71 -45.52 17.46
C LEU A 20 -5.36 -46.91 18.01
N ALA A 21 -4.78 -46.92 19.21
CA ALA A 21 -4.40 -48.15 19.90
C ALA A 21 -5.63 -49.03 20.12
N GLU A 22 -6.74 -48.43 20.57
CA GLU A 22 -7.99 -49.13 20.77
C GLU A 22 -8.43 -49.78 19.46
N ALA A 23 -8.37 -49.01 18.36
CA ALA A 23 -8.83 -49.51 17.07
C ALA A 23 -8.00 -50.72 16.63
N ARG A 24 -6.68 -50.64 16.87
CA ARG A 24 -5.76 -51.67 16.40
C ARG A 24 -5.99 -53.00 17.14
N ARG A 25 -6.18 -52.89 18.46
CA ARG A 25 -6.40 -54.04 19.34
C ARG A 25 -7.72 -54.72 18.97
N ALA A 26 -8.77 -53.93 18.74
CA ALA A 26 -10.07 -54.47 18.42
C ALA A 26 -10.01 -55.17 17.07
N PHE A 27 -9.26 -54.59 16.11
CA PHE A 27 -9.14 -55.20 14.79
C PHE A 27 -8.51 -56.59 14.88
N ARG A 28 -7.38 -56.68 15.62
CA ARG A 28 -6.63 -57.93 15.72
C ARG A 28 -7.51 -59.00 16.37
N GLU A 29 -8.19 -58.63 17.46
CA GLU A 29 -9.09 -59.54 18.16
C GLU A 29 -10.25 -59.96 17.24
N GLU A 30 -10.81 -59.01 16.47
CA GLU A 30 -11.99 -59.29 15.65
C GLU A 30 -11.65 -60.14 14.42
N PHE A 31 -10.53 -59.84 13.74
CA PHE A 31 -10.31 -60.40 12.41
C PHE A 31 -9.16 -61.42 12.39
N GLY A 32 -8.42 -61.48 13.49
CA GLY A 32 -7.37 -62.49 13.66
C GLY A 32 -6.05 -62.14 12.99
N ALA A 33 -5.88 -60.88 12.58
CA ALA A 33 -4.60 -60.38 12.10
C ALA A 33 -4.49 -58.86 12.29
N GLU A 34 -3.28 -58.33 12.14
CA GLU A 34 -3.01 -56.91 12.26
C GLU A 34 -3.60 -56.18 11.05
N PRO A 35 -4.18 -54.96 11.24
CA PRO A 35 -4.67 -54.16 10.12
C PRO A 35 -3.47 -53.59 9.35
N GLU A 36 -3.68 -53.38 8.05
CA GLU A 36 -2.65 -52.91 7.13
C GLU A 36 -2.60 -51.39 7.07
N LEU A 37 -3.71 -50.71 7.42
CA LEU A 37 -3.64 -49.25 7.44
C LEU A 37 -4.61 -48.61 8.43
N ALA A 38 -4.29 -47.35 8.74
CA ALA A 38 -5.10 -46.47 9.56
C ALA A 38 -5.40 -45.18 8.80
N VAL A 39 -6.63 -44.67 8.93
CA VAL A 39 -6.95 -43.31 8.53
C VAL A 39 -7.69 -42.61 9.68
N SER A 40 -7.73 -41.27 9.62
CA SER A 40 -8.60 -40.51 10.51
C SER A 40 -9.17 -39.34 9.74
N ALA A 41 -10.33 -38.84 10.20
CA ALA A 41 -10.90 -37.59 9.75
C ALA A 41 -11.55 -36.95 10.98
N PRO A 42 -11.38 -35.62 11.18
CA PRO A 42 -11.84 -34.98 12.41
C PRO A 42 -13.29 -34.54 12.34
N GLY A 43 -13.87 -34.32 13.52
CA GLY A 43 -15.05 -33.50 13.64
C GLY A 43 -14.66 -32.02 13.51
N ARG A 44 -15.63 -31.14 13.71
CA ARG A 44 -15.39 -29.72 13.46
C ARG A 44 -16.25 -28.86 14.39
N VAL A 45 -15.78 -27.63 14.61
CA VAL A 45 -16.60 -26.55 15.16
C VAL A 45 -16.66 -25.43 14.12
N ASN A 46 -17.84 -24.85 13.93
CA ASN A 46 -17.99 -23.73 13.00
C ASN A 46 -17.85 -22.45 13.81
N LEU A 47 -16.83 -21.63 13.52
CA LEU A 47 -16.59 -20.45 14.35
C LEU A 47 -17.69 -19.41 14.10
N ILE A 48 -18.11 -19.29 12.84
CA ILE A 48 -19.17 -18.39 12.42
C ILE A 48 -19.53 -18.70 10.98
N GLY A 49 -20.73 -18.30 10.55
CA GLY A 49 -21.21 -18.60 9.21
C GLY A 49 -22.19 -19.78 9.27
N GLU A 50 -23.27 -19.60 10.05
CA GLU A 50 -24.19 -20.69 10.31
C GLU A 50 -25.38 -20.61 9.35
N HIS A 51 -25.76 -21.77 8.80
CA HIS A 51 -26.86 -21.90 7.86
C HIS A 51 -26.60 -21.06 6.61
N THR A 52 -25.33 -20.94 6.22
CA THR A 52 -24.94 -20.22 5.01
C THR A 52 -24.47 -21.16 3.89
N ASP A 53 -23.94 -22.34 4.25
CA ASP A 53 -23.30 -23.21 3.27
C ASP A 53 -24.26 -23.60 2.15
N TYR A 54 -25.51 -23.98 2.49
CA TYR A 54 -26.47 -24.41 1.48
C TYR A 54 -27.10 -23.22 0.76
N ASN A 55 -26.70 -22.01 1.15
CA ASN A 55 -27.12 -20.77 0.50
C ASN A 55 -25.98 -20.18 -0.34
N GLN A 56 -24.98 -21.01 -0.65
CA GLN A 56 -23.79 -20.62 -1.41
C GLN A 56 -23.03 -19.50 -0.72
N GLY A 57 -23.00 -19.54 0.62
CA GLY A 57 -22.47 -18.48 1.45
C GLY A 57 -21.00 -18.69 1.83
N LEU A 58 -20.61 -18.12 2.97
CA LEU A 58 -19.28 -18.24 3.54
C LEU A 58 -19.40 -18.93 4.89
N VAL A 59 -18.42 -19.80 5.22
CA VAL A 59 -18.38 -20.46 6.52
C VAL A 59 -16.95 -20.39 7.03
N LEU A 60 -16.75 -20.38 8.34
CA LEU A 60 -15.41 -20.35 8.91
C LEU A 60 -15.27 -21.42 9.98
N PRO A 61 -15.25 -22.72 9.59
CA PRO A 61 -14.97 -23.80 10.55
C PRO A 61 -13.51 -24.05 10.88
N MET A 62 -13.24 -24.80 11.96
CA MET A 62 -11.94 -25.39 12.19
C MET A 62 -12.11 -26.87 12.58
N ALA A 63 -11.12 -27.70 12.22
CA ALA A 63 -11.15 -29.11 12.56
C ALA A 63 -10.74 -29.29 14.02
N LEU A 64 -11.26 -30.35 14.65
CA LEU A 64 -11.01 -30.66 16.05
C LEU A 64 -10.08 -31.86 16.16
N GLU A 65 -9.47 -32.05 17.35
CA GLU A 65 -8.71 -33.24 17.64
C GLU A 65 -9.65 -34.41 18.00
N LEU A 66 -10.96 -34.15 18.07
CA LEU A 66 -11.93 -35.23 18.11
C LEU A 66 -12.06 -35.77 16.69
N MET A 67 -12.01 -37.10 16.56
CA MET A 67 -11.89 -37.67 15.23
C MET A 67 -12.45 -39.10 15.21
N THR A 68 -12.71 -39.55 13.98
CA THR A 68 -13.07 -40.92 13.68
C THR A 68 -11.86 -41.57 13.01
N VAL A 69 -11.50 -42.78 13.50
CA VAL A 69 -10.39 -43.56 12.95
C VAL A 69 -10.95 -44.85 12.37
N LEU A 70 -10.54 -45.16 11.13
CA LEU A 70 -10.72 -46.49 10.55
C LEU A 70 -9.35 -47.15 10.51
N VAL A 71 -9.30 -48.40 10.97
CA VAL A 71 -8.15 -49.28 10.80
C VAL A 71 -8.65 -50.52 10.07
N GLY A 72 -7.91 -50.97 9.05
CA GLY A 72 -8.44 -52.04 8.22
C GLY A 72 -7.45 -52.61 7.20
N SER A 73 -7.97 -53.49 6.34
CA SER A 73 -7.20 -54.29 5.39
C SER A 73 -8.11 -54.61 4.22
N PRO A 74 -7.57 -54.66 2.97
CA PRO A 74 -8.34 -55.12 1.81
C PRO A 74 -8.65 -56.60 1.96
N ARG A 75 -9.72 -57.06 1.28
CA ARG A 75 -10.08 -58.46 1.21
C ARG A 75 -10.07 -58.89 -0.26
N LYS A 76 -10.16 -60.21 -0.50
CA LYS A 76 -10.09 -60.76 -1.83
C LYS A 76 -11.48 -61.18 -2.33
N ASP A 77 -12.49 -61.10 -1.44
CA ASP A 77 -13.77 -61.75 -1.69
C ASP A 77 -14.89 -60.77 -2.04
N GLY A 78 -14.56 -59.48 -2.18
CA GLY A 78 -15.54 -58.49 -2.63
C GLY A 78 -16.61 -58.16 -1.59
N LEU A 79 -16.34 -58.49 -0.31
CA LEU A 79 -17.30 -58.15 0.71
C LEU A 79 -16.69 -57.18 1.74
N VAL A 80 -17.58 -56.42 2.40
CA VAL A 80 -17.18 -55.43 3.39
C VAL A 80 -17.60 -55.92 4.77
N SER A 81 -16.65 -55.95 5.71
CA SER A 81 -16.91 -56.39 7.07
C SER A 81 -16.48 -55.33 8.07
N LEU A 82 -17.46 -54.83 8.86
CA LEU A 82 -17.21 -53.71 9.77
C LEU A 82 -17.52 -54.11 11.20
N LEU A 83 -16.75 -53.52 12.12
CA LEU A 83 -17.04 -53.45 13.55
C LEU A 83 -16.82 -52.02 14.00
N THR A 84 -17.77 -51.49 14.80
CA THR A 84 -17.56 -50.24 15.52
C THR A 84 -17.53 -50.52 17.02
N THR A 85 -16.67 -49.79 17.73
CA THR A 85 -16.59 -49.90 19.18
C THR A 85 -17.15 -48.63 19.82
N SER A 86 -17.73 -47.74 19.01
CA SER A 86 -18.28 -46.52 19.57
C SER A 86 -19.49 -46.83 20.46
N GLU A 87 -19.33 -46.65 21.78
CA GLU A 87 -20.47 -46.56 22.68
C GLU A 87 -21.32 -45.41 22.16
N GLY A 88 -22.60 -45.68 21.91
CA GLY A 88 -23.46 -44.68 21.28
C GLY A 88 -23.98 -45.16 19.94
N ALA A 89 -23.16 -45.94 19.22
CA ALA A 89 -23.58 -46.52 17.95
C ALA A 89 -24.79 -47.43 18.19
N ASP A 90 -25.74 -47.47 17.27
CA ASP A 90 -26.88 -48.37 17.40
C ASP A 90 -26.48 -49.83 17.09
N GLU A 91 -27.31 -50.76 17.57
CA GLU A 91 -27.07 -52.19 17.43
C GLU A 91 -27.49 -52.66 16.04
N PRO A 92 -26.83 -53.69 15.45
CA PRO A 92 -25.62 -54.31 15.99
C PRO A 92 -24.36 -53.49 15.74
N GLN A 93 -23.28 -53.83 16.44
CA GLN A 93 -22.01 -53.11 16.29
C GLN A 93 -21.19 -53.68 15.13
N ARG A 94 -21.77 -54.65 14.41
CA ARG A 94 -21.12 -55.27 13.28
C ARG A 94 -22.07 -55.30 12.09
N LEU A 95 -21.52 -55.19 10.88
CA LEU A 95 -22.30 -55.39 9.66
C LEU A 95 -21.36 -55.88 8.55
N GLN A 96 -21.89 -56.76 7.70
CA GLN A 96 -21.18 -57.21 6.52
C GLN A 96 -22.15 -57.12 5.35
N PHE A 97 -21.60 -56.78 4.20
CA PHE A 97 -22.39 -56.67 2.97
C PHE A 97 -21.46 -56.85 1.80
N PRO A 98 -21.94 -57.35 0.65
CA PRO A 98 -21.12 -57.38 -0.56
C PRO A 98 -20.98 -55.94 -1.10
N LEU A 99 -19.86 -55.67 -1.79
CA LEU A 99 -19.69 -54.42 -2.51
C LEU A 99 -20.88 -54.22 -3.44
N PRO A 100 -21.33 -52.98 -3.68
CA PRO A 100 -22.37 -52.73 -4.68
C PRO A 100 -21.82 -53.08 -6.07
N THR A 101 -22.72 -53.52 -6.95
CA THR A 101 -22.42 -53.79 -8.35
C THR A 101 -23.42 -52.99 -9.18
N ALA A 102 -23.26 -53.07 -10.52
CA ALA A 102 -24.25 -52.57 -11.46
C ALA A 102 -25.57 -53.31 -11.24
N GLN A 103 -25.48 -54.59 -10.87
CA GLN A 103 -26.62 -55.44 -10.60
C GLN A 103 -27.32 -55.05 -9.29
N ARG A 104 -26.56 -54.75 -8.23
CA ARG A 104 -27.12 -54.57 -6.90
C ARG A 104 -26.45 -53.41 -6.16
N SER A 105 -27.24 -52.37 -5.87
CA SER A 105 -26.79 -51.20 -5.10
C SER A 105 -26.97 -51.46 -3.60
N LEU A 106 -26.16 -50.79 -2.77
CA LEU A 106 -26.38 -50.79 -1.33
C LEU A 106 -27.64 -49.99 -1.04
N GLU A 107 -28.28 -50.26 0.11
CA GLU A 107 -29.45 -49.50 0.53
C GLU A 107 -29.27 -49.11 2.00
N PRO A 108 -29.79 -47.93 2.43
CA PRO A 108 -29.72 -47.57 3.85
C PRO A 108 -30.59 -48.53 4.66
N GLY A 109 -30.25 -48.71 5.95
CA GLY A 109 -31.13 -49.39 6.88
C GLY A 109 -30.51 -49.45 8.27
N THR A 110 -30.38 -50.68 8.80
CA THR A 110 -29.98 -50.95 10.17
C THR A 110 -28.65 -51.69 10.15
N PRO A 111 -27.68 -51.34 11.02
CA PRO A 111 -27.79 -50.15 11.89
C PRO A 111 -27.48 -48.83 11.17
N ARG A 112 -27.89 -47.70 11.76
CA ARG A 112 -27.78 -46.38 11.17
C ARG A 112 -26.32 -45.97 10.94
N TRP A 113 -25.43 -46.30 11.87
CA TRP A 113 -24.04 -45.89 11.79
C TRP A 113 -23.42 -46.41 10.48
N ALA A 114 -23.84 -47.60 10.04
CA ALA A 114 -23.24 -48.21 8.86
C ALA A 114 -23.69 -47.50 7.58
N ASN A 115 -24.79 -46.75 7.64
CA ASN A 115 -25.35 -46.08 6.47
C ASN A 115 -24.34 -45.08 5.90
N TYR A 116 -23.54 -44.47 6.79
CA TYR A 116 -22.56 -43.46 6.40
C TYR A 116 -21.47 -44.12 5.58
N VAL A 117 -21.02 -45.30 6.02
CA VAL A 117 -19.99 -46.05 5.32
C VAL A 117 -20.54 -46.55 3.97
N LYS A 118 -21.76 -47.13 4.00
CA LYS A 118 -22.36 -47.68 2.80
C LYS A 118 -22.55 -46.59 1.75
N GLY A 119 -23.00 -45.41 2.21
CA GLY A 119 -23.25 -44.31 1.31
C GLY A 119 -21.99 -43.89 0.56
N VAL A 120 -20.87 -43.79 1.29
CA VAL A 120 -19.61 -43.37 0.68
C VAL A 120 -19.12 -44.44 -0.30
N ILE A 121 -19.24 -45.71 0.08
CA ILE A 121 -18.90 -46.81 -0.82
C ILE A 121 -19.74 -46.74 -2.10
N GLN A 122 -21.05 -46.51 -1.94
CA GLN A 122 -21.99 -46.53 -3.05
C GLN A 122 -21.62 -45.46 -4.08
N TYR A 123 -21.21 -44.27 -3.62
CA TYR A 123 -20.94 -43.16 -4.52
C TYR A 123 -19.43 -42.96 -4.77
N TYR A 124 -18.59 -43.89 -4.30
CA TYR A 124 -17.15 -43.76 -4.52
C TYR A 124 -16.85 -43.74 -6.01
N PRO A 125 -16.14 -42.71 -6.54
CA PRO A 125 -16.01 -42.52 -7.98
C PRO A 125 -15.05 -43.43 -8.74
N ALA A 126 -14.15 -44.14 -8.07
CA ALA A 126 -13.08 -44.86 -8.78
C ALA A 126 -13.22 -46.37 -8.62
N ALA A 127 -12.60 -47.11 -9.56
CA ALA A 127 -12.68 -48.57 -9.66
C ALA A 127 -11.30 -49.11 -10.06
N PRO A 128 -10.96 -50.39 -9.74
CA PRO A 128 -11.84 -51.28 -8.99
C PRO A 128 -11.66 -51.16 -7.48
N LEU A 129 -12.78 -51.04 -6.76
CA LEU A 129 -12.77 -51.01 -5.31
C LEU A 129 -12.84 -52.45 -4.77
N PRO A 130 -11.82 -52.94 -4.04
CA PRO A 130 -11.87 -54.26 -3.43
C PRO A 130 -12.75 -54.22 -2.17
N GLY A 131 -13.08 -55.40 -1.64
CA GLY A 131 -13.71 -55.47 -0.33
C GLY A 131 -12.67 -55.21 0.75
N PHE A 132 -13.12 -55.08 2.00
CA PHE A 132 -12.21 -54.76 3.09
C PHE A 132 -12.84 -55.10 4.43
N SER A 133 -11.97 -55.29 5.42
CA SER A 133 -12.33 -55.41 6.83
C SER A 133 -11.85 -54.16 7.54
N ALA A 134 -12.69 -53.61 8.43
CA ALA A 134 -12.36 -52.37 9.14
C ALA A 134 -13.00 -52.32 10.52
N VAL A 135 -12.27 -51.72 11.48
CA VAL A 135 -12.82 -51.25 12.74
C VAL A 135 -12.95 -49.72 12.67
N VAL A 136 -14.08 -49.21 13.17
CA VAL A 136 -14.39 -47.79 13.24
C VAL A 136 -14.50 -47.39 14.71
N VAL A 137 -13.69 -46.40 15.12
CA VAL A 137 -13.78 -45.80 16.45
C VAL A 137 -13.88 -44.28 16.28
N SER A 138 -14.45 -43.58 17.28
CA SER A 138 -14.56 -42.14 17.21
C SER A 138 -14.56 -41.53 18.61
N SER A 139 -13.94 -40.36 18.73
CA SER A 139 -13.99 -39.53 19.92
C SER A 139 -14.92 -38.34 19.69
N VAL A 140 -15.52 -38.26 18.50
CA VAL A 140 -16.50 -37.22 18.23
C VAL A 140 -17.81 -37.65 18.90
N PRO A 141 -18.41 -36.83 19.80
CA PRO A 141 -19.65 -37.23 20.48
C PRO A 141 -20.73 -37.41 19.41
N LEU A 142 -21.33 -38.62 19.39
CA LEU A 142 -22.19 -39.02 18.28
C LEU A 142 -23.48 -38.22 18.31
N GLY A 143 -23.75 -37.46 17.24
CA GLY A 143 -24.94 -36.62 17.18
C GLY A 143 -24.88 -35.40 18.10
N GLY A 144 -23.69 -35.04 18.58
CA GLY A 144 -23.51 -33.98 19.56
C GLY A 144 -23.17 -32.64 18.94
N GLY A 145 -23.24 -32.50 17.61
CA GLY A 145 -23.19 -31.22 16.94
C GLY A 145 -21.81 -30.85 16.34
N LEU A 146 -20.87 -31.78 16.42
CA LEU A 146 -19.50 -31.54 16.00
C LEU A 146 -19.16 -32.42 14.79
N SER A 147 -20.20 -32.82 14.04
CA SER A 147 -20.09 -33.45 12.73
C SER A 147 -19.48 -34.85 12.82
N SER A 148 -20.00 -35.68 13.73
CA SER A 148 -19.52 -37.05 13.84
C SER A 148 -19.73 -37.77 12.51
N SER A 149 -20.86 -37.54 11.85
CA SER A 149 -21.17 -38.26 10.63
C SER A 149 -20.24 -37.87 9.47
N ALA A 150 -19.93 -36.57 9.33
CA ALA A 150 -18.99 -36.16 8.30
C ALA A 150 -17.62 -36.76 8.55
N SER A 151 -17.20 -36.82 9.84
CA SER A 151 -15.92 -37.41 10.14
C SER A 151 -15.90 -38.87 9.71
N LEU A 152 -17.02 -39.58 9.88
CA LEU A 152 -17.08 -41.00 9.51
C LEU A 152 -17.08 -41.14 7.99
N GLU A 153 -17.86 -40.28 7.31
CA GLU A 153 -17.88 -40.29 5.85
C GLU A 153 -16.48 -40.04 5.30
N VAL A 154 -15.82 -38.99 5.82
CA VAL A 154 -14.52 -38.61 5.27
C VAL A 154 -13.46 -39.65 5.62
N ALA A 155 -13.52 -40.22 6.83
CA ALA A 155 -12.59 -41.28 7.19
C ALA A 155 -12.78 -42.46 6.23
N THR A 156 -14.04 -42.80 5.95
CA THR A 156 -14.33 -43.89 5.01
C THR A 156 -13.72 -43.55 3.65
N TYR A 157 -13.99 -42.33 3.16
CA TYR A 157 -13.53 -41.92 1.84
C TYR A 157 -12.01 -42.05 1.76
N THR A 158 -11.32 -41.57 2.81
CA THR A 158 -9.87 -41.60 2.92
C THR A 158 -9.34 -43.04 2.84
N PHE A 159 -10.05 -43.95 3.49
CA PHE A 159 -9.71 -45.37 3.48
C PHE A 159 -9.87 -45.94 2.07
N LEU A 160 -10.98 -45.63 1.40
CA LEU A 160 -11.22 -46.10 0.05
C LEU A 160 -10.12 -45.63 -0.91
N GLN A 161 -9.61 -44.42 -0.70
CA GLN A 161 -8.55 -43.87 -1.53
C GLN A 161 -7.28 -44.71 -1.42
N GLN A 162 -7.04 -45.29 -0.24
CA GLN A 162 -5.91 -46.18 -0.06
C GLN A 162 -6.14 -47.50 -0.79
N LEU A 163 -7.40 -47.96 -0.87
CA LEU A 163 -7.72 -49.21 -1.54
C LEU A 163 -7.71 -49.01 -3.05
N CYS A 164 -8.14 -47.83 -3.50
CA CYS A 164 -8.28 -47.57 -4.93
C CYS A 164 -8.22 -46.06 -5.16
N PRO A 165 -7.01 -45.49 -5.37
CA PRO A 165 -6.84 -44.04 -5.51
C PRO A 165 -7.86 -43.46 -6.49
N ASP A 166 -8.45 -42.33 -6.10
CA ASP A 166 -9.38 -41.64 -6.99
C ASP A 166 -8.51 -40.70 -7.84
N SER A 167 -9.08 -40.06 -8.84
CA SER A 167 -8.17 -39.13 -9.51
C SER A 167 -8.70 -37.71 -9.39
N GLY A 168 -9.24 -37.43 -8.21
CA GLY A 168 -10.26 -36.40 -8.08
C GLY A 168 -9.79 -35.20 -7.29
N THR A 169 -10.76 -34.31 -7.07
CA THR A 169 -10.53 -33.02 -6.43
C THR A 169 -11.15 -33.07 -5.04
N ILE A 170 -10.78 -32.11 -4.19
CA ILE A 170 -11.28 -32.11 -2.82
C ILE A 170 -12.79 -31.89 -2.82
N ALA A 171 -13.29 -30.99 -3.69
CA ALA A 171 -14.71 -30.70 -3.80
C ALA A 171 -15.50 -31.94 -4.20
N ALA A 172 -15.00 -32.69 -5.18
CA ALA A 172 -15.61 -33.94 -5.59
C ALA A 172 -15.72 -34.92 -4.41
N ARG A 173 -14.67 -35.00 -3.58
CA ARG A 173 -14.68 -35.91 -2.45
C ARG A 173 -15.72 -35.44 -1.43
N ALA A 174 -15.76 -34.13 -1.15
CA ALA A 174 -16.74 -33.58 -0.24
C ALA A 174 -18.15 -33.88 -0.74
N GLN A 175 -18.38 -33.76 -2.05
CA GLN A 175 -19.68 -33.99 -2.66
C GLN A 175 -20.11 -35.45 -2.51
N VAL A 176 -19.17 -36.39 -2.57
CA VAL A 176 -19.50 -37.80 -2.39
C VAL A 176 -19.98 -38.04 -0.97
N CYS A 177 -19.23 -37.49 0.00
CA CYS A 177 -19.58 -37.66 1.40
C CYS A 177 -20.94 -37.00 1.68
N GLN A 178 -21.16 -35.82 1.09
CA GLN A 178 -22.40 -35.08 1.20
C GLN A 178 -23.55 -35.90 0.62
N GLN A 179 -23.34 -36.49 -0.56
CA GLN A 179 -24.36 -37.33 -1.20
C GLN A 179 -24.71 -38.50 -0.28
N ALA A 180 -23.71 -39.12 0.37
CA ALA A 180 -23.94 -40.23 1.30
C ALA A 180 -24.82 -39.76 2.47
N GLU A 181 -24.55 -38.55 2.99
CA GLU A 181 -25.37 -37.94 4.02
C GLU A 181 -26.82 -37.78 3.56
N HIS A 182 -27.01 -37.23 2.35
CA HIS A 182 -28.35 -36.97 1.83
C HIS A 182 -29.10 -38.28 1.62
N SER A 183 -28.48 -39.23 0.91
CA SER A 183 -29.15 -40.35 0.31
C SER A 183 -29.24 -41.52 1.29
N PHE A 184 -28.26 -41.64 2.19
CA PHE A 184 -28.19 -42.78 3.06
C PHE A 184 -28.54 -42.44 4.50
N ALA A 185 -28.52 -41.15 4.84
CA ALA A 185 -28.88 -40.78 6.21
C ALA A 185 -30.05 -39.79 6.21
N GLY A 186 -30.53 -39.44 5.01
CA GLY A 186 -31.69 -38.59 4.86
C GLY A 186 -31.49 -37.21 5.48
N MET A 187 -30.26 -36.69 5.44
CA MET A 187 -29.96 -35.38 5.99
C MET A 187 -29.35 -34.52 4.87
N PRO A 188 -30.14 -33.56 4.32
CA PRO A 188 -29.72 -32.79 3.14
C PRO A 188 -28.78 -31.63 3.51
N CYS A 189 -27.60 -31.98 4.01
CA CYS A 189 -26.64 -31.03 4.55
C CYS A 189 -26.00 -30.25 3.41
N GLY A 190 -25.44 -29.08 3.76
CA GLY A 190 -24.52 -28.40 2.87
C GLY A 190 -23.14 -29.04 2.87
N ILE A 191 -22.16 -28.32 2.32
CA ILE A 191 -20.87 -28.91 2.03
C ILE A 191 -19.91 -28.70 3.20
N MET A 192 -20.26 -27.85 4.18
CA MET A 192 -19.27 -27.36 5.14
C MET A 192 -18.54 -28.52 5.85
N ASP A 193 -19.30 -29.44 6.45
CA ASP A 193 -18.74 -30.33 7.45
C ASP A 193 -17.77 -31.30 6.78
N GLN A 194 -18.12 -31.77 5.59
CA GLN A 194 -17.28 -32.67 4.81
C GLN A 194 -16.02 -31.92 4.37
N PHE A 195 -16.18 -30.64 3.97
CA PHE A 195 -15.09 -29.85 3.47
C PHE A 195 -14.01 -29.66 4.54
N ILE A 196 -14.44 -29.31 5.77
CA ILE A 196 -13.47 -29.05 6.83
C ILE A 196 -12.81 -30.34 7.28
N SER A 197 -13.56 -31.44 7.26
CA SER A 197 -13.02 -32.73 7.69
C SER A 197 -11.89 -33.15 6.74
N LEU A 198 -12.07 -32.89 5.44
CA LEU A 198 -11.05 -33.15 4.44
C LEU A 198 -9.87 -32.19 4.56
N MET A 199 -10.16 -30.88 4.71
CA MET A 199 -9.20 -29.83 4.36
C MET A 199 -8.59 -29.13 5.58
N GLY A 200 -9.04 -29.48 6.78
CA GLY A 200 -8.50 -28.83 7.98
C GLY A 200 -6.99 -28.92 8.05
N GLN A 201 -6.34 -27.96 8.72
CA GLN A 201 -4.90 -28.02 8.95
C GLN A 201 -4.64 -27.52 10.37
N LYS A 202 -3.75 -28.20 11.09
CA LYS A 202 -3.37 -27.77 12.43
C LYS A 202 -3.03 -26.28 12.43
N GLY A 203 -3.55 -25.57 13.44
CA GLY A 203 -3.27 -24.15 13.65
C GLY A 203 -3.97 -23.23 12.65
N HIS A 204 -4.98 -23.76 11.93
CA HIS A 204 -5.73 -22.94 10.97
C HIS A 204 -7.23 -23.12 11.15
N ALA A 205 -7.98 -22.04 10.91
CA ALA A 205 -9.37 -22.12 10.52
C ALA A 205 -9.44 -22.15 8.99
N LEU A 206 -10.59 -22.55 8.44
CA LEU A 206 -10.77 -22.65 7.00
C LEU A 206 -11.94 -21.77 6.61
N LEU A 207 -11.67 -20.70 5.84
CA LEU A 207 -12.75 -19.92 5.26
C LEU A 207 -13.16 -20.61 3.96
N ILE A 208 -14.43 -21.01 3.88
CA ILE A 208 -14.90 -21.69 2.70
C ILE A 208 -15.92 -20.82 1.99
N ASP A 209 -15.64 -20.54 0.71
CA ASP A 209 -16.61 -19.90 -0.14
C ASP A 209 -17.41 -21.01 -0.81
N CYS A 210 -18.68 -21.12 -0.40
CA CYS A 210 -19.52 -22.23 -0.83
C CYS A 210 -20.17 -21.94 -2.18
N ARG A 211 -19.89 -20.76 -2.77
CA ARG A 211 -20.23 -20.51 -4.16
C ARG A 211 -19.11 -20.99 -5.08
N SER A 212 -17.91 -20.41 -4.91
CA SER A 212 -16.79 -20.66 -5.81
C SER A 212 -16.02 -21.92 -5.45
N LEU A 213 -16.12 -22.33 -4.17
CA LEU A 213 -15.40 -23.47 -3.61
C LEU A 213 -13.92 -23.14 -3.44
N GLU A 214 -13.60 -21.84 -3.50
CA GLU A 214 -12.31 -21.35 -3.02
C GLU A 214 -12.25 -21.50 -1.50
N THR A 215 -11.06 -21.87 -1.00
CA THR A 215 -10.85 -22.01 0.44
C THR A 215 -9.61 -21.21 0.82
N SER A 216 -9.64 -20.62 2.02
CA SER A 216 -8.43 -20.04 2.58
C SER A 216 -8.14 -20.66 3.93
N LEU A 217 -6.86 -20.97 4.15
CA LEU A 217 -6.40 -21.46 5.43
C LEU A 217 -5.91 -20.24 6.20
N VAL A 218 -6.62 -19.90 7.28
CA VAL A 218 -6.41 -18.68 8.04
C VAL A 218 -5.70 -19.05 9.34
N PRO A 219 -4.43 -18.63 9.56
CA PRO A 219 -3.71 -18.94 10.80
C PRO A 219 -4.49 -18.58 12.06
N LEU A 220 -4.44 -19.49 13.05
CA LEU A 220 -5.22 -19.41 14.28
C LEU A 220 -4.38 -20.10 15.34
N SER A 221 -3.29 -19.41 15.68
CA SER A 221 -2.11 -19.97 16.35
C SER A 221 -1.62 -19.05 17.48
N ASP A 222 -2.39 -18.00 17.80
CA ASP A 222 -2.09 -17.14 18.93
C ASP A 222 -2.40 -17.90 20.22
N PRO A 223 -1.40 -18.18 21.09
CA PRO A 223 -1.65 -18.95 22.31
C PRO A 223 -2.41 -18.18 23.41
N LYS A 224 -2.61 -16.88 23.19
CA LYS A 224 -3.42 -16.09 24.12
C LYS A 224 -4.91 -16.25 23.80
N LEU A 225 -5.24 -16.97 22.73
CA LEU A 225 -6.61 -17.16 22.30
C LEU A 225 -6.99 -18.62 22.50
N ALA A 226 -8.24 -18.86 22.94
CA ALA A 226 -8.72 -20.23 23.08
C ALA A 226 -10.15 -20.35 22.53
N VAL A 227 -10.47 -21.59 22.11
CA VAL A 227 -11.78 -21.96 21.62
C VAL A 227 -12.29 -23.04 22.57
N LEU A 228 -13.36 -22.68 23.33
CA LEU A 228 -13.97 -23.60 24.28
C LEU A 228 -15.30 -24.03 23.68
N ILE A 229 -15.43 -25.36 23.48
CA ILE A 229 -16.66 -25.95 22.99
C ILE A 229 -17.41 -26.52 24.18
N THR A 230 -18.70 -26.17 24.28
CA THR A 230 -19.55 -26.68 25.35
C THR A 230 -20.69 -27.52 24.77
N ASN A 231 -20.71 -28.80 25.12
CA ASN A 231 -21.77 -29.73 24.73
C ASN A 231 -22.92 -29.61 25.75
N SER A 232 -24.08 -29.18 25.26
CA SER A 232 -25.31 -29.05 26.03
C SER A 232 -25.81 -30.44 26.46
N ASN A 233 -25.43 -31.47 25.71
CA ASN A 233 -25.87 -32.84 25.92
C ASN A 233 -27.39 -32.94 25.78
N VAL A 234 -27.95 -32.11 24.90
CA VAL A 234 -29.33 -32.27 24.44
C VAL A 234 -29.37 -32.29 22.92
N ARG A 235 -30.35 -33.01 22.34
CA ARG A 235 -30.73 -32.87 20.95
C ARG A 235 -32.26 -32.96 20.85
N HIS A 236 -32.92 -31.82 20.60
CA HIS A 236 -34.36 -31.76 20.44
C HIS A 236 -34.73 -32.35 19.08
N SER A 237 -35.96 -32.88 19.00
CA SER A 237 -36.57 -33.46 17.81
C SER A 237 -36.45 -32.56 16.58
N LEU A 238 -36.75 -31.27 16.79
CA LEU A 238 -36.79 -30.27 15.72
C LEU A 238 -35.48 -30.27 14.94
N ALA A 239 -34.36 -30.67 15.59
CA ALA A 239 -33.06 -30.74 14.95
C ALA A 239 -33.18 -31.37 13.56
N SER A 240 -33.80 -32.56 13.51
CA SER A 240 -33.88 -33.32 12.26
C SER A 240 -34.90 -32.70 11.32
N SER A 241 -36.07 -32.34 11.87
CA SER A 241 -37.24 -32.05 11.05
C SER A 241 -37.17 -30.63 10.46
N GLU A 242 -36.61 -29.68 11.24
CA GLU A 242 -36.65 -28.26 10.90
C GLU A 242 -35.53 -27.86 9.96
N TYR A 243 -34.38 -28.57 9.95
CA TYR A 243 -33.24 -28.21 9.10
C TYR A 243 -33.71 -28.11 7.64
N PRO A 244 -34.33 -29.17 7.07
CA PRO A 244 -34.84 -29.09 5.70
C PRO A 244 -35.91 -28.03 5.47
N VAL A 245 -36.65 -27.69 6.53
CA VAL A 245 -37.69 -26.62 6.42
C VAL A 245 -36.99 -25.29 6.13
N ARG A 246 -36.03 -24.92 6.97
CA ARG A 246 -35.22 -23.69 6.82
C ARG A 246 -34.59 -23.67 5.43
N ARG A 247 -34.01 -24.79 5.04
CA ARG A 247 -33.37 -24.88 3.72
C ARG A 247 -34.44 -24.65 2.64
N ARG A 248 -35.62 -25.25 2.79
CA ARG A 248 -36.71 -25.12 1.80
C ARG A 248 -37.17 -23.66 1.73
N GLN A 249 -37.23 -23.01 2.88
CA GLN A 249 -37.66 -21.60 2.91
C GLN A 249 -36.68 -20.78 2.08
N CYS A 250 -35.38 -20.81 2.46
CA CYS A 250 -34.34 -20.03 1.79
C CYS A 250 -34.50 -20.11 0.27
N GLU A 251 -34.76 -21.31 -0.25
CA GLU A 251 -34.89 -21.55 -1.67
C GLU A 251 -36.07 -20.75 -2.25
N GLU A 252 -37.17 -20.66 -1.51
CA GLU A 252 -38.36 -19.91 -1.93
C GLU A 252 -38.06 -18.41 -2.06
N VAL A 253 -37.21 -17.86 -1.17
CA VAL A 253 -36.90 -16.44 -1.21
C VAL A 253 -36.07 -16.12 -2.44
N ALA A 254 -35.06 -16.95 -2.71
CA ALA A 254 -34.24 -16.84 -3.89
C ALA A 254 -35.10 -16.88 -5.16
N ARG A 255 -36.08 -17.80 -5.19
CA ARG A 255 -36.99 -17.98 -6.30
C ARG A 255 -37.75 -16.68 -6.57
N ALA A 256 -38.37 -16.15 -5.51
CA ALA A 256 -39.21 -14.96 -5.57
C ALA A 256 -38.42 -13.74 -6.08
N LEU A 257 -37.11 -13.71 -5.80
CA LEU A 257 -36.29 -12.54 -6.06
C LEU A 257 -35.56 -12.70 -7.38
N GLY A 258 -35.73 -13.86 -8.04
CA GLY A 258 -34.95 -14.20 -9.22
C GLY A 258 -33.44 -14.21 -8.96
N ALA A 259 -33.05 -14.76 -7.80
CA ALA A 259 -31.66 -14.93 -7.46
C ALA A 259 -31.34 -16.43 -7.50
N ALA A 260 -30.18 -16.79 -8.07
CA ALA A 260 -29.78 -18.18 -8.18
C ALA A 260 -29.61 -18.78 -6.78
N SER A 261 -29.09 -17.97 -5.85
CA SER A 261 -28.98 -18.29 -4.44
C SER A 261 -29.09 -16.99 -3.64
N LEU A 262 -29.18 -17.10 -2.31
CA LEU A 262 -29.25 -15.95 -1.43
C LEU A 262 -27.93 -15.18 -1.44
N ARG A 263 -26.84 -15.84 -1.86
CA ARG A 263 -25.54 -15.19 -1.80
C ARG A 263 -25.51 -13.95 -2.69
N GLU A 264 -26.26 -14.03 -3.80
CA GLU A 264 -26.36 -12.98 -4.80
C GLU A 264 -27.26 -11.83 -4.31
N VAL A 265 -28.02 -12.10 -3.24
CA VAL A 265 -28.89 -11.12 -2.63
C VAL A 265 -28.12 -10.36 -1.56
N GLN A 266 -28.15 -9.03 -1.72
CA GLN A 266 -27.54 -8.10 -0.79
C GLN A 266 -28.62 -7.65 0.19
N LEU A 267 -28.22 -7.33 1.42
CA LEU A 267 -29.13 -6.90 2.48
C LEU A 267 -29.96 -5.68 2.05
N GLU A 268 -29.34 -4.72 1.35
CA GLU A 268 -30.03 -3.52 0.92
C GLU A 268 -31.18 -3.91 -0.01
N GLU A 269 -30.90 -4.83 -0.93
CA GLU A 269 -31.89 -5.40 -1.84
C GLU A 269 -33.02 -6.05 -1.06
N LEU A 270 -32.69 -6.85 -0.04
CA LEU A 270 -33.68 -7.62 0.71
C LEU A 270 -34.75 -6.72 1.31
N GLU A 271 -34.33 -5.61 1.94
CA GLU A 271 -35.27 -4.75 2.64
C GLU A 271 -36.27 -4.11 1.64
N ALA A 272 -35.82 -3.96 0.40
CA ALA A 272 -36.51 -3.22 -0.63
C ALA A 272 -37.42 -4.13 -1.46
N ALA A 273 -37.23 -5.47 -1.33
CA ALA A 273 -38.03 -6.41 -2.14
C ALA A 273 -38.96 -7.24 -1.27
N ARG A 274 -39.19 -6.75 -0.04
CA ARG A 274 -39.83 -7.55 1.01
C ARG A 274 -41.26 -7.92 0.64
N ASP A 275 -41.96 -7.03 -0.08
CA ASP A 275 -43.36 -7.27 -0.40
C ASP A 275 -43.46 -8.56 -1.20
N LEU A 276 -42.41 -8.88 -1.98
CA LEU A 276 -42.41 -10.04 -2.86
C LEU A 276 -42.19 -11.36 -2.11
N VAL A 277 -41.87 -11.30 -0.80
CA VAL A 277 -41.66 -12.51 -0.03
C VAL A 277 -42.40 -12.46 1.31
N SER A 278 -42.63 -13.63 1.91
CA SER A 278 -43.38 -13.79 3.15
C SER A 278 -42.63 -13.17 4.34
N LYS A 279 -43.33 -12.97 5.46
CA LYS A 279 -42.76 -12.31 6.63
C LYS A 279 -41.69 -13.20 7.24
N GLU A 280 -41.99 -14.50 7.32
CA GLU A 280 -41.08 -15.45 7.96
C GLU A 280 -39.88 -15.72 7.05
N GLY A 281 -40.16 -15.90 5.75
CA GLY A 281 -39.13 -16.01 4.73
C GLY A 281 -38.13 -14.85 4.80
N PHE A 282 -38.64 -13.62 4.95
CA PHE A 282 -37.83 -12.42 5.04
C PHE A 282 -36.87 -12.54 6.23
N ARG A 283 -37.35 -12.99 7.38
CA ARG A 283 -36.55 -13.14 8.59
C ARG A 283 -35.46 -14.21 8.42
N ARG A 284 -35.80 -15.32 7.74
CA ARG A 284 -34.83 -16.38 7.47
C ARG A 284 -33.73 -15.83 6.55
N ALA A 285 -34.14 -15.16 5.48
CA ALA A 285 -33.22 -14.59 4.49
C ALA A 285 -32.39 -13.46 5.09
N ARG A 286 -32.96 -12.71 6.05
CA ARG A 286 -32.22 -11.65 6.71
C ARG A 286 -31.07 -12.24 7.52
N HIS A 287 -31.35 -13.35 8.23
CA HIS A 287 -30.28 -14.09 8.91
C HIS A 287 -29.19 -14.46 7.89
N VAL A 288 -29.55 -15.07 6.77
CA VAL A 288 -28.60 -15.69 5.85
C VAL A 288 -27.72 -14.63 5.20
N VAL A 289 -28.36 -13.65 4.56
CA VAL A 289 -27.67 -12.60 3.82
C VAL A 289 -26.79 -11.84 4.82
N GLY A 290 -27.37 -11.55 5.99
CA GLY A 290 -26.65 -10.92 7.07
C GLY A 290 -25.43 -11.73 7.50
N GLU A 291 -25.60 -13.05 7.66
CA GLU A 291 -24.58 -13.94 8.22
C GLU A 291 -23.40 -14.04 7.25
N ILE A 292 -23.67 -14.05 5.93
CA ILE A 292 -22.62 -14.07 4.93
C ILE A 292 -21.74 -12.84 5.10
N ARG A 293 -22.35 -11.65 5.29
CA ARG A 293 -21.57 -10.42 5.46
C ARG A 293 -20.74 -10.50 6.74
N ARG A 294 -21.33 -10.98 7.84
CA ARG A 294 -20.63 -11.08 9.12
C ARG A 294 -19.43 -12.03 9.02
N THR A 295 -19.57 -13.10 8.23
CA THR A 295 -18.53 -14.11 8.12
C THR A 295 -17.33 -13.53 7.40
N ALA A 296 -17.59 -12.79 6.30
CA ALA A 296 -16.54 -12.06 5.61
C ALA A 296 -15.82 -11.11 6.56
N GLN A 297 -16.61 -10.35 7.34
CA GLN A 297 -16.04 -9.39 8.27
C GLN A 297 -15.26 -10.11 9.37
N ALA A 298 -15.76 -11.28 9.78
CA ALA A 298 -15.14 -12.05 10.85
C ALA A 298 -13.77 -12.59 10.41
N ALA A 299 -13.71 -13.12 9.18
CA ALA A 299 -12.46 -13.62 8.62
C ALA A 299 -11.42 -12.48 8.59
N ALA A 300 -11.86 -11.31 8.10
CA ALA A 300 -10.97 -10.15 8.02
C ALA A 300 -10.50 -9.76 9.42
N ALA A 301 -11.43 -9.79 10.38
CA ALA A 301 -11.13 -9.51 11.77
C ALA A 301 -10.11 -10.50 12.31
N LEU A 302 -10.24 -11.79 11.99
CA LEU A 302 -9.31 -12.80 12.48
C LEU A 302 -7.90 -12.48 11.98
N ARG A 303 -7.79 -12.07 10.70
CA ARG A 303 -6.50 -11.80 10.08
C ARG A 303 -5.78 -10.65 10.79
N ARG A 304 -6.56 -9.64 11.21
CA ARG A 304 -6.04 -8.45 11.88
C ARG A 304 -5.86 -8.70 13.38
N GLY A 305 -6.25 -9.88 13.87
CA GLY A 305 -6.24 -10.17 15.30
C GLY A 305 -7.26 -9.33 16.09
N ASP A 306 -8.31 -8.85 15.42
CA ASP A 306 -9.36 -8.05 16.04
C ASP A 306 -10.49 -8.95 16.56
N TYR A 307 -10.24 -9.55 17.73
CA TYR A 307 -11.12 -10.50 18.37
C TYR A 307 -12.43 -9.88 18.84
N ARG A 308 -12.39 -8.60 19.28
CA ARG A 308 -13.60 -7.95 19.76
C ARG A 308 -14.62 -7.86 18.63
N ALA A 309 -14.16 -7.52 17.42
CA ALA A 309 -15.05 -7.44 16.28
C ALA A 309 -15.56 -8.84 15.92
N PHE A 310 -14.65 -9.84 15.94
CA PHE A 310 -15.00 -11.22 15.65
C PHE A 310 -16.07 -11.68 16.64
N GLY A 311 -15.82 -11.42 17.92
CA GLY A 311 -16.68 -11.83 19.00
C GLY A 311 -18.03 -11.13 18.93
N ARG A 312 -18.02 -9.84 18.62
CA ARG A 312 -19.26 -9.09 18.47
C ARG A 312 -20.09 -9.72 17.35
N LEU A 313 -19.42 -10.12 16.26
CA LEU A 313 -20.09 -10.74 15.13
C LEU A 313 -20.64 -12.11 15.56
N MET A 314 -19.92 -12.82 16.42
CA MET A 314 -20.26 -14.15 16.91
C MET A 314 -21.50 -14.10 17.80
N VAL A 315 -21.50 -13.20 18.79
CA VAL A 315 -22.68 -12.96 19.61
C VAL A 315 -23.83 -12.51 18.72
N GLU A 316 -23.55 -11.61 17.78
CA GLU A 316 -24.46 -11.19 16.73
C GLU A 316 -24.99 -12.40 15.97
N SER A 317 -24.13 -13.40 15.66
CA SER A 317 -24.53 -14.58 14.92
C SER A 317 -25.54 -15.37 15.76
N HIS A 318 -25.26 -15.56 17.05
CA HIS A 318 -26.16 -16.27 17.94
C HIS A 318 -27.54 -15.61 17.97
N ARG A 319 -27.58 -14.29 18.14
CA ARG A 319 -28.82 -13.54 18.27
C ARG A 319 -29.67 -13.70 17.03
N SER A 320 -29.00 -13.66 15.86
CA SER A 320 -29.64 -13.84 14.56
C SER A 320 -30.19 -15.26 14.43
N LEU A 321 -29.41 -16.25 14.87
CA LEU A 321 -29.84 -17.64 14.82
C LEU A 321 -31.01 -17.86 15.77
N ARG A 322 -30.99 -17.21 16.93
CA ARG A 322 -32.02 -17.33 17.96
C ARG A 322 -33.32 -16.69 17.47
N ASP A 323 -33.25 -15.46 16.94
CA ASP A 323 -34.43 -14.63 16.74
C ASP A 323 -34.94 -14.69 15.29
N ASP A 324 -34.00 -14.69 14.33
CA ASP A 324 -34.37 -14.62 12.91
C ASP A 324 -34.48 -16.01 12.30
N TYR A 325 -33.54 -16.91 12.64
CA TYR A 325 -33.51 -18.21 12.01
C TYR A 325 -34.24 -19.23 12.88
N GLU A 326 -34.32 -18.95 14.19
CA GLU A 326 -35.03 -19.77 15.16
C GLU A 326 -34.52 -21.23 15.14
N VAL A 327 -33.23 -21.40 15.41
CA VAL A 327 -32.63 -22.73 15.42
C VAL A 327 -31.83 -22.90 16.70
N SER A 328 -31.95 -21.94 17.61
CA SER A 328 -31.40 -22.12 18.95
C SER A 328 -32.41 -22.91 19.79
N CYS A 329 -32.12 -23.04 21.08
CA CYS A 329 -33.03 -23.63 22.06
C CYS A 329 -32.65 -23.09 23.43
N PRO A 330 -33.49 -23.21 24.49
CA PRO A 330 -33.17 -22.61 25.79
C PRO A 330 -31.80 -23.02 26.33
N GLU A 331 -31.44 -24.30 26.13
CA GLU A 331 -30.16 -24.80 26.60
C GLU A 331 -29.01 -24.03 25.94
N LEU A 332 -29.06 -23.86 24.62
CA LEU A 332 -28.00 -23.15 23.91
C LEU A 332 -27.98 -21.69 24.35
N ASP A 333 -29.16 -21.07 24.46
CA ASP A 333 -29.27 -19.66 24.80
C ASP A 333 -28.67 -19.42 26.19
N GLN A 334 -28.88 -20.38 27.09
CA GLN A 334 -28.42 -20.28 28.46
C GLN A 334 -26.91 -20.47 28.50
N LEU A 335 -26.37 -21.43 27.72
CA LEU A 335 -24.94 -21.68 27.72
C LEU A 335 -24.19 -20.43 27.22
N VAL A 336 -24.79 -19.75 26.24
CA VAL A 336 -24.22 -18.55 25.67
C VAL A 336 -24.26 -17.42 26.70
N GLU A 337 -25.42 -17.18 27.29
CA GLU A 337 -25.62 -16.15 28.30
C GLU A 337 -24.59 -16.33 29.42
N ALA A 338 -24.38 -17.57 29.88
CA ALA A 338 -23.41 -17.85 30.93
C ALA A 338 -22.00 -17.45 30.47
N ALA A 339 -21.65 -17.85 29.25
CA ALA A 339 -20.30 -17.61 28.71
C ALA A 339 -20.08 -16.10 28.52
N LEU A 340 -21.13 -15.43 28.01
CA LEU A 340 -21.05 -14.07 27.51
C LEU A 340 -20.88 -13.09 28.68
N ALA A 341 -21.19 -13.54 29.90
CA ALA A 341 -21.14 -12.69 31.07
C ALA A 341 -19.76 -12.73 31.71
N VAL A 342 -18.87 -13.58 31.18
CA VAL A 342 -17.53 -13.76 31.76
C VAL A 342 -16.53 -12.80 31.09
N PRO A 343 -15.79 -11.98 31.87
CA PRO A 343 -14.75 -11.11 31.29
C PRO A 343 -13.70 -11.93 30.56
N GLY A 344 -13.32 -11.44 29.37
CA GLY A 344 -12.31 -12.11 28.56
C GLY A 344 -12.92 -13.03 27.50
N VAL A 345 -14.23 -13.22 27.54
CA VAL A 345 -14.97 -13.88 26.47
C VAL A 345 -15.28 -12.82 25.42
N TYR A 346 -14.88 -13.06 24.17
CA TYR A 346 -15.12 -12.09 23.11
C TYR A 346 -16.51 -12.31 22.52
N GLY A 347 -16.86 -13.59 22.37
CA GLY A 347 -18.06 -14.06 21.74
C GLY A 347 -18.35 -15.49 22.23
N SER A 348 -19.62 -15.85 22.06
CA SER A 348 -20.12 -17.19 22.27
C SER A 348 -21.39 -17.29 21.43
N ARG A 349 -21.63 -18.48 20.89
CA ARG A 349 -22.76 -18.72 20.02
C ARG A 349 -22.97 -20.21 19.90
N MET A 350 -24.19 -20.63 19.56
CA MET A 350 -24.38 -21.99 19.12
C MET A 350 -23.51 -22.25 17.89
N THR A 351 -23.11 -23.51 17.72
CA THR A 351 -22.39 -23.93 16.52
C THR A 351 -23.15 -25.10 15.90
N GLY A 352 -23.03 -25.23 14.57
CA GLY A 352 -23.67 -26.34 13.88
C GLY A 352 -25.14 -26.03 13.62
N GLY A 353 -25.95 -27.10 13.52
CA GLY A 353 -27.32 -27.00 13.01
C GLY A 353 -28.29 -26.35 14.00
N GLY A 354 -28.00 -26.52 15.30
CA GLY A 354 -28.86 -25.97 16.34
C GLY A 354 -29.80 -27.00 16.98
N PHE A 355 -30.75 -26.49 17.77
CA PHE A 355 -31.74 -27.28 18.51
C PHE A 355 -31.06 -28.25 19.46
N GLY A 356 -29.89 -27.87 19.97
CA GLY A 356 -29.09 -28.72 20.84
C GLY A 356 -27.62 -28.69 20.41
N GLY A 357 -26.84 -29.68 20.84
CA GLY A 357 -25.43 -29.75 20.49
C GLY A 357 -24.62 -28.74 21.29
N CYS A 358 -23.65 -28.11 20.62
CA CYS A 358 -22.59 -27.40 21.31
C CYS A 358 -22.69 -25.89 21.07
N THR A 359 -22.08 -25.14 22.01
CA THR A 359 -21.74 -23.74 21.75
C THR A 359 -20.23 -23.65 21.54
N VAL A 360 -19.81 -22.57 20.89
CA VAL A 360 -18.40 -22.25 20.76
C VAL A 360 -18.15 -20.87 21.38
N THR A 361 -17.16 -20.80 22.26
CA THR A 361 -16.78 -19.56 22.92
C THR A 361 -15.34 -19.21 22.54
N LEU A 362 -15.17 -18.00 22.00
CA LEU A 362 -13.87 -17.43 21.67
C LEU A 362 -13.53 -16.48 22.83
N LEU A 363 -12.37 -16.72 23.44
CA LEU A 363 -12.03 -16.06 24.70
C LEU A 363 -10.53 -16.06 24.94
N GLU A 364 -10.08 -15.12 25.77
CA GLU A 364 -8.72 -15.12 26.30
C GLU A 364 -8.49 -16.43 27.04
N ALA A 365 -7.34 -17.05 26.71
CA ALA A 365 -6.99 -18.37 27.17
C ALA A 365 -7.06 -18.48 28.69
N SER A 366 -6.61 -17.43 29.39
CA SER A 366 -6.44 -17.47 30.84
C SER A 366 -7.81 -17.50 31.53
N ALA A 367 -8.86 -17.17 30.77
CA ALA A 367 -10.21 -17.12 31.32
C ALA A 367 -10.94 -18.47 31.20
N ALA A 368 -10.36 -19.40 30.44
CA ALA A 368 -11.02 -20.68 30.16
C ALA A 368 -11.39 -21.45 31.44
N PRO A 369 -10.48 -21.60 32.44
CA PRO A 369 -10.79 -22.37 33.65
C PRO A 369 -11.88 -21.73 34.51
N HIS A 370 -12.01 -20.39 34.48
CA HIS A 370 -13.14 -19.68 35.05
C HIS A 370 -14.45 -20.13 34.41
N ALA A 371 -14.45 -20.38 33.10
CA ALA A 371 -15.63 -20.80 32.39
C ALA A 371 -16.09 -22.18 32.87
N MET A 372 -15.19 -23.12 33.06
CA MET A 372 -15.55 -24.51 33.28
C MET A 372 -16.18 -24.75 34.65
N ARG A 373 -15.66 -24.07 35.67
CA ARG A 373 -16.31 -24.08 36.98
C ARG A 373 -17.71 -23.48 36.86
N HIS A 374 -17.78 -22.28 36.27
CA HIS A 374 -18.96 -21.44 36.22
C HIS A 374 -20.02 -22.02 35.30
N ILE A 375 -19.63 -22.53 34.12
CA ILE A 375 -20.64 -23.05 33.21
C ILE A 375 -21.28 -24.27 33.87
N GLN A 376 -20.47 -25.16 34.44
CA GLN A 376 -20.98 -26.36 35.10
C GLN A 376 -21.95 -26.01 36.23
N GLU A 377 -21.63 -24.96 37.01
CA GLU A 377 -22.39 -24.58 38.18
C GLU A 377 -23.69 -23.85 37.77
N HIS A 378 -23.72 -23.26 36.56
CA HIS A 378 -24.73 -22.29 36.16
C HIS A 378 -25.48 -22.70 34.89
N TYR A 379 -25.28 -23.94 34.44
CA TYR A 379 -26.06 -24.55 33.36
C TYR A 379 -26.99 -25.57 33.97
N GLY A 380 -28.28 -25.48 33.59
CA GLY A 380 -29.34 -26.41 33.99
C GLY A 380 -29.04 -27.90 33.75
N GLY A 381 -28.45 -28.21 32.60
CA GLY A 381 -28.16 -29.57 32.18
C GLY A 381 -26.76 -30.02 32.60
N THR A 382 -26.24 -31.04 31.89
CA THR A 382 -24.88 -31.55 32.02
C THR A 382 -23.99 -30.98 30.90
N ALA A 383 -23.05 -30.09 31.25
CA ALA A 383 -22.09 -29.59 30.27
C ALA A 383 -20.93 -30.57 30.15
N THR A 384 -20.45 -30.76 28.91
CA THR A 384 -19.16 -31.36 28.63
C THR A 384 -18.31 -30.31 27.90
N PHE A 385 -16.99 -30.31 28.17
CA PHE A 385 -16.13 -29.29 27.59
C PHE A 385 -15.02 -29.93 26.75
N TYR A 386 -14.73 -29.24 25.64
CA TYR A 386 -13.52 -29.46 24.86
C TYR A 386 -12.79 -28.12 24.75
N LEU A 387 -11.50 -28.14 25.11
CA LEU A 387 -10.61 -27.03 24.84
C LEU A 387 -9.79 -27.44 23.62
N SER A 388 -10.06 -26.76 22.49
CA SER A 388 -9.68 -27.38 21.24
C SER A 388 -8.67 -26.50 20.52
N GLN A 389 -7.54 -27.13 20.16
CA GLN A 389 -6.63 -26.58 19.17
C GLN A 389 -7.24 -26.85 17.79
N ALA A 390 -6.98 -25.93 16.85
CA ALA A 390 -7.29 -26.16 15.43
C ALA A 390 -6.47 -27.36 14.95
N ALA A 391 -7.12 -28.33 14.29
CA ALA A 391 -6.48 -29.62 14.04
C ALA A 391 -6.37 -29.90 12.54
N ASP A 392 -5.60 -30.94 12.20
CA ASP A 392 -5.48 -31.48 10.85
C ASP A 392 -6.80 -32.09 10.40
N GLY A 393 -6.94 -32.12 9.06
CA GLY A 393 -8.03 -32.81 8.40
C GLY A 393 -7.65 -34.28 8.21
N ALA A 394 -8.18 -34.89 7.14
CA ALA A 394 -8.03 -36.33 6.91
C ALA A 394 -6.55 -36.72 6.82
N LYS A 395 -6.17 -37.83 7.47
CA LYS A 395 -4.79 -38.29 7.51
C LYS A 395 -4.74 -39.82 7.34
N VAL A 396 -3.57 -40.31 6.89
CA VAL A 396 -3.29 -41.73 6.67
C VAL A 396 -2.03 -42.08 7.46
N LEU A 397 -2.04 -43.26 8.06
CA LEU A 397 -0.82 -43.88 8.59
C LEU A 397 -0.78 -45.33 8.15
N CYS A 398 0.26 -45.68 7.37
CA CYS A 398 0.45 -47.05 6.93
C CYS A 398 0.96 -47.87 8.10
N LEU A 399 0.38 -49.06 8.31
CA LEU A 399 0.73 -49.86 9.47
C LEU A 399 1.49 -51.11 9.01
N ALA B 9 6.58 -33.77 -29.84
CA ALA B 9 7.91 -34.46 -30.02
C ALA B 9 8.89 -34.07 -28.91
N ALA B 10 9.03 -32.76 -28.70
CA ALA B 10 9.72 -32.20 -27.55
C ALA B 10 8.81 -32.25 -26.32
N LEU B 11 7.56 -32.72 -26.49
CA LEU B 11 6.60 -32.79 -25.38
C LEU B 11 6.86 -34.05 -24.55
N ARG B 12 7.25 -33.86 -23.28
CA ARG B 12 7.40 -34.96 -22.35
C ARG B 12 6.08 -35.25 -21.64
N GLN B 13 5.84 -36.54 -21.42
CA GLN B 13 4.50 -37.02 -21.08
C GLN B 13 4.53 -37.92 -19.85
N PRO B 14 5.33 -37.63 -18.79
CA PRO B 14 5.64 -38.63 -17.77
C PRO B 14 4.40 -39.16 -17.05
N GLN B 15 4.19 -40.49 -17.13
CA GLN B 15 3.06 -41.13 -16.50
C GLN B 15 3.43 -41.40 -15.06
N VAL B 16 2.59 -40.94 -14.12
CA VAL B 16 2.76 -41.23 -12.71
C VAL B 16 2.79 -42.74 -12.48
N ALA B 17 1.85 -43.47 -13.13
CA ALA B 17 1.77 -44.92 -12.94
C ALA B 17 3.13 -45.58 -13.17
N GLU B 18 3.83 -45.12 -14.23
CA GLU B 18 5.10 -45.68 -14.66
C GLU B 18 6.20 -45.38 -13.64
N LEU B 19 6.21 -44.16 -13.08
CA LEU B 19 7.21 -43.75 -12.11
C LEU B 19 7.13 -44.67 -10.88
N LEU B 20 5.92 -44.91 -10.39
CA LEU B 20 5.71 -45.70 -9.19
C LEU B 20 6.10 -47.15 -9.46
N ALA B 21 5.68 -47.66 -10.63
CA ALA B 21 6.08 -48.99 -11.09
C ALA B 21 7.60 -49.12 -11.16
N GLU B 22 8.28 -48.13 -11.76
CA GLU B 22 9.72 -48.13 -11.85
C GLU B 22 10.32 -48.15 -10.46
N ALA B 23 9.78 -47.35 -9.54
CA ALA B 23 10.31 -47.27 -8.18
C ALA B 23 10.16 -48.63 -7.49
N ARG B 24 9.03 -49.30 -7.70
CA ARG B 24 8.74 -50.56 -7.03
C ARG B 24 9.68 -51.66 -7.52
N ARG B 25 9.92 -51.71 -8.84
CA ARG B 25 10.80 -52.69 -9.46
C ARG B 25 12.24 -52.48 -8.98
N ALA B 26 12.69 -51.23 -8.92
CA ALA B 26 14.04 -50.94 -8.46
C ALA B 26 14.18 -51.33 -7.00
N PHE B 27 13.15 -51.06 -6.18
CA PHE B 27 13.20 -51.38 -4.76
C PHE B 27 13.31 -52.90 -4.56
N ARG B 28 12.47 -53.66 -5.28
CA ARG B 28 12.44 -55.13 -5.16
C ARG B 28 13.78 -55.71 -5.60
N GLU B 29 14.26 -55.24 -6.77
CA GLU B 29 15.52 -55.69 -7.35
C GLU B 29 16.68 -55.32 -6.41
N GLU B 30 16.58 -54.18 -5.72
CA GLU B 30 17.68 -53.69 -4.89
C GLU B 30 17.68 -54.36 -3.52
N PHE B 31 16.53 -54.44 -2.84
CA PHE B 31 16.52 -54.75 -1.43
C PHE B 31 15.90 -56.11 -1.14
N GLY B 32 15.38 -56.77 -2.19
CA GLY B 32 15.00 -58.18 -2.14
C GLY B 32 13.62 -58.40 -1.50
N ALA B 33 12.78 -57.37 -1.54
CA ALA B 33 11.44 -57.40 -0.94
C ALA B 33 10.59 -56.27 -1.50
N GLU B 34 9.27 -56.39 -1.34
CA GLU B 34 8.33 -55.34 -1.71
C GLU B 34 8.48 -54.17 -0.75
N PRO B 35 8.40 -52.90 -1.22
CA PRO B 35 8.36 -51.75 -0.31
C PRO B 35 6.98 -51.70 0.36
N GLU B 36 6.94 -51.13 1.56
CA GLU B 36 5.73 -51.06 2.36
C GLU B 36 4.91 -49.80 2.05
N LEU B 37 5.57 -48.74 1.55
CA LEU B 37 5.06 -47.38 1.55
C LEU B 37 5.52 -46.67 0.27
N ALA B 38 4.63 -45.85 -0.31
CA ALA B 38 4.98 -44.90 -1.36
C ALA B 38 4.55 -43.49 -0.93
N VAL B 39 5.40 -42.49 -1.20
CA VAL B 39 5.00 -41.10 -1.10
C VAL B 39 5.37 -40.37 -2.39
N SER B 40 4.73 -39.22 -2.63
CA SER B 40 5.16 -38.37 -3.73
C SER B 40 5.03 -36.90 -3.30
N ALA B 41 5.80 -36.03 -3.94
CA ALA B 41 5.67 -34.58 -3.82
C ALA B 41 5.99 -34.00 -5.19
N PRO B 42 5.19 -33.01 -5.67
CA PRO B 42 5.36 -32.49 -7.03
C PRO B 42 6.40 -31.38 -7.12
N GLY B 43 6.87 -31.16 -8.35
CA GLY B 43 7.48 -29.89 -8.70
C GLY B 43 6.40 -28.84 -8.90
N ARG B 44 6.80 -27.66 -9.36
CA ARG B 44 5.88 -26.53 -9.37
C ARG B 44 6.28 -25.55 -10.49
N VAL B 45 5.26 -24.82 -10.96
CA VAL B 45 5.46 -23.64 -11.77
C VAL B 45 4.86 -22.46 -11.01
N ASN B 46 5.55 -21.32 -11.01
CA ASN B 46 4.98 -20.10 -10.44
C ASN B 46 4.24 -19.36 -11.55
N LEU B 47 2.92 -19.15 -11.40
CA LEU B 47 2.16 -18.53 -12.46
C LEU B 47 2.53 -17.04 -12.54
N ILE B 48 2.75 -16.42 -11.37
CA ILE B 48 3.11 -15.00 -11.24
C ILE B 48 3.43 -14.73 -9.78
N GLY B 49 4.18 -13.67 -9.51
CA GLY B 49 4.68 -13.38 -8.17
C GLY B 49 6.12 -13.82 -8.04
N GLU B 50 7.00 -13.28 -8.89
CA GLU B 50 8.38 -13.74 -8.95
C GLU B 50 9.28 -12.83 -8.11
N HIS B 51 10.18 -13.45 -7.33
CA HIS B 51 11.11 -12.76 -6.44
C HIS B 51 10.37 -11.89 -5.42
N THR B 52 9.24 -12.42 -4.99
CA THR B 52 8.39 -11.75 -4.03
C THR B 52 8.38 -12.49 -2.68
N ASP B 53 8.58 -13.82 -2.70
CA ASP B 53 8.41 -14.62 -1.50
C ASP B 53 9.33 -14.14 -0.37
N TYR B 54 10.61 -13.87 -0.67
CA TYR B 54 11.56 -13.46 0.36
C TYR B 54 11.40 -11.97 0.68
N ASN B 55 10.46 -11.30 0.00
CA ASN B 55 10.11 -9.91 0.27
C ASN B 55 8.76 -9.80 0.99
N GLN B 56 8.32 -10.93 1.58
CA GLN B 56 7.06 -11.04 2.29
C GLN B 56 5.88 -10.70 1.39
N GLY B 57 5.98 -11.12 0.11
CA GLY B 57 5.02 -10.76 -0.92
C GLY B 57 3.90 -11.78 -1.09
N LEU B 58 3.30 -11.79 -2.27
CA LEU B 58 2.32 -12.78 -2.71
C LEU B 58 2.96 -13.58 -3.83
N VAL B 59 2.67 -14.90 -3.84
CA VAL B 59 3.06 -15.76 -4.94
C VAL B 59 1.86 -16.56 -5.35
N LEU B 60 1.81 -16.96 -6.63
CA LEU B 60 0.68 -17.75 -7.11
C LEU B 60 1.20 -18.96 -7.89
N PRO B 61 1.83 -19.93 -7.22
CA PRO B 61 2.25 -21.18 -7.87
C PRO B 61 1.14 -22.21 -8.05
N MET B 62 1.40 -23.21 -8.92
CA MET B 62 0.61 -24.41 -8.96
C MET B 62 1.54 -25.64 -9.02
N ALA B 63 1.11 -26.75 -8.41
CA ALA B 63 1.87 -27.98 -8.45
C ALA B 63 1.71 -28.63 -9.82
N LEU B 64 2.76 -29.36 -10.26
CA LEU B 64 2.77 -29.97 -11.57
C LEU B 64 2.57 -31.46 -11.45
N GLU B 65 2.23 -32.09 -12.58
CA GLU B 65 2.14 -33.53 -12.68
C GLU B 65 3.52 -34.19 -12.66
N LEU B 66 4.59 -33.38 -12.75
CA LEU B 66 5.94 -33.88 -12.58
C LEU B 66 6.22 -33.96 -11.08
N MET B 67 6.83 -35.08 -10.65
CA MET B 67 6.93 -35.34 -9.22
C MET B 67 8.11 -36.24 -8.88
N THR B 68 8.48 -36.23 -7.60
CA THR B 68 9.44 -37.16 -7.01
C THR B 68 8.67 -38.17 -6.16
N VAL B 69 8.98 -39.46 -6.33
CA VAL B 69 8.35 -40.55 -5.59
C VAL B 69 9.44 -41.25 -4.78
N LEU B 70 9.17 -41.45 -3.48
CA LEU B 70 9.93 -42.37 -2.66
C LEU B 70 9.06 -43.60 -2.40
N VAL B 71 9.64 -44.79 -2.62
CA VAL B 71 9.03 -46.05 -2.18
C VAL B 71 10.03 -46.71 -1.23
N GLY B 72 9.54 -47.17 -0.07
CA GLY B 72 10.43 -47.66 0.96
C GLY B 72 9.73 -48.37 2.11
N SER B 73 10.53 -48.67 3.14
CA SER B 73 10.19 -49.48 4.30
C SER B 73 11.04 -49.05 5.48
N PRO B 74 10.53 -49.09 6.72
CA PRO B 74 11.34 -48.81 7.91
C PRO B 74 12.36 -49.94 8.09
N ARG B 75 13.46 -49.64 8.79
CA ARG B 75 14.49 -50.63 9.09
C ARG B 75 14.66 -50.69 10.61
N LYS B 76 15.16 -51.85 11.07
CA LYS B 76 15.45 -52.10 12.46
C LYS B 76 16.96 -52.11 12.69
N ASP B 77 17.74 -51.76 11.65
CA ASP B 77 19.20 -51.83 11.66
C ASP B 77 19.84 -50.45 11.76
N GLY B 78 19.05 -49.39 12.01
CA GLY B 78 19.57 -48.07 12.31
C GLY B 78 20.15 -47.34 11.10
N LEU B 79 20.11 -47.97 9.92
CA LEU B 79 20.73 -47.43 8.74
C LEU B 79 19.68 -46.69 7.89
N VAL B 80 20.14 -45.67 7.14
CA VAL B 80 19.37 -45.12 6.03
C VAL B 80 20.03 -45.59 4.73
N SER B 81 19.23 -46.22 3.86
CA SER B 81 19.76 -46.89 2.67
C SER B 81 18.97 -46.44 1.44
N LEU B 82 19.65 -45.72 0.52
CA LEU B 82 18.99 -45.02 -0.57
C LEU B 82 19.52 -45.50 -1.91
N LEU B 83 18.65 -45.55 -2.91
CA LEU B 83 19.00 -45.71 -4.33
C LEU B 83 18.12 -44.75 -5.13
N THR B 84 18.71 -44.06 -6.12
CA THR B 84 17.97 -43.26 -7.09
C THR B 84 18.20 -43.83 -8.50
N THR B 85 17.16 -43.76 -9.34
CA THR B 85 17.25 -44.15 -10.74
C THR B 85 17.23 -42.92 -11.65
N SER B 86 17.28 -41.71 -11.05
CA SER B 86 17.15 -40.49 -11.82
C SER B 86 18.38 -40.27 -12.71
N GLU B 87 18.12 -40.09 -14.00
CA GLU B 87 19.10 -39.89 -15.07
C GLU B 87 20.31 -39.01 -14.73
N GLY B 88 20.08 -37.76 -14.30
CA GLY B 88 21.15 -36.80 -14.08
C GLY B 88 21.55 -36.64 -12.61
N ALA B 89 21.04 -37.54 -11.75
CA ALA B 89 21.46 -37.60 -10.37
C ALA B 89 22.96 -37.91 -10.32
N ASP B 90 23.59 -37.34 -9.29
CA ASP B 90 25.00 -37.38 -8.96
C ASP B 90 25.47 -38.80 -8.61
N GLU B 91 26.76 -39.10 -8.82
CA GLU B 91 27.30 -40.41 -8.50
C GLU B 91 27.83 -40.40 -7.06
N PRO B 92 27.70 -41.49 -6.25
CA PRO B 92 26.98 -42.70 -6.65
C PRO B 92 25.47 -42.57 -6.50
N GLN B 93 24.73 -43.38 -7.29
CA GLN B 93 23.29 -43.36 -7.27
C GLN B 93 22.75 -44.27 -6.17
N ARG B 94 23.67 -44.90 -5.41
CA ARG B 94 23.36 -45.88 -4.38
C ARG B 94 24.24 -45.56 -3.19
N LEU B 95 23.70 -45.49 -1.96
CA LEU B 95 24.47 -45.24 -0.76
C LEU B 95 23.74 -45.79 0.47
N GLN B 96 24.50 -46.28 1.46
CA GLN B 96 23.97 -46.58 2.77
C GLN B 96 24.79 -45.79 3.82
N PHE B 97 24.10 -44.98 4.64
CA PHE B 97 24.73 -44.20 5.68
C PHE B 97 23.88 -44.27 6.95
N PRO B 98 24.44 -43.91 8.13
CA PRO B 98 23.77 -44.14 9.41
C PRO B 98 22.94 -42.93 9.84
N LEU B 99 21.90 -43.19 10.64
CA LEU B 99 21.11 -42.10 11.23
C LEU B 99 22.01 -41.17 12.02
N PRO B 100 21.73 -39.84 12.06
CA PRO B 100 22.47 -38.93 12.94
C PRO B 100 22.04 -39.07 14.39
N THR B 101 22.73 -38.34 15.28
CA THR B 101 22.45 -38.28 16.72
C THR B 101 22.81 -36.90 17.25
N ALA B 102 22.55 -36.69 18.55
CA ALA B 102 23.08 -35.54 19.29
C ALA B 102 24.60 -35.56 19.27
N GLN B 103 25.16 -36.77 19.28
CA GLN B 103 26.59 -37.02 19.33
C GLN B 103 27.26 -36.67 17.99
N ARG B 104 26.59 -36.96 16.86
CA ARG B 104 27.11 -36.55 15.56
C ARG B 104 25.97 -36.17 14.61
N SER B 105 25.94 -34.89 14.20
CA SER B 105 25.01 -34.37 13.19
C SER B 105 25.44 -34.84 11.80
N LEU B 106 24.46 -34.95 10.88
CA LEU B 106 24.73 -35.20 9.48
C LEU B 106 25.36 -33.93 8.90
N GLU B 107 26.17 -34.08 7.85
CA GLU B 107 26.86 -32.96 7.23
C GLU B 107 26.70 -33.09 5.72
N PRO B 108 26.61 -31.96 4.96
CA PRO B 108 26.50 -32.05 3.50
C PRO B 108 27.80 -32.62 2.91
N GLY B 109 27.68 -33.30 1.76
CA GLY B 109 28.80 -33.99 1.14
C GLY B 109 28.44 -34.52 -0.25
N THR B 110 28.90 -35.75 -0.53
CA THR B 110 28.81 -36.42 -1.82
C THR B 110 27.98 -37.69 -1.62
N PRO B 111 27.04 -38.05 -2.53
CA PRO B 111 26.67 -37.21 -3.68
C PRO B 111 25.78 -36.03 -3.30
N ARG B 112 25.71 -35.02 -4.17
CA ARG B 112 24.92 -33.81 -3.98
C ARG B 112 23.43 -34.12 -3.81
N TRP B 113 22.90 -35.06 -4.60
CA TRP B 113 21.47 -35.32 -4.58
C TRP B 113 21.06 -35.78 -3.18
N ALA B 114 21.93 -36.52 -2.50
CA ALA B 114 21.60 -37.06 -1.18
C ALA B 114 21.57 -35.98 -0.10
N ASN B 115 22.17 -34.80 -0.37
CA ASN B 115 22.23 -33.71 0.59
C ASN B 115 20.81 -33.26 0.97
N TYR B 116 19.89 -33.34 0.01
CA TYR B 116 18.51 -32.91 0.21
C TYR B 116 17.83 -33.83 1.21
N VAL B 117 18.06 -35.14 1.06
CA VAL B 117 17.51 -36.14 1.96
C VAL B 117 18.14 -35.98 3.36
N LYS B 118 19.47 -35.84 3.40
CA LYS B 118 20.20 -35.73 4.66
C LYS B 118 19.72 -34.50 5.42
N GLY B 119 19.54 -33.39 4.70
CA GLY B 119 19.11 -32.13 5.30
C GLY B 119 17.77 -32.28 6.01
N VAL B 120 16.82 -32.93 5.33
CA VAL B 120 15.49 -33.12 5.88
C VAL B 120 15.55 -34.04 7.11
N ILE B 121 16.33 -35.12 7.01
CA ILE B 121 16.52 -36.03 8.14
C ILE B 121 17.09 -35.25 9.32
N GLN B 122 18.11 -34.43 9.07
CA GLN B 122 18.83 -33.72 10.13
C GLN B 122 17.88 -32.81 10.92
N TYR B 123 16.96 -32.13 10.22
CA TYR B 123 16.13 -31.15 10.89
C TYR B 123 14.70 -31.67 11.12
N TYR B 124 14.48 -32.98 10.90
CA TYR B 124 13.18 -33.57 11.17
C TYR B 124 12.85 -33.41 12.66
N PRO B 125 11.70 -32.78 13.01
CA PRO B 125 11.46 -32.34 14.39
C PRO B 125 10.97 -33.38 15.41
N ALA B 126 10.60 -34.58 14.95
CA ALA B 126 9.97 -35.55 15.84
C ALA B 126 10.84 -36.79 16.01
N ALA B 127 10.59 -37.52 17.12
CA ALA B 127 11.37 -38.66 17.56
C ALA B 127 10.43 -39.73 18.12
N PRO B 128 10.83 -41.03 18.13
CA PRO B 128 12.10 -41.48 17.58
C PRO B 128 12.01 -41.80 16.09
N LEU B 129 12.98 -41.28 15.32
CA LEU B 129 13.03 -41.52 13.88
C LEU B 129 13.84 -42.80 13.63
N PRO B 130 13.24 -43.85 13.03
CA PRO B 130 13.97 -45.07 12.70
C PRO B 130 14.72 -44.89 11.38
N GLY B 131 15.55 -45.87 11.03
CA GLY B 131 16.14 -45.95 9.71
C GLY B 131 15.13 -46.53 8.72
N PHE B 132 15.54 -46.56 7.44
CA PHE B 132 14.65 -46.94 6.35
C PHE B 132 15.45 -47.22 5.08
N SER B 133 14.83 -48.01 4.20
CA SER B 133 15.28 -48.26 2.84
C SER B 133 14.31 -47.57 1.89
N ALA B 134 14.84 -46.89 0.86
CA ALA B 134 14.02 -46.08 -0.04
C ALA B 134 14.70 -46.02 -1.41
N VAL B 135 13.87 -46.17 -2.45
CA VAL B 135 14.21 -45.79 -3.82
C VAL B 135 13.54 -44.45 -4.15
N VAL B 136 14.30 -43.58 -4.83
CA VAL B 136 13.90 -42.24 -5.24
C VAL B 136 13.89 -42.18 -6.75
N VAL B 137 12.73 -41.83 -7.33
CA VAL B 137 12.59 -41.52 -8.74
C VAL B 137 11.93 -40.14 -8.88
N SER B 138 12.15 -39.49 -10.03
CA SER B 138 11.57 -38.17 -10.27
C SER B 138 11.35 -37.96 -11.76
N SER B 139 10.26 -37.28 -12.09
CA SER B 139 9.99 -36.80 -13.44
C SER B 139 10.24 -35.29 -13.51
N VAL B 140 10.65 -34.69 -12.39
CA VAL B 140 10.97 -33.27 -12.38
C VAL B 140 12.37 -33.11 -12.95
N PRO B 141 12.58 -32.31 -14.03
CA PRO B 141 13.91 -32.18 -14.65
C PRO B 141 14.84 -31.61 -13.59
N LEU B 142 15.94 -32.32 -13.30
CA LEU B 142 16.80 -32.00 -12.17
C LEU B 142 17.49 -30.66 -12.42
N GLY B 143 17.22 -29.69 -11.53
CA GLY B 143 17.76 -28.35 -11.65
C GLY B 143 17.24 -27.54 -12.85
N GLY B 144 16.08 -27.93 -13.41
CA GLY B 144 15.55 -27.29 -14.62
C GLY B 144 14.57 -26.13 -14.37
N GLY B 145 14.43 -25.71 -13.10
CA GLY B 145 13.65 -24.54 -12.74
C GLY B 145 12.25 -24.85 -12.18
N LEU B 146 11.91 -26.13 -12.01
CA LEU B 146 10.57 -26.53 -11.58
C LEU B 146 10.61 -27.14 -10.17
N SER B 147 11.66 -26.82 -9.41
CA SER B 147 11.80 -27.11 -7.99
C SER B 147 11.95 -28.62 -7.72
N SER B 148 12.85 -29.26 -8.47
CA SER B 148 13.14 -30.67 -8.26
C SER B 148 13.58 -30.90 -6.81
N SER B 149 14.39 -30.00 -6.27
CA SER B 149 14.95 -30.20 -4.94
C SER B 149 13.87 -30.10 -3.85
N ALA B 150 12.96 -29.14 -3.99
CA ALA B 150 11.85 -29.04 -3.03
C ALA B 150 10.99 -30.30 -3.09
N SER B 151 10.74 -30.82 -4.31
CA SER B 151 9.95 -32.04 -4.42
C SER B 151 10.65 -33.19 -3.68
N LEU B 152 11.98 -33.25 -3.75
CA LEU B 152 12.71 -34.32 -3.07
C LEU B 152 12.67 -34.09 -1.54
N GLU B 153 12.86 -32.84 -1.12
CA GLU B 153 12.80 -32.50 0.31
C GLU B 153 11.41 -32.86 0.87
N VAL B 154 10.36 -32.44 0.14
CA VAL B 154 9.02 -32.62 0.65
C VAL B 154 8.64 -34.10 0.62
N ALA B 155 9.05 -34.82 -0.43
CA ALA B 155 8.79 -36.26 -0.50
C ALA B 155 9.47 -36.95 0.68
N THR B 156 10.71 -36.54 0.96
CA THR B 156 11.45 -37.12 2.08
C THR B 156 10.68 -36.87 3.37
N TYR B 157 10.28 -35.60 3.59
CA TYR B 157 9.58 -35.20 4.80
C TYR B 157 8.32 -36.06 4.98
N THR B 158 7.55 -36.21 3.90
CA THR B 158 6.30 -36.96 3.87
C THR B 158 6.54 -38.43 4.25
N PHE B 159 7.66 -38.99 3.79
CA PHE B 159 8.04 -40.36 4.10
C PHE B 159 8.36 -40.48 5.59
N LEU B 160 9.14 -39.53 6.11
CA LEU B 160 9.51 -39.55 7.52
C LEU B 160 8.27 -39.47 8.42
N GLN B 161 7.23 -38.75 7.97
CA GLN B 161 5.99 -38.62 8.73
C GLN B 161 5.34 -40.00 8.92
N GLN B 162 5.46 -40.86 7.90
CA GLN B 162 4.94 -42.22 8.00
C GLN B 162 5.76 -43.05 8.99
N LEU B 163 7.07 -42.80 9.08
CA LEU B 163 7.93 -43.54 9.99
C LEU B 163 7.79 -43.01 11.41
N CYS B 164 7.60 -41.69 11.54
CA CYS B 164 7.56 -41.06 12.84
C CYS B 164 6.70 -39.79 12.76
N PRO B 165 5.36 -39.91 12.94
CA PRO B 165 4.46 -38.77 12.81
C PRO B 165 4.97 -37.55 13.57
N ASP B 166 4.92 -36.39 12.90
CA ASP B 166 5.27 -35.13 13.55
C ASP B 166 3.98 -34.60 14.18
N SER B 167 4.02 -33.50 14.93
CA SER B 167 2.73 -32.99 15.36
C SER B 167 2.60 -31.55 14.94
N GLY B 168 3.10 -31.24 13.74
CA GLY B 168 3.37 -29.86 13.36
C GLY B 168 2.39 -29.30 12.32
N THR B 169 2.72 -28.10 11.83
CA THR B 169 1.93 -27.34 10.87
C THR B 169 2.58 -27.39 9.50
N ILE B 170 1.84 -26.97 8.47
CA ILE B 170 2.34 -26.91 7.11
C ILE B 170 3.57 -25.98 7.04
N ALA B 171 3.47 -24.81 7.69
CA ALA B 171 4.53 -23.80 7.66
C ALA B 171 5.82 -24.37 8.27
N ALA B 172 5.68 -25.05 9.42
CA ALA B 172 6.82 -25.67 10.08
C ALA B 172 7.49 -26.69 9.16
N ARG B 173 6.69 -27.48 8.41
CA ARG B 173 7.28 -28.49 7.56
C ARG B 173 8.01 -27.81 6.40
N ALA B 174 7.39 -26.77 5.82
CA ALA B 174 8.03 -26.00 4.75
C ALA B 174 9.37 -25.43 5.24
N GLN B 175 9.39 -24.92 6.48
CA GLN B 175 10.59 -24.30 7.05
C GLN B 175 11.73 -25.32 7.21
N VAL B 176 11.39 -26.58 7.54
CA VAL B 176 12.39 -27.63 7.68
C VAL B 176 13.03 -27.90 6.32
N CYS B 177 12.19 -28.04 5.29
CA CYS B 177 12.68 -28.32 3.96
C CYS B 177 13.52 -27.15 3.44
N GLN B 178 13.06 -25.92 3.73
CA GLN B 178 13.76 -24.69 3.38
C GLN B 178 15.13 -24.66 4.05
N GLN B 179 15.18 -25.00 5.33
CA GLN B 179 16.43 -25.06 6.07
C GLN B 179 17.39 -26.04 5.40
N ALA B 180 16.90 -27.21 4.99
CA ALA B 180 17.70 -28.21 4.30
C ALA B 180 18.28 -27.62 3.00
N GLU B 181 17.46 -26.87 2.25
CA GLU B 181 17.91 -26.19 1.05
C GLU B 181 19.05 -25.20 1.36
N HIS B 182 18.86 -24.36 2.37
CA HIS B 182 19.85 -23.35 2.75
C HIS B 182 21.15 -24.01 3.21
N SER B 183 21.06 -24.98 4.12
CA SER B 183 22.18 -25.48 4.90
C SER B 183 22.89 -26.65 4.22
N PHE B 184 22.16 -27.45 3.46
CA PHE B 184 22.71 -28.67 2.87
C PHE B 184 22.91 -28.51 1.36
N ALA B 185 22.32 -27.47 0.76
CA ALA B 185 22.49 -27.26 -0.67
C ALA B 185 23.00 -25.85 -0.96
N GLY B 186 23.16 -25.05 0.10
CA GLY B 186 23.72 -23.71 -0.03
C GLY B 186 22.89 -22.80 -0.92
N MET B 187 21.56 -22.97 -0.92
CA MET B 187 20.67 -22.15 -1.74
C MET B 187 19.63 -21.48 -0.84
N PRO B 188 19.79 -20.16 -0.56
CA PRO B 188 18.93 -19.45 0.37
C PRO B 188 17.57 -19.04 -0.19
N CYS B 189 16.77 -20.06 -0.54
CA CYS B 189 15.48 -19.85 -1.21
C CYS B 189 14.46 -19.27 -0.23
N GLY B 190 13.40 -18.66 -0.78
CA GLY B 190 12.21 -18.32 -0.01
C GLY B 190 11.33 -19.56 0.23
N ILE B 191 10.08 -19.33 0.66
CA ILE B 191 9.25 -20.41 1.14
C ILE B 191 8.42 -21.03 0.02
N MET B 192 8.34 -20.36 -1.15
CA MET B 192 7.32 -20.72 -2.13
C MET B 192 7.36 -22.22 -2.47
N ASP B 193 8.55 -22.72 -2.86
CA ASP B 193 8.65 -23.99 -3.56
C ASP B 193 8.25 -25.13 -2.62
N GLN B 194 8.70 -25.05 -1.36
CA GLN B 194 8.37 -26.05 -0.37
C GLN B 194 6.88 -26.01 -0.06
N PHE B 195 6.34 -24.80 0.02
CA PHE B 195 4.94 -24.60 0.40
C PHE B 195 4.01 -25.24 -0.65
N ILE B 196 4.27 -24.99 -1.95
CA ILE B 196 3.39 -25.50 -2.99
C ILE B 196 3.52 -27.03 -3.09
N SER B 197 4.75 -27.54 -2.85
CA SER B 197 4.96 -28.98 -2.95
C SER B 197 4.15 -29.70 -1.87
N LEU B 198 4.10 -29.11 -0.68
CA LEU B 198 3.28 -29.61 0.42
C LEU B 198 1.80 -29.45 0.15
N MET B 199 1.38 -28.26 -0.32
CA MET B 199 -0.01 -27.80 -0.17
C MET B 199 -0.81 -27.81 -1.47
N GLY B 200 -0.17 -28.15 -2.60
CA GLY B 200 -0.90 -28.15 -3.86
C GLY B 200 -2.15 -29.02 -3.79
N GLN B 201 -3.16 -28.72 -4.63
CA GLN B 201 -4.31 -29.56 -4.80
C GLN B 201 -4.69 -29.58 -6.28
N LYS B 202 -5.05 -30.76 -6.79
CA LYS B 202 -5.50 -30.89 -8.17
C LYS B 202 -6.56 -29.82 -8.47
N GLY B 203 -6.41 -29.17 -9.62
CA GLY B 203 -7.38 -28.21 -10.09
C GLY B 203 -7.34 -26.87 -9.34
N HIS B 204 -6.26 -26.61 -8.58
CA HIS B 204 -6.12 -25.36 -7.86
C HIS B 204 -4.73 -24.76 -8.05
N ALA B 205 -4.67 -23.42 -8.12
CA ALA B 205 -3.46 -22.66 -7.83
C ALA B 205 -3.49 -22.32 -6.34
N LEU B 206 -2.30 -21.99 -5.80
CA LEU B 206 -2.17 -21.64 -4.40
C LEU B 206 -1.70 -20.20 -4.28
N LEU B 207 -2.56 -19.33 -3.75
CA LEU B 207 -2.13 -17.97 -3.46
C LEU B 207 -1.52 -17.99 -2.07
N ILE B 208 -0.24 -17.63 -1.98
CA ILE B 208 0.45 -17.68 -0.70
C ILE B 208 0.82 -16.27 -0.32
N ASP B 209 0.33 -15.86 0.87
CA ASP B 209 0.74 -14.60 1.45
C ASP B 209 1.96 -14.91 2.29
N CYS B 210 3.12 -14.42 1.83
CA CYS B 210 4.39 -14.77 2.44
C CYS B 210 4.69 -13.87 3.64
N ARG B 211 3.79 -12.92 3.94
CA ARG B 211 3.87 -12.21 5.21
C ARG B 211 3.09 -12.98 6.30
N SER B 212 1.78 -13.20 6.08
CA SER B 212 0.90 -13.78 7.07
C SER B 212 0.95 -15.31 7.07
N LEU B 213 1.39 -15.89 5.94
CA LEU B 213 1.46 -17.33 5.74
C LEU B 213 0.06 -17.92 5.57
N GLU B 214 -0.93 -17.05 5.33
CA GLU B 214 -2.24 -17.48 4.86
C GLU B 214 -2.10 -18.01 3.43
N THR B 215 -2.84 -19.09 3.13
CA THR B 215 -2.85 -19.64 1.78
C THR B 215 -4.30 -19.78 1.35
N SER B 216 -4.56 -19.54 0.06
CA SER B 216 -5.87 -19.78 -0.51
C SER B 216 -5.74 -20.72 -1.70
N LEU B 217 -6.67 -21.67 -1.79
CA LEU B 217 -6.72 -22.60 -2.90
C LEU B 217 -7.72 -22.03 -3.89
N VAL B 218 -7.21 -21.61 -5.06
CA VAL B 218 -7.99 -20.89 -6.06
C VAL B 218 -8.29 -21.84 -7.22
N PRO B 219 -9.56 -22.21 -7.48
CA PRO B 219 -9.90 -23.12 -8.59
C PRO B 219 -9.35 -22.70 -9.95
N LEU B 220 -8.84 -23.68 -10.71
CA LEU B 220 -8.13 -23.52 -11.96
C LEU B 220 -8.28 -24.82 -12.76
N SER B 221 -9.46 -25.08 -13.33
CA SER B 221 -9.67 -26.35 -14.02
C SER B 221 -10.61 -26.22 -15.23
N ASP B 222 -10.73 -25.01 -15.79
CA ASP B 222 -11.39 -24.80 -17.07
C ASP B 222 -10.69 -25.66 -18.13
N PRO B 223 -11.37 -26.64 -18.78
CA PRO B 223 -10.72 -27.53 -19.74
C PRO B 223 -10.33 -26.85 -21.05
N LYS B 224 -10.82 -25.63 -21.28
CA LYS B 224 -10.44 -24.88 -22.48
C LYS B 224 -9.09 -24.19 -22.27
N LEU B 225 -8.58 -24.23 -21.03
CA LEU B 225 -7.37 -23.52 -20.65
C LEU B 225 -6.28 -24.55 -20.38
N ALA B 226 -5.05 -24.23 -20.76
CA ALA B 226 -3.91 -25.08 -20.50
C ALA B 226 -2.71 -24.23 -20.06
N VAL B 227 -1.77 -24.88 -19.36
CA VAL B 227 -0.52 -24.27 -18.95
C VAL B 227 0.61 -25.02 -19.66
N LEU B 228 1.34 -24.33 -20.54
CA LEU B 228 2.50 -24.88 -21.25
C LEU B 228 3.77 -24.37 -20.58
N ILE B 229 4.57 -25.31 -20.09
CA ILE B 229 5.89 -25.02 -19.52
C ILE B 229 6.92 -25.33 -20.60
N THR B 230 7.78 -24.36 -20.88
CA THR B 230 8.88 -24.54 -21.84
C THR B 230 10.21 -24.42 -21.12
N ASN B 231 10.98 -25.52 -21.14
CA ASN B 231 12.33 -25.57 -20.62
C ASN B 231 13.30 -25.09 -21.71
N SER B 232 14.02 -24.00 -21.41
CA SER B 232 15.07 -23.44 -22.25
C SER B 232 16.26 -24.39 -22.36
N ASN B 233 16.39 -25.29 -21.39
CA ASN B 233 17.48 -26.25 -21.33
C ASN B 233 18.82 -25.53 -21.20
N VAL B 234 18.78 -24.36 -20.55
CA VAL B 234 19.97 -23.56 -20.27
C VAL B 234 19.95 -23.21 -18.78
N ARG B 235 21.16 -23.09 -18.22
CA ARG B 235 21.42 -22.61 -16.87
C ARG B 235 22.73 -21.83 -16.91
N HIS B 236 22.61 -20.49 -16.86
CA HIS B 236 23.75 -19.61 -16.81
C HIS B 236 24.31 -19.63 -15.38
N SER B 237 25.62 -19.37 -15.23
CA SER B 237 26.29 -19.37 -13.94
C SER B 237 25.65 -18.38 -12.97
N LEU B 238 25.21 -17.23 -13.50
CA LEU B 238 24.64 -16.12 -12.73
C LEU B 238 23.50 -16.62 -11.83
N ALA B 239 22.81 -17.70 -12.23
CA ALA B 239 21.74 -18.29 -11.44
C ALA B 239 22.13 -18.39 -9.97
N SER B 240 23.30 -18.99 -9.70
CA SER B 240 23.70 -19.31 -8.34
C SER B 240 24.14 -18.04 -7.61
N SER B 241 24.92 -17.22 -8.32
CA SER B 241 25.61 -16.09 -7.69
C SER B 241 24.67 -14.90 -7.45
N GLU B 242 23.69 -14.71 -8.37
CA GLU B 242 22.94 -13.47 -8.39
C GLU B 242 21.70 -13.51 -7.48
N TYR B 243 21.16 -14.71 -7.22
CA TYR B 243 19.98 -14.87 -6.37
C TYR B 243 20.23 -14.19 -5.01
N PRO B 244 21.29 -14.56 -4.26
CA PRO B 244 21.57 -13.92 -2.97
C PRO B 244 21.85 -12.42 -3.06
N VAL B 245 22.44 -11.97 -4.18
CA VAL B 245 22.71 -10.56 -4.44
C VAL B 245 21.39 -9.79 -4.46
N ARG B 246 20.39 -10.32 -5.18
CA ARG B 246 19.07 -9.69 -5.27
C ARG B 246 18.43 -9.60 -3.88
N ARG B 247 18.50 -10.69 -3.13
CA ARG B 247 17.94 -10.73 -1.77
C ARG B 247 18.54 -9.57 -0.95
N ARG B 248 19.87 -9.39 -1.06
CA ARG B 248 20.57 -8.35 -0.30
C ARG B 248 20.13 -6.95 -0.75
N GLN B 249 20.00 -6.75 -2.07
CA GLN B 249 19.61 -5.44 -2.60
C GLN B 249 18.22 -5.04 -2.10
N CYS B 250 17.29 -6.01 -2.05
CA CYS B 250 15.94 -5.74 -1.58
C CYS B 250 15.93 -5.28 -0.12
N GLU B 251 16.76 -5.95 0.70
CA GLU B 251 16.85 -5.66 2.12
C GLU B 251 17.26 -4.20 2.34
N GLU B 252 18.25 -3.74 1.53
CA GLU B 252 18.76 -2.37 1.64
C GLU B 252 17.68 -1.31 1.37
N VAL B 253 16.78 -1.57 0.38
CA VAL B 253 15.83 -0.54 0.03
C VAL B 253 14.76 -0.40 1.10
N ALA B 254 14.27 -1.54 1.59
CA ALA B 254 13.32 -1.56 2.70
C ALA B 254 13.86 -0.78 3.90
N ARG B 255 15.16 -1.00 4.20
CA ARG B 255 15.84 -0.35 5.31
C ARG B 255 15.79 1.18 5.14
N ALA B 256 16.22 1.65 3.97
CA ALA B 256 16.29 3.07 3.65
C ALA B 256 14.93 3.76 3.70
N LEU B 257 13.85 3.01 3.42
CA LEU B 257 12.50 3.55 3.34
C LEU B 257 11.78 3.33 4.67
N GLY B 258 12.48 2.71 5.62
CA GLY B 258 12.00 2.51 6.97
C GLY B 258 10.88 1.48 7.07
N ALA B 259 10.95 0.44 6.23
CA ALA B 259 9.92 -0.58 6.18
C ALA B 259 10.54 -1.91 6.58
N ALA B 260 9.73 -2.76 7.23
CA ALA B 260 10.15 -4.10 7.63
C ALA B 260 10.53 -4.91 6.40
N SER B 261 9.77 -4.73 5.31
CA SER B 261 10.01 -5.42 4.04
C SER B 261 9.39 -4.60 2.92
N LEU B 262 9.58 -5.03 1.66
CA LEU B 262 9.01 -4.32 0.52
C LEU B 262 7.50 -4.51 0.46
N ARG B 263 6.97 -5.50 1.21
CA ARG B 263 5.53 -5.66 1.31
C ARG B 263 4.88 -4.37 1.85
N GLU B 264 5.61 -3.65 2.71
CA GLU B 264 5.10 -2.47 3.38
C GLU B 264 5.23 -1.22 2.51
N VAL B 265 5.90 -1.35 1.35
CA VAL B 265 6.13 -0.19 0.50
C VAL B 265 5.06 -0.09 -0.58
N GLN B 266 4.46 1.10 -0.75
CA GLN B 266 3.44 1.33 -1.76
C GLN B 266 4.11 1.88 -3.03
N LEU B 267 3.65 1.44 -4.22
CA LEU B 267 4.33 1.72 -5.49
C LEU B 267 4.47 3.24 -5.72
N GLU B 268 3.38 3.97 -5.47
CA GLU B 268 3.35 5.41 -5.73
C GLU B 268 4.36 6.10 -4.83
N GLU B 269 4.42 5.67 -3.56
CA GLU B 269 5.36 6.23 -2.59
C GLU B 269 6.79 5.98 -3.04
N LEU B 270 7.08 4.76 -3.49
CA LEU B 270 8.42 4.39 -3.95
C LEU B 270 8.89 5.32 -5.07
N GLU B 271 8.04 5.55 -6.08
CA GLU B 271 8.47 6.21 -7.30
C GLU B 271 8.91 7.64 -7.04
N ALA B 272 8.49 8.19 -5.89
CA ALA B 272 8.82 9.54 -5.45
C ALA B 272 10.10 9.58 -4.61
N ALA B 273 10.71 8.42 -4.33
CA ALA B 273 11.75 8.26 -3.33
C ALA B 273 13.11 7.92 -3.96
N ARG B 274 13.27 8.33 -5.22
CA ARG B 274 14.47 8.09 -6.00
C ARG B 274 15.73 8.67 -5.36
N ASP B 275 15.60 9.76 -4.60
CA ASP B 275 16.79 10.38 -4.00
C ASP B 275 17.21 9.65 -2.73
N LEU B 276 16.40 8.70 -2.25
CA LEU B 276 16.69 7.97 -1.03
C LEU B 276 17.53 6.71 -1.28
N VAL B 277 17.59 6.24 -2.54
CA VAL B 277 18.11 4.90 -2.80
C VAL B 277 18.94 4.92 -4.09
N SER B 278 19.78 3.90 -4.27
CA SER B 278 20.58 3.70 -5.48
C SER B 278 19.67 3.50 -6.70
N LYS B 279 20.26 3.67 -7.90
CA LYS B 279 19.51 3.53 -9.13
C LYS B 279 19.04 2.08 -9.30
N GLU B 280 19.95 1.15 -8.98
CA GLU B 280 19.70 -0.27 -9.06
C GLU B 280 18.68 -0.70 -8.00
N GLY B 281 18.87 -0.24 -6.74
CA GLY B 281 17.94 -0.56 -5.68
C GLY B 281 16.51 -0.14 -6.03
N PHE B 282 16.37 1.06 -6.62
CA PHE B 282 15.07 1.58 -7.01
C PHE B 282 14.39 0.62 -7.98
N ARG B 283 15.16 0.16 -8.98
CA ARG B 283 14.66 -0.71 -10.03
C ARG B 283 14.26 -2.08 -9.47
N ARG B 284 15.05 -2.61 -8.52
CA ARG B 284 14.76 -3.90 -7.90
C ARG B 284 13.47 -3.79 -7.09
N ALA B 285 13.35 -2.71 -6.31
CA ALA B 285 12.16 -2.48 -5.48
C ALA B 285 10.94 -2.22 -6.35
N ARG B 286 11.12 -1.55 -7.49
CA ARG B 286 10.00 -1.29 -8.38
C ARG B 286 9.45 -2.62 -8.92
N HIS B 287 10.34 -3.53 -9.30
CA HIS B 287 9.91 -4.88 -9.67
C HIS B 287 9.09 -5.51 -8.54
N VAL B 288 9.63 -5.53 -7.33
CA VAL B 288 9.05 -6.29 -6.23
C VAL B 288 7.68 -5.73 -5.85
N VAL B 289 7.63 -4.41 -5.62
CA VAL B 289 6.40 -3.75 -5.21
C VAL B 289 5.37 -3.90 -6.32
N GLY B 290 5.79 -3.70 -7.56
CA GLY B 290 4.93 -3.88 -8.72
C GLY B 290 4.41 -5.33 -8.81
N GLU B 291 5.29 -6.28 -8.51
CA GLU B 291 4.97 -7.70 -8.65
C GLU B 291 3.92 -8.14 -7.63
N ILE B 292 4.05 -7.63 -6.41
CA ILE B 292 3.09 -7.92 -5.35
C ILE B 292 1.69 -7.47 -5.80
N ARG B 293 1.61 -6.25 -6.36
CA ARG B 293 0.34 -5.71 -6.82
C ARG B 293 -0.22 -6.55 -7.96
N ARG B 294 0.64 -6.91 -8.93
CA ARG B 294 0.22 -7.70 -10.09
C ARG B 294 -0.33 -9.07 -9.62
N THR B 295 0.26 -9.63 -8.56
CA THR B 295 -0.13 -10.96 -8.11
C THR B 295 -1.53 -10.92 -7.50
N ALA B 296 -1.81 -9.89 -6.69
CA ALA B 296 -3.15 -9.68 -6.18
C ALA B 296 -4.14 -9.50 -7.34
N GLN B 297 -3.76 -8.69 -8.34
CA GLN B 297 -4.64 -8.48 -9.48
C GLN B 297 -4.82 -9.78 -10.28
N ALA B 298 -3.77 -10.59 -10.34
CA ALA B 298 -3.81 -11.84 -11.09
C ALA B 298 -4.77 -12.85 -10.43
N ALA B 299 -4.69 -12.94 -9.10
CA ALA B 299 -5.60 -13.78 -8.34
C ALA B 299 -7.05 -13.38 -8.62
N ALA B 300 -7.33 -12.06 -8.56
CA ALA B 300 -8.67 -11.56 -8.84
C ALA B 300 -9.10 -11.94 -10.26
N ALA B 301 -8.18 -11.81 -11.22
CA ALA B 301 -8.49 -12.18 -12.60
C ALA B 301 -8.82 -13.67 -12.70
N LEU B 302 -8.07 -14.50 -11.97
CA LEU B 302 -8.31 -15.93 -11.98
C LEU B 302 -9.72 -16.25 -11.52
N ARG B 303 -10.16 -15.57 -10.45
CA ARG B 303 -11.45 -15.82 -9.82
C ARG B 303 -12.59 -15.59 -10.81
N ARG B 304 -12.45 -14.54 -11.64
CA ARG B 304 -13.54 -14.22 -12.55
C ARG B 304 -13.33 -14.86 -13.91
N GLY B 305 -12.30 -15.71 -14.04
CA GLY B 305 -12.02 -16.38 -15.31
C GLY B 305 -11.59 -15.42 -16.42
N ASP B 306 -10.99 -14.29 -16.03
CA ASP B 306 -10.46 -13.34 -16.99
C ASP B 306 -9.02 -13.70 -17.34
N TYR B 307 -8.87 -14.66 -18.27
CA TYR B 307 -7.59 -15.20 -18.67
C TYR B 307 -6.76 -14.20 -19.46
N ARG B 308 -7.45 -13.37 -20.27
CA ARG B 308 -6.78 -12.34 -21.05
C ARG B 308 -6.07 -11.37 -20.10
N ALA B 309 -6.75 -10.99 -19.01
CA ALA B 309 -6.16 -10.07 -18.05
C ALA B 309 -5.02 -10.74 -17.30
N PHE B 310 -5.21 -12.01 -16.94
CA PHE B 310 -4.20 -12.79 -16.25
C PHE B 310 -2.93 -12.83 -17.12
N GLY B 311 -3.14 -13.12 -18.39
CA GLY B 311 -2.07 -13.21 -19.38
C GLY B 311 -1.31 -11.89 -19.53
N ARG B 312 -2.05 -10.76 -19.60
CA ARG B 312 -1.42 -9.46 -19.69
C ARG B 312 -0.53 -9.24 -18.46
N LEU B 313 -1.05 -9.62 -17.28
CA LEU B 313 -0.29 -9.42 -16.05
C LEU B 313 0.98 -10.30 -16.06
N MET B 314 0.87 -11.51 -16.63
CA MET B 314 2.04 -12.35 -16.82
C MET B 314 3.11 -11.65 -17.65
N VAL B 315 2.70 -11.04 -18.76
CA VAL B 315 3.64 -10.39 -19.66
C VAL B 315 4.28 -9.20 -18.95
N GLU B 316 3.48 -8.43 -18.20
CA GLU B 316 4.02 -7.32 -17.41
C GLU B 316 5.07 -7.82 -16.40
N SER B 317 4.81 -8.98 -15.79
CA SER B 317 5.76 -9.61 -14.89
C SER B 317 7.07 -9.95 -15.60
N HIS B 318 7.00 -10.53 -16.80
CA HIS B 318 8.18 -10.85 -17.57
C HIS B 318 9.05 -9.60 -17.82
N ARG B 319 8.39 -8.52 -18.29
CA ARG B 319 9.10 -7.31 -18.69
C ARG B 319 9.81 -6.72 -17.48
N SER B 320 9.14 -6.77 -16.32
CA SER B 320 9.66 -6.24 -15.07
C SER B 320 10.86 -7.06 -14.62
N LEU B 321 10.76 -8.40 -14.74
CA LEU B 321 11.85 -9.29 -14.36
C LEU B 321 13.05 -9.07 -15.29
N ARG B 322 12.76 -8.85 -16.58
CA ARG B 322 13.80 -8.65 -17.59
C ARG B 322 14.53 -7.32 -17.38
N ASP B 323 13.77 -6.24 -17.17
CA ASP B 323 14.31 -4.89 -17.26
C ASP B 323 14.64 -4.29 -15.89
N ASP B 324 13.79 -4.55 -14.90
CA ASP B 324 13.97 -3.95 -13.57
C ASP B 324 14.74 -4.89 -12.64
N TYR B 325 14.41 -6.20 -12.66
CA TYR B 325 15.06 -7.11 -11.73
C TYR B 325 16.29 -7.75 -12.38
N GLU B 326 16.32 -7.79 -13.71
CA GLU B 326 17.43 -8.31 -14.50
C GLU B 326 17.77 -9.75 -14.10
N VAL B 327 16.80 -10.67 -14.24
CA VAL B 327 17.05 -12.07 -13.91
C VAL B 327 16.57 -12.94 -15.06
N SER B 328 16.20 -12.31 -16.18
CA SER B 328 15.91 -13.08 -17.38
C SER B 328 17.21 -13.40 -18.10
N CYS B 329 17.12 -13.93 -19.33
CA CYS B 329 18.25 -14.14 -20.20
C CYS B 329 17.74 -14.21 -21.64
N PRO B 330 18.61 -14.06 -22.67
CA PRO B 330 18.15 -14.04 -24.07
C PRO B 330 17.29 -15.25 -24.43
N GLU B 331 17.64 -16.43 -23.90
CA GLU B 331 16.90 -17.64 -24.19
C GLU B 331 15.45 -17.51 -23.71
N LEU B 332 15.27 -17.07 -22.46
CA LEU B 332 13.94 -16.90 -21.89
C LEU B 332 13.18 -15.84 -22.68
N ASP B 333 13.84 -14.73 -23.02
CA ASP B 333 13.19 -13.62 -23.70
C ASP B 333 12.70 -14.05 -25.09
N GLN B 334 13.51 -14.89 -25.75
CA GLN B 334 13.16 -15.42 -27.07
C GLN B 334 11.96 -16.35 -26.94
N LEU B 335 11.97 -17.21 -25.90
CA LEU B 335 10.88 -18.15 -25.71
C LEU B 335 9.56 -17.42 -25.46
N VAL B 336 9.62 -16.31 -24.72
CA VAL B 336 8.43 -15.54 -24.37
C VAL B 336 7.88 -14.85 -25.62
N GLU B 337 8.77 -14.16 -26.35
CA GLU B 337 8.41 -13.51 -27.60
C GLU B 337 7.73 -14.51 -28.54
N ALA B 338 8.31 -15.70 -28.69
CA ALA B 338 7.79 -16.72 -29.58
C ALA B 338 6.37 -17.12 -29.17
N ALA B 339 6.17 -17.32 -27.85
CA ALA B 339 4.90 -17.77 -27.32
C ALA B 339 3.81 -16.73 -27.58
N LEU B 340 4.14 -15.44 -27.39
CA LEU B 340 3.16 -14.37 -27.48
C LEU B 340 2.69 -14.17 -28.93
N ALA B 341 3.47 -14.68 -29.88
CA ALA B 341 3.19 -14.55 -31.31
C ALA B 341 2.17 -15.60 -31.77
N VAL B 342 1.85 -16.58 -30.91
CA VAL B 342 0.96 -17.66 -31.27
C VAL B 342 -0.48 -17.33 -30.91
N PRO B 343 -1.44 -17.44 -31.87
CA PRO B 343 -2.86 -17.26 -31.56
C PRO B 343 -3.33 -18.22 -30.48
N GLY B 344 -4.12 -17.71 -29.53
CA GLY B 344 -4.67 -18.51 -28.45
C GLY B 344 -3.84 -18.43 -27.17
N VAL B 345 -2.66 -17.80 -27.23
CA VAL B 345 -1.81 -17.62 -26.06
C VAL B 345 -2.28 -16.36 -25.31
N TYR B 346 -2.56 -16.48 -24.01
CA TYR B 346 -3.01 -15.34 -23.22
C TYR B 346 -1.82 -14.55 -22.68
N GLY B 347 -0.77 -15.28 -22.27
CA GLY B 347 0.45 -14.62 -21.80
C GLY B 347 1.56 -15.63 -21.53
N SER B 348 2.76 -15.10 -21.29
CA SER B 348 3.94 -15.94 -21.13
C SER B 348 4.99 -15.13 -20.38
N ARG B 349 5.81 -15.82 -19.57
CA ARG B 349 6.83 -15.16 -18.76
C ARG B 349 7.82 -16.22 -18.30
N MET B 350 9.03 -15.78 -17.95
CA MET B 350 9.92 -16.67 -17.22
C MET B 350 9.26 -17.06 -15.90
N THR B 351 9.59 -18.26 -15.40
CA THR B 351 9.09 -18.71 -14.11
C THR B 351 10.28 -19.15 -13.26
N GLY B 352 10.15 -19.06 -11.94
CA GLY B 352 11.23 -19.44 -11.05
C GLY B 352 12.27 -18.33 -10.94
N GLY B 353 13.50 -18.73 -10.57
CA GLY B 353 14.55 -17.79 -10.19
C GLY B 353 15.13 -17.01 -11.36
N GLY B 354 15.11 -17.59 -12.56
CA GLY B 354 15.63 -16.92 -13.74
C GLY B 354 17.00 -17.44 -14.19
N PHE B 355 17.62 -16.71 -15.14
CA PHE B 355 18.95 -17.00 -15.66
C PHE B 355 18.96 -18.37 -16.36
N GLY B 356 17.79 -18.75 -16.90
CA GLY B 356 17.62 -20.07 -17.49
C GLY B 356 16.33 -20.70 -17.00
N GLY B 357 16.25 -22.04 -17.12
CA GLY B 357 15.06 -22.75 -16.70
C GLY B 357 13.90 -22.54 -17.67
N CYS B 358 12.68 -22.39 -17.12
CA CYS B 358 11.47 -22.52 -17.91
C CYS B 358 10.74 -21.20 -18.05
N THR B 359 9.88 -21.14 -19.08
CA THR B 359 8.82 -20.16 -19.16
C THR B 359 7.51 -20.87 -18.88
N VAL B 360 6.50 -20.08 -18.47
CA VAL B 360 5.15 -20.56 -18.30
C VAL B 360 4.26 -19.74 -19.22
N THR B 361 3.43 -20.44 -19.99
CA THR B 361 2.50 -19.83 -20.92
C THR B 361 1.09 -20.29 -20.56
N LEU B 362 0.15 -19.33 -20.43
CA LEU B 362 -1.27 -19.65 -20.34
C LEU B 362 -1.90 -19.52 -21.72
N LEU B 363 -2.64 -20.54 -22.20
CA LEU B 363 -3.19 -20.53 -23.56
C LEU B 363 -4.43 -21.41 -23.68
N GLU B 364 -5.26 -21.17 -24.72
CA GLU B 364 -6.32 -22.09 -25.09
C GLU B 364 -5.71 -23.45 -25.40
N ALA B 365 -6.30 -24.50 -24.83
CA ALA B 365 -5.86 -25.88 -24.96
C ALA B 365 -5.60 -26.27 -26.42
N SER B 366 -6.51 -25.84 -27.31
CA SER B 366 -6.49 -26.31 -28.70
C SER B 366 -5.34 -25.67 -29.46
N ALA B 367 -4.74 -24.62 -28.87
CA ALA B 367 -3.63 -23.91 -29.48
C ALA B 367 -2.28 -24.53 -29.11
N ALA B 368 -2.27 -25.46 -28.15
CA ALA B 368 -1.01 -25.98 -27.62
C ALA B 368 -0.13 -26.60 -28.71
N PRO B 369 -0.66 -27.45 -29.63
CA PRO B 369 0.16 -28.00 -30.72
C PRO B 369 0.79 -26.96 -31.64
N HIS B 370 0.01 -25.91 -31.97
CA HIS B 370 0.57 -24.79 -32.74
C HIS B 370 1.65 -24.08 -31.94
N ALA B 371 1.44 -23.94 -30.62
CA ALA B 371 2.37 -23.19 -29.78
C ALA B 371 3.73 -23.87 -29.74
N MET B 372 3.70 -25.20 -29.56
CA MET B 372 4.92 -25.99 -29.43
C MET B 372 5.70 -26.00 -30.74
N ARG B 373 4.99 -26.10 -31.87
CA ARG B 373 5.66 -26.09 -33.18
C ARG B 373 6.39 -24.76 -33.36
N HIS B 374 5.68 -23.65 -33.09
CA HIS B 374 6.17 -22.30 -33.31
C HIS B 374 7.33 -21.95 -32.39
N ILE B 375 7.17 -22.27 -31.09
CA ILE B 375 8.21 -21.95 -30.12
C ILE B 375 9.50 -22.67 -30.54
N GLN B 376 9.41 -23.98 -30.85
CA GLN B 376 10.61 -24.75 -31.16
C GLN B 376 11.34 -24.18 -32.38
N GLU B 377 10.57 -23.73 -33.38
CA GLU B 377 11.15 -23.26 -34.64
C GLU B 377 11.79 -21.87 -34.45
N HIS B 378 11.22 -21.09 -33.52
CA HIS B 378 11.68 -19.72 -33.31
C HIS B 378 12.71 -19.62 -32.19
N TYR B 379 13.06 -20.76 -31.57
CA TYR B 379 14.04 -20.81 -30.50
C TYR B 379 15.33 -21.44 -31.03
N GLY B 380 16.45 -20.77 -30.78
CA GLY B 380 17.76 -21.18 -31.29
C GLY B 380 18.27 -22.44 -30.58
N GLY B 381 17.79 -22.68 -29.35
CA GLY B 381 18.19 -23.86 -28.57
C GLY B 381 17.24 -25.02 -28.84
N THR B 382 17.29 -25.99 -27.92
CA THR B 382 16.38 -27.11 -27.90
C THR B 382 15.41 -26.94 -26.73
N ALA B 383 14.14 -26.65 -27.04
CA ALA B 383 13.10 -26.50 -26.04
C ALA B 383 12.54 -27.87 -25.70
N THR B 384 12.18 -28.05 -24.41
CA THR B 384 11.36 -29.16 -23.95
C THR B 384 10.02 -28.61 -23.44
N PHE B 385 8.93 -29.36 -23.66
CA PHE B 385 7.60 -28.92 -23.30
C PHE B 385 6.93 -29.88 -22.34
N TYR B 386 6.21 -29.30 -21.37
CA TYR B 386 5.23 -30.01 -20.56
C TYR B 386 3.90 -29.26 -20.63
N LEU B 387 2.82 -30.00 -20.84
CA LEU B 387 1.49 -29.47 -20.64
C LEU B 387 0.99 -29.97 -19.28
N SER B 388 0.75 -29.07 -18.33
CA SER B 388 0.35 -29.54 -17.01
C SER B 388 -0.97 -28.95 -16.55
N GLN B 389 -1.82 -29.81 -15.97
CA GLN B 389 -2.91 -29.36 -15.13
C GLN B 389 -2.33 -29.12 -13.73
N ALA B 390 -3.05 -28.32 -12.93
CA ALA B 390 -2.73 -28.11 -11.53
C ALA B 390 -2.86 -29.45 -10.82
N ALA B 391 -1.84 -29.83 -10.04
CA ALA B 391 -1.75 -31.17 -9.50
C ALA B 391 -1.83 -31.12 -7.97
N ASP B 392 -1.98 -32.31 -7.38
CA ASP B 392 -1.92 -32.52 -5.93
C ASP B 392 -0.52 -32.24 -5.41
N GLY B 393 -0.48 -31.89 -4.11
CA GLY B 393 0.75 -31.77 -3.35
C GLY B 393 1.14 -33.14 -2.80
N ALA B 394 1.89 -33.14 -1.70
CA ALA B 394 2.46 -34.35 -1.13
C ALA B 394 1.37 -35.37 -0.79
N LYS B 395 1.59 -36.66 -1.16
CA LYS B 395 0.63 -37.69 -0.82
C LYS B 395 1.30 -39.02 -0.50
N VAL B 396 0.51 -39.93 0.10
CA VAL B 396 0.93 -41.24 0.59
C VAL B 396 0.05 -42.32 -0.03
N LEU B 397 0.66 -43.44 -0.41
CA LEU B 397 -0.05 -44.66 -0.74
C LEU B 397 0.60 -45.82 0.02
N CYS B 398 -0.18 -46.46 0.90
CA CYS B 398 0.28 -47.65 1.60
C CYS B 398 0.33 -48.80 0.62
N LEU B 399 1.42 -49.57 0.65
CA LEU B 399 1.62 -50.67 -0.28
C LEU B 399 1.53 -52.01 0.48
N PRO C 14 -13.09 38.16 -19.29
CA PRO C 14 -12.38 39.44 -19.21
C PRO C 14 -10.87 39.28 -19.33
N GLN C 15 -10.13 40.16 -18.67
CA GLN C 15 -8.69 40.08 -18.49
C GLN C 15 -8.34 40.96 -17.27
N VAL C 16 -7.21 40.64 -16.62
CA VAL C 16 -6.87 41.16 -15.31
C VAL C 16 -6.92 42.69 -15.31
N ALA C 17 -6.26 43.28 -16.31
CA ALA C 17 -6.09 44.72 -16.40
C ALA C 17 -7.45 45.41 -16.31
N GLU C 18 -8.45 44.83 -16.99
CA GLU C 18 -9.77 45.41 -17.13
C GLU C 18 -10.52 45.36 -15.80
N LEU C 19 -10.36 44.28 -15.04
CA LEU C 19 -11.03 44.15 -13.75
C LEU C 19 -10.59 45.27 -12.81
N LEU C 20 -9.27 45.49 -12.77
CA LEU C 20 -8.66 46.50 -11.91
C LEU C 20 -9.15 47.89 -12.31
N ALA C 21 -9.18 48.16 -13.62
CA ALA C 21 -9.67 49.45 -14.12
C ALA C 21 -11.11 49.67 -13.69
N GLU C 22 -11.99 48.70 -14.01
CA GLU C 22 -13.42 48.80 -13.78
C GLU C 22 -13.69 48.99 -12.28
N ALA C 23 -12.85 48.43 -11.40
CA ALA C 23 -13.10 48.54 -9.97
C ALA C 23 -12.91 50.00 -9.54
N GLU C 34 -8.20 56.82 -7.26
CA GLU C 34 -8.77 57.35 -6.00
C GLU C 34 -8.86 56.29 -4.91
N PRO C 35 -8.96 54.97 -5.24
CA PRO C 35 -8.79 53.93 -4.23
C PRO C 35 -7.30 53.83 -3.87
N GLU C 36 -7.02 53.42 -2.63
CA GLU C 36 -5.67 53.40 -2.08
C GLU C 36 -4.97 52.07 -2.37
N LEU C 37 -5.76 51.00 -2.56
CA LEU C 37 -5.32 49.61 -2.52
C LEU C 37 -6.09 48.80 -3.56
N ALA C 38 -5.41 47.81 -4.17
CA ALA C 38 -6.04 46.72 -4.89
C ALA C 38 -5.51 45.39 -4.34
N VAL C 39 -6.40 44.40 -4.19
CA VAL C 39 -6.01 43.01 -3.96
C VAL C 39 -6.79 42.13 -4.93
N SER C 40 -6.31 40.89 -5.12
CA SER C 40 -7.04 39.90 -5.87
C SER C 40 -6.80 38.52 -5.24
N ALA C 41 -7.76 37.61 -5.46
CA ALA C 41 -7.59 36.18 -5.22
C ALA C 41 -8.25 35.45 -6.39
N PRO C 42 -7.64 34.35 -6.91
CA PRO C 42 -8.19 33.69 -8.10
C PRO C 42 -9.28 32.67 -7.74
N GLY C 43 -10.08 32.30 -8.73
CA GLY C 43 -10.82 31.04 -8.70
C GLY C 43 -9.86 29.89 -9.01
N ARG C 44 -10.39 28.67 -9.15
CA ARG C 44 -9.53 27.50 -9.28
C ARG C 44 -10.29 26.38 -9.97
N VAL C 45 -9.55 25.45 -10.60
CA VAL C 45 -10.10 24.19 -11.06
C VAL C 45 -9.33 23.08 -10.34
N ASN C 46 -10.07 22.04 -9.95
CA ASN C 46 -9.46 20.80 -9.50
C ASN C 46 -9.17 19.91 -10.70
N LEU C 47 -7.88 19.61 -10.91
CA LEU C 47 -7.52 18.83 -12.08
C LEU C 47 -7.91 17.37 -11.85
N ILE C 48 -7.75 16.91 -10.59
CA ILE C 48 -8.00 15.52 -10.19
C ILE C 48 -7.91 15.46 -8.66
N GLY C 49 -8.62 14.48 -8.10
CA GLY C 49 -8.56 14.17 -6.68
C GLY C 49 -9.61 14.79 -5.74
N GLU C 50 -10.48 15.68 -6.22
CA GLU C 50 -11.18 16.60 -5.32
C GLU C 50 -12.25 15.96 -4.42
N HIS C 51 -12.80 14.82 -4.83
CA HIS C 51 -13.79 14.11 -4.07
C HIS C 51 -13.12 13.21 -3.02
N THR C 52 -11.82 13.37 -2.76
CA THR C 52 -11.08 12.51 -1.85
C THR C 52 -10.65 13.29 -0.61
N ASP C 53 -10.84 14.60 -0.62
CA ASP C 53 -10.35 15.47 0.46
C ASP C 53 -10.90 15.04 1.82
N TYR C 54 -12.19 14.71 1.92
CA TYR C 54 -12.82 14.31 3.17
C TYR C 54 -12.40 12.90 3.59
N ASN C 55 -11.68 12.20 2.69
CA ASN C 55 -11.25 10.83 2.90
C ASN C 55 -9.74 10.80 3.10
N GLN C 56 -9.15 11.96 3.46
CA GLN C 56 -7.73 12.11 3.75
C GLN C 56 -6.90 11.78 2.51
N GLY C 57 -7.43 12.15 1.32
CA GLY C 57 -6.82 11.84 0.04
C GLY C 57 -5.88 12.93 -0.47
N LEU C 58 -5.69 13.00 -1.80
CA LEU C 58 -4.78 13.90 -2.46
C LEU C 58 -5.60 14.72 -3.45
N VAL C 59 -5.26 16.00 -3.62
CA VAL C 59 -5.96 16.87 -4.54
C VAL C 59 -4.94 17.66 -5.33
N LEU C 60 -5.28 17.97 -6.59
CA LEU C 60 -4.34 18.60 -7.49
C LEU C 60 -5.02 19.78 -8.19
N PRO C 61 -5.31 20.87 -7.43
CA PRO C 61 -5.87 22.08 -8.02
C PRO C 61 -4.82 22.98 -8.70
N MET C 62 -5.35 23.88 -9.53
CA MET C 62 -4.57 24.92 -10.18
C MET C 62 -5.40 26.20 -10.11
N ALA C 63 -4.80 27.36 -9.78
CA ALA C 63 -5.51 28.63 -9.79
C ALA C 63 -5.76 29.05 -11.24
N LEU C 64 -6.90 29.73 -11.48
CA LEU C 64 -7.29 30.12 -12.83
C LEU C 64 -7.08 31.63 -12.99
N GLU C 65 -7.06 32.04 -14.26
CA GLU C 65 -7.00 33.43 -14.65
C GLU C 65 -8.38 34.09 -14.54
N LEU C 66 -9.29 33.51 -13.76
CA LEU C 66 -10.49 34.20 -13.32
C LEU C 66 -10.25 34.60 -11.88
N MET C 67 -10.66 35.82 -11.46
CA MET C 67 -10.33 36.27 -10.12
C MET C 67 -11.38 37.26 -9.58
N THR C 68 -11.34 37.46 -8.25
CA THR C 68 -12.07 38.50 -7.56
C THR C 68 -11.10 39.58 -7.11
N VAL C 69 -11.44 40.86 -7.32
CA VAL C 69 -10.61 42.02 -7.00
C VAL C 69 -11.37 42.88 -5.99
N LEU C 70 -10.70 43.28 -4.89
CA LEU C 70 -11.16 44.34 -4.02
C LEU C 70 -10.23 45.53 -4.22
N VAL C 71 -10.82 46.73 -4.35
CA VAL C 71 -10.13 48.00 -4.49
C VAL C 71 -10.74 48.93 -3.43
N GLY C 72 -9.94 49.68 -2.66
CA GLY C 72 -10.51 50.32 -1.48
C GLY C 72 -9.50 51.05 -0.60
N SER C 73 -9.97 51.54 0.57
CA SER C 73 -9.29 52.53 1.41
C SER C 73 -9.76 52.39 2.86
N PRO C 74 -8.90 52.63 3.87
CA PRO C 74 -9.29 52.50 5.28
C PRO C 74 -10.20 53.65 5.75
N LEU C 79 -16.95 51.89 10.51
CA LEU C 79 -17.93 51.61 9.45
C LEU C 79 -17.26 50.84 8.30
N VAL C 80 -17.99 49.90 7.71
CA VAL C 80 -17.60 49.18 6.51
C VAL C 80 -18.60 49.52 5.41
N SER C 81 -18.11 49.95 4.23
CA SER C 81 -18.97 50.30 3.12
C SER C 81 -18.52 49.58 1.83
N LEU C 82 -19.42 48.80 1.22
CA LEU C 82 -19.12 47.98 0.05
C LEU C 82 -20.00 48.39 -1.14
N LEU C 83 -19.46 48.26 -2.36
CA LEU C 83 -20.22 48.21 -3.60
C LEU C 83 -19.68 47.09 -4.48
N THR C 84 -20.57 46.27 -5.07
CA THR C 84 -20.16 45.30 -6.10
C THR C 84 -20.86 45.63 -7.41
N THR C 85 -20.20 45.35 -8.55
CA THR C 85 -20.75 45.59 -9.87
C THR C 85 -21.16 44.26 -10.52
N GLN C 93 -26.50 45.96 -3.90
CA GLN C 93 -25.27 46.31 -4.66
C GLN C 93 -24.39 47.21 -3.78
N ARG C 94 -25.00 47.87 -2.78
CA ARG C 94 -24.29 48.76 -1.88
C ARG C 94 -24.77 48.50 -0.46
N LEU C 95 -23.84 48.42 0.51
CA LEU C 95 -24.16 48.16 1.91
C LEU C 95 -23.16 48.88 2.81
N GLN C 96 -23.62 49.40 3.96
CA GLN C 96 -22.73 49.93 4.98
C GLN C 96 -23.17 49.41 6.34
N PHE C 97 -22.22 49.12 7.24
CA PHE C 97 -22.48 48.49 8.54
C PHE C 97 -21.29 48.71 9.47
N PRO C 98 -21.48 48.79 10.80
CA PRO C 98 -20.39 49.02 11.74
C PRO C 98 -19.59 47.76 12.02
N LEU C 99 -18.32 47.91 12.43
CA LEU C 99 -17.44 46.84 12.85
C LEU C 99 -18.08 46.05 13.98
N PRO C 100 -17.73 44.75 14.19
CA PRO C 100 -18.17 44.03 15.38
C PRO C 100 -17.53 44.65 16.62
N THR C 101 -18.23 44.54 17.76
CA THR C 101 -17.85 45.13 19.03
C THR C 101 -17.64 44.02 20.05
N ALA C 102 -17.28 44.41 21.29
CA ALA C 102 -17.04 43.44 22.35
C ALA C 102 -18.33 42.69 22.67
N GLN C 103 -19.45 43.43 22.61
CA GLN C 103 -20.75 42.93 23.06
C GLN C 103 -21.61 42.53 21.85
N ARG C 104 -21.09 42.73 20.63
CA ARG C 104 -21.93 42.69 19.43
C ARG C 104 -21.17 42.09 18.24
N SER C 105 -21.66 40.95 17.74
CA SER C 105 -21.11 40.29 16.57
C SER C 105 -21.74 40.84 15.29
N LEU C 106 -21.04 40.69 14.15
CA LEU C 106 -21.65 40.84 12.84
C LEU C 106 -22.66 39.72 12.60
N GLU C 107 -23.61 39.95 11.72
CA GLU C 107 -24.69 39.00 11.49
C GLU C 107 -24.90 38.78 9.99
N PRO C 108 -25.18 37.53 9.55
CA PRO C 108 -25.44 37.26 8.14
C PRO C 108 -26.81 37.80 7.74
N GLY C 109 -27.11 37.74 6.44
CA GLY C 109 -28.43 38.08 5.91
C GLY C 109 -28.36 38.93 4.65
N THR C 110 -28.76 40.21 4.80
CA THR C 110 -28.69 41.27 3.82
C THR C 110 -28.64 40.71 2.40
N PRO C 111 -27.65 41.10 1.54
CA PRO C 111 -27.55 40.61 0.16
C PRO C 111 -26.65 39.42 -0.19
N ARG C 112 -26.40 38.53 0.77
CA ARG C 112 -25.73 37.25 0.56
C ARG C 112 -24.26 37.42 0.16
N TRP C 113 -23.97 38.23 -0.87
CA TRP C 113 -22.61 38.52 -1.29
C TRP C 113 -21.77 38.90 -0.09
N ALA C 114 -22.35 39.79 0.72
CA ALA C 114 -21.67 40.44 1.82
C ALA C 114 -21.44 39.46 2.96
N ASN C 115 -22.14 38.32 3.00
CA ASN C 115 -22.00 37.36 4.09
C ASN C 115 -20.56 36.83 4.15
N TYR C 116 -19.96 36.64 2.97
CA TYR C 116 -18.60 36.13 2.85
C TYR C 116 -17.63 37.17 3.42
N VAL C 117 -17.85 38.43 3.05
CA VAL C 117 -17.03 39.55 3.53
C VAL C 117 -17.23 39.75 5.03
N LYS C 118 -18.49 39.73 5.49
CA LYS C 118 -18.83 39.96 6.88
C LYS C 118 -18.21 38.87 7.74
N GLY C 119 -18.32 37.62 7.25
CA GLY C 119 -17.78 36.47 7.95
C GLY C 119 -16.29 36.61 8.19
N VAL C 120 -15.54 37.03 7.16
CA VAL C 120 -14.09 37.19 7.26
C VAL C 120 -13.76 38.30 8.26
N ILE C 121 -14.50 39.42 8.21
CA ILE C 121 -14.36 40.47 9.22
C ILE C 121 -14.54 39.90 10.63
N GLN C 122 -15.62 39.11 10.84
CA GLN C 122 -15.98 38.63 12.17
C GLN C 122 -14.85 37.78 12.76
N TYR C 123 -14.23 36.95 11.92
CA TYR C 123 -13.23 35.99 12.41
C TYR C 123 -11.80 36.44 12.15
N TYR C 124 -11.61 37.68 11.66
CA TYR C 124 -10.27 38.20 11.42
C TYR C 124 -9.48 38.21 12.74
N PRO C 125 -8.30 37.56 12.79
CA PRO C 125 -7.60 37.33 14.06
C PRO C 125 -6.89 38.50 14.73
N ALA C 126 -6.64 39.60 14.01
CA ALA C 126 -5.75 40.64 14.52
C ALA C 126 -6.50 41.95 14.71
N ALA C 127 -5.93 42.83 15.57
CA ALA C 127 -6.50 44.11 15.98
C ALA C 127 -5.38 45.14 16.06
N PRO C 128 -5.65 46.47 15.94
CA PRO C 128 -7.00 46.98 15.73
C PRO C 128 -7.38 47.07 14.26
N LEU C 129 -8.55 46.52 13.91
CA LEU C 129 -9.05 46.53 12.54
C LEU C 129 -9.87 47.80 12.35
N PRO C 130 -9.47 48.73 11.45
CA PRO C 130 -10.25 49.93 11.18
C PRO C 130 -11.41 49.59 10.26
N GLY C 131 -12.32 50.55 10.06
CA GLY C 131 -13.32 50.46 9.01
C GLY C 131 -12.69 50.72 7.65
N PHE C 132 -13.48 50.52 6.57
CA PHE C 132 -12.97 50.70 5.22
C PHE C 132 -14.09 50.80 4.20
N SER C 133 -13.74 51.34 3.02
CA SER C 133 -14.56 51.37 1.83
C SER C 133 -13.92 50.46 0.79
N ALA C 134 -14.74 49.69 0.05
CA ALA C 134 -14.24 48.78 -0.98
C ALA C 134 -15.26 48.60 -2.10
N VAL C 135 -14.75 48.45 -3.34
CA VAL C 135 -15.48 47.92 -4.49
C VAL C 135 -15.02 46.48 -4.74
N VAL C 136 -15.97 45.59 -5.04
CA VAL C 136 -15.73 44.18 -5.34
C VAL C 136 -16.14 43.87 -6.77
N VAL C 137 -15.21 43.35 -7.58
CA VAL C 137 -15.49 42.83 -8.92
C VAL C 137 -14.95 41.41 -9.03
N SER C 138 -15.44 40.62 -10.00
CA SER C 138 -15.03 39.25 -10.19
C SER C 138 -15.29 38.80 -11.62
N SER C 139 -14.39 37.98 -12.16
CA SER C 139 -14.58 37.31 -13.44
C SER C 139 -14.90 35.83 -13.21
N VAL C 140 -14.96 35.42 -11.93
CA VAL C 140 -15.28 34.03 -11.62
C VAL C 140 -16.79 33.86 -11.71
N PRO C 141 -17.32 32.95 -12.56
CA PRO C 141 -18.76 32.76 -12.68
C PRO C 141 -19.30 32.21 -11.35
N LEU C 142 -20.44 32.72 -10.89
CA LEU C 142 -21.20 32.09 -9.81
C LEU C 142 -21.73 30.72 -10.25
N GLY C 143 -21.51 29.70 -9.43
CA GLY C 143 -22.27 28.47 -9.53
C GLY C 143 -21.70 27.48 -10.55
N GLY C 144 -20.53 27.80 -11.13
CA GLY C 144 -19.82 26.87 -12.02
C GLY C 144 -18.80 25.97 -11.30
N GLY C 145 -18.73 26.08 -9.98
CA GLY C 145 -17.79 25.30 -9.18
C GLY C 145 -16.34 25.70 -9.50
N LEU C 146 -16.10 26.99 -9.75
CA LEU C 146 -14.74 27.50 -9.93
C LEU C 146 -14.31 28.37 -8.75
N SER C 147 -15.01 28.21 -7.63
CA SER C 147 -14.65 28.69 -6.31
C SER C 147 -14.80 30.21 -6.24
N SER C 148 -15.93 30.75 -6.74
CA SER C 148 -16.15 32.18 -6.67
C SER C 148 -16.10 32.66 -5.21
N SER C 149 -16.69 31.88 -4.30
CA SER C 149 -16.79 32.33 -2.92
C SER C 149 -15.45 32.29 -2.19
N ALA C 150 -14.65 31.25 -2.46
CA ALA C 150 -13.31 31.21 -1.85
C ALA C 150 -12.48 32.40 -2.34
N SER C 151 -12.59 32.72 -3.63
CA SER C 151 -11.84 33.84 -4.16
C SER C 151 -12.27 35.13 -3.45
N LEU C 152 -13.57 35.27 -3.14
CA LEU C 152 -14.08 36.45 -2.46
C LEU C 152 -13.57 36.48 -1.02
N GLU C 153 -13.64 35.35 -0.32
CA GLU C 153 -13.17 35.27 1.05
C GLU C 153 -11.68 35.62 1.11
N VAL C 154 -10.89 35.02 0.21
CA VAL C 154 -9.45 35.21 0.28
C VAL C 154 -9.08 36.63 -0.13
N ALA C 155 -9.77 37.19 -1.14
CA ALA C 155 -9.51 38.56 -1.52
C ALA C 155 -9.83 39.48 -0.36
N THR C 156 -10.94 39.22 0.34
CA THR C 156 -11.32 40.02 1.48
C THR C 156 -10.24 39.95 2.55
N TYR C 157 -9.81 38.71 2.87
CA TYR C 157 -8.81 38.50 3.90
C TYR C 157 -7.52 39.26 3.57
N THR C 158 -7.10 39.19 2.30
CA THR C 158 -5.91 39.85 1.80
C THR C 158 -5.99 41.37 1.97
N PHE C 159 -7.20 41.93 1.74
CA PHE C 159 -7.45 43.34 1.93
C PHE C 159 -7.32 43.70 3.42
N LEU C 160 -7.93 42.89 4.29
CA LEU C 160 -7.86 43.15 5.73
C LEU C 160 -6.41 43.16 6.24
N GLN C 161 -5.57 42.31 5.64
CA GLN C 161 -4.16 42.22 6.01
C GLN C 161 -3.45 43.56 5.76
N GLN C 162 -3.86 44.26 4.70
CA GLN C 162 -3.32 45.58 4.40
C GLN C 162 -3.78 46.61 5.44
N LEU C 163 -5.01 46.45 5.96
CA LEU C 163 -5.54 47.37 6.96
C LEU C 163 -4.95 47.08 8.34
N CYS C 164 -4.72 45.79 8.63
CA CYS C 164 -4.25 45.39 9.94
C CYS C 164 -3.52 44.06 9.85
N PRO C 165 -2.18 44.06 9.59
CA PRO C 165 -1.43 42.81 9.43
C PRO C 165 -1.70 41.81 10.55
N ASP C 166 -1.89 40.54 10.17
CA ASP C 166 -1.96 39.44 11.12
C ASP C 166 -0.53 38.99 11.42
N SER C 167 -0.35 38.11 12.39
CA SER C 167 1.01 37.62 12.57
C SER C 167 1.02 36.11 12.33
N GLY C 168 0.22 35.68 11.35
CA GLY C 168 -0.32 34.33 11.32
C GLY C 168 0.27 33.45 10.23
N THR C 169 -0.37 32.29 10.01
CA THR C 169 0.10 31.25 9.11
C THR C 169 -0.93 31.06 8.00
N ILE C 170 -0.56 30.34 6.93
CA ILE C 170 -1.46 30.09 5.82
C ILE C 170 -2.69 29.32 6.29
N ALA C 171 -2.46 28.28 7.11
CA ALA C 171 -3.52 27.40 7.60
C ALA C 171 -4.52 28.21 8.43
N ALA C 172 -4.01 29.08 9.31
CA ALA C 172 -4.86 29.93 10.13
C ALA C 172 -5.73 30.82 9.24
N ARG C 173 -5.16 31.36 8.14
CA ARG C 173 -5.93 32.22 7.25
C ARG C 173 -7.02 31.40 6.56
N ALA C 174 -6.67 30.19 6.10
CA ALA C 174 -7.63 29.31 5.47
C ALA C 174 -8.77 28.99 6.43
N GLN C 175 -8.44 28.76 7.71
CA GLN C 175 -9.41 28.43 8.74
C GLN C 175 -10.40 29.58 8.97
N VAL C 176 -9.93 30.82 8.86
CA VAL C 176 -10.80 31.98 9.02
C VAL C 176 -11.82 32.01 7.88
N CYS C 177 -11.33 31.84 6.64
CA CYS C 177 -12.19 31.89 5.47
C CYS C 177 -13.23 30.77 5.53
N GLN C 178 -12.79 29.57 5.94
CA GLN C 178 -13.70 28.42 6.03
C GLN C 178 -14.73 28.65 7.14
N GLN C 179 -14.26 29.19 8.28
CA GLN C 179 -15.15 29.51 9.39
C GLN C 179 -16.23 30.50 8.92
N ALA C 180 -15.82 31.51 8.13
CA ALA C 180 -16.72 32.49 7.57
C ALA C 180 -17.78 31.80 6.72
N GLU C 181 -17.34 30.87 5.87
CA GLU C 181 -18.22 30.14 4.97
C GLU C 181 -19.27 29.36 5.76
N HIS C 182 -18.83 28.55 6.74
CA HIS C 182 -19.76 27.71 7.48
C HIS C 182 -20.72 28.59 8.27
N SER C 183 -20.16 29.50 9.07
CA SER C 183 -20.94 30.25 10.06
C SER C 183 -21.83 31.31 9.41
N PHE C 184 -21.40 31.84 8.26
CA PHE C 184 -22.14 32.92 7.62
C PHE C 184 -22.91 32.45 6.38
N ILE C 191 -11.78 23.35 2.91
CA ILE C 191 -10.42 23.79 3.34
C ILE C 191 -9.55 24.02 2.11
N MET C 192 -9.58 23.06 1.18
CA MET C 192 -8.67 23.05 0.04
C MET C 192 -8.86 24.26 -0.87
N ASP C 193 -10.11 24.74 -1.04
CA ASP C 193 -10.40 25.85 -1.92
C ASP C 193 -9.72 27.12 -1.46
N GLN C 194 -9.69 27.33 -0.14
CA GLN C 194 -9.01 28.48 0.42
C GLN C 194 -7.51 28.37 0.18
N PHE C 195 -6.97 27.15 0.32
CA PHE C 195 -5.54 26.91 0.17
C PHE C 195 -5.06 27.29 -1.23
N ILE C 196 -5.77 26.90 -2.30
CA ILE C 196 -5.28 27.16 -3.65
C ILE C 196 -5.38 28.67 -3.94
N SER C 197 -6.41 29.33 -3.40
CA SER C 197 -6.58 30.75 -3.67
C SER C 197 -5.43 31.54 -3.03
N LEU C 198 -5.03 31.12 -1.83
CA LEU C 198 -3.91 31.70 -1.10
C LEU C 198 -2.58 31.36 -1.78
N MET C 199 -2.38 30.10 -2.21
CA MET C 199 -1.05 29.55 -2.46
C MET C 199 -0.74 29.36 -3.94
N GLY C 200 -1.70 29.63 -4.83
CA GLY C 200 -1.47 29.41 -6.25
C GLY C 200 -0.25 30.18 -6.75
N GLN C 201 0.40 29.71 -7.82
CA GLN C 201 1.47 30.45 -8.49
C GLN C 201 1.35 30.20 -9.98
N LYS C 202 1.55 31.25 -10.79
CA LYS C 202 1.55 31.13 -12.23
C LYS C 202 2.46 29.97 -12.65
N GLY C 203 1.97 29.15 -13.59
CA GLY C 203 2.77 28.05 -14.15
C GLY C 203 2.99 26.87 -13.18
N HIS C 204 2.19 26.80 -12.11
CA HIS C 204 2.29 25.71 -11.14
C HIS C 204 0.91 25.12 -10.83
N ALA C 205 0.88 23.79 -10.61
CA ALA C 205 -0.26 23.18 -9.92
C ALA C 205 0.14 23.01 -8.45
N LEU C 206 -0.86 22.80 -7.58
CA LEU C 206 -0.61 22.57 -6.16
C LEU C 206 -1.05 21.15 -5.78
N LEU C 207 -0.11 20.35 -5.28
CA LEU C 207 -0.45 19.00 -4.79
C LEU C 207 -0.74 19.13 -3.29
N ILE C 208 -1.93 18.77 -2.87
CA ILE C 208 -2.28 18.85 -1.43
C ILE C 208 -2.56 17.46 -0.88
N ASP C 209 -1.81 17.07 0.15
CA ASP C 209 -2.06 15.78 0.83
C ASP C 209 -2.99 16.10 1.99
N CYS C 210 -4.21 15.58 1.94
CA CYS C 210 -5.24 15.88 2.96
C CYS C 210 -5.09 14.99 4.21
N ARG C 211 -4.17 14.03 4.22
CA ARG C 211 -4.00 13.20 5.44
C ARG C 211 -2.95 13.88 6.30
N SER C 212 -1.75 14.02 5.78
CA SER C 212 -0.68 14.76 6.46
C SER C 212 -0.74 16.05 5.68
N LEU C 213 -0.93 17.23 6.25
CA LEU C 213 -1.21 18.40 5.36
C LEU C 213 -0.02 18.98 4.59
N GLU C 214 0.72 18.18 3.83
CA GLU C 214 1.89 18.59 3.04
C GLU C 214 1.39 19.13 1.70
N THR C 215 2.06 20.15 1.21
CA THR C 215 1.75 20.78 -0.06
C THR C 215 3.02 20.86 -0.89
N SER C 216 2.86 20.70 -2.21
CA SER C 216 3.95 20.96 -3.13
C SER C 216 3.45 21.87 -4.23
N LEU C 217 4.27 22.84 -4.64
CA LEU C 217 4.05 23.58 -5.86
C LEU C 217 4.83 22.89 -6.97
N VAL C 218 4.08 22.34 -7.94
CA VAL C 218 4.67 21.55 -9.01
C VAL C 218 4.71 22.40 -10.28
N PRO C 219 5.92 22.77 -10.79
CA PRO C 219 6.04 23.54 -12.03
C PRO C 219 5.40 22.80 -13.21
N LEU C 220 4.73 23.57 -14.08
CA LEU C 220 4.25 23.11 -15.37
C LEU C 220 5.23 23.69 -16.38
N SER C 221 5.71 22.84 -17.29
CA SER C 221 6.91 23.19 -18.05
C SER C 221 6.64 23.34 -19.54
N ASP C 222 5.38 23.10 -19.97
CA ASP C 222 5.01 23.27 -21.38
C ASP C 222 4.04 24.44 -21.56
N PRO C 223 4.53 25.59 -22.08
CA PRO C 223 3.70 26.79 -22.14
C PRO C 223 2.64 26.76 -23.24
N LYS C 224 2.69 25.76 -24.12
CA LYS C 224 1.73 25.66 -25.19
C LYS C 224 0.49 24.88 -24.73
N LEU C 225 0.45 24.50 -23.42
CA LEU C 225 -0.68 23.72 -22.93
C LEU C 225 -1.62 24.60 -22.12
N ALA C 226 -2.94 24.34 -22.19
CA ALA C 226 -3.85 25.03 -21.29
C ALA C 226 -4.94 24.09 -20.79
N VAL C 227 -5.84 24.63 -19.95
CA VAL C 227 -7.12 24.00 -19.68
C VAL C 227 -8.24 24.83 -20.33
N LEU C 228 -9.14 24.09 -20.98
CA LEU C 228 -10.46 24.55 -21.38
C LEU C 228 -11.47 24.09 -20.34
N ILE C 229 -12.15 25.06 -19.73
CA ILE C 229 -13.25 24.81 -18.81
C ILE C 229 -14.53 24.97 -19.62
N THR C 230 -15.38 23.92 -19.59
CA THR C 230 -16.66 23.96 -20.26
C THR C 230 -17.77 23.87 -19.22
N ASN C 231 -18.58 24.92 -19.15
CA ASN C 231 -19.78 24.95 -18.32
C ASN C 231 -20.94 24.32 -19.12
N SER C 232 -21.48 23.21 -18.58
CA SER C 232 -22.66 22.53 -19.09
C SER C 232 -23.91 23.40 -18.97
N ASN C 233 -23.87 24.37 -18.05
CA ASN C 233 -24.96 25.29 -17.78
C ASN C 233 -26.20 24.52 -17.30
N VAL C 234 -25.97 23.35 -16.67
CA VAL C 234 -27.04 22.65 -15.96
C VAL C 234 -26.62 22.38 -14.52
N ARG C 235 -27.58 22.22 -13.59
CA ARG C 235 -27.34 21.63 -12.28
C ARG C 235 -28.60 20.88 -11.85
N HIS C 236 -28.51 19.54 -11.80
CA HIS C 236 -29.66 18.64 -11.71
C HIS C 236 -29.98 18.21 -10.28
N SER C 237 -29.02 18.40 -9.35
CA SER C 237 -29.20 17.97 -7.96
C SER C 237 -28.72 19.04 -6.98
N LEU C 238 -28.96 18.78 -5.68
CA LEU C 238 -28.42 19.52 -4.53
C LEU C 238 -27.22 18.76 -3.98
N ALA C 239 -26.14 19.49 -3.65
CA ALA C 239 -25.03 18.95 -2.87
C ALA C 239 -25.54 18.17 -1.65
N SER C 240 -26.54 18.73 -0.94
CA SER C 240 -27.06 18.17 0.29
C SER C 240 -27.73 16.81 0.08
N SER C 241 -28.30 16.59 -1.10
CA SER C 241 -28.94 15.34 -1.47
C SER C 241 -27.97 14.29 -1.96
N GLU C 242 -26.67 14.62 -2.17
CA GLU C 242 -25.75 13.69 -2.81
C GLU C 242 -24.50 13.41 -1.97
N TYR C 243 -23.92 14.45 -1.39
CA TYR C 243 -22.62 14.34 -0.72
C TYR C 243 -22.71 13.63 0.60
N PRO C 244 -23.62 13.96 1.54
CA PRO C 244 -23.65 13.32 2.86
C PRO C 244 -23.82 11.81 2.83
N VAL C 245 -24.65 11.32 1.91
CA VAL C 245 -24.90 9.89 1.78
C VAL C 245 -23.60 9.20 1.33
N ARG C 246 -22.91 9.78 0.35
CA ARG C 246 -21.63 9.23 -0.11
C ARG C 246 -20.59 9.24 1.01
N ARG C 247 -20.51 10.33 1.78
CA ARG C 247 -19.54 10.36 2.87
C ARG C 247 -19.84 9.24 3.86
N ARG C 248 -21.13 8.98 4.13
CA ARG C 248 -21.52 7.91 5.06
C ARG C 248 -21.17 6.54 4.48
N GLN C 249 -21.41 6.32 3.17
CA GLN C 249 -21.12 5.05 2.53
C GLN C 249 -19.62 4.76 2.58
N CYS C 250 -18.79 5.79 2.36
CA CYS C 250 -17.35 5.66 2.39
C CYS C 250 -16.88 5.30 3.80
N GLU C 251 -17.47 5.97 4.81
CA GLU C 251 -17.12 5.74 6.22
C GLU C 251 -17.39 4.27 6.60
N GLU C 252 -18.52 3.73 6.14
CA GLU C 252 -18.93 2.37 6.42
C GLU C 252 -17.92 1.37 5.88
N VAL C 253 -17.18 1.73 4.83
CA VAL C 253 -15.94 1.07 4.45
C VAL C 253 -14.87 1.36 5.53
N ALA C 254 -15.25 0.94 6.76
CA ALA C 254 -14.45 0.56 7.94
C ALA C 254 -14.90 -0.85 8.34
N ARG C 255 -15.89 -1.41 7.62
CA ARG C 255 -16.04 -2.85 7.45
C ARG C 255 -14.72 -3.48 6.98
N ALA C 256 -14.04 -2.83 6.02
CA ALA C 256 -13.07 -3.45 5.12
C ALA C 256 -11.68 -2.83 5.24
N LEU C 257 -10.78 -3.59 5.86
CA LEU C 257 -9.43 -3.16 6.24
C LEU C 257 -9.46 -2.57 7.63
N GLY C 258 -10.66 -2.47 8.23
CA GLY C 258 -10.80 -1.86 9.55
C GLY C 258 -9.93 -0.62 9.62
N ALA C 259 -10.21 0.34 8.73
CA ALA C 259 -9.33 1.48 8.52
C ALA C 259 -10.00 2.74 9.04
N ALA C 260 -9.18 3.69 9.50
CA ALA C 260 -9.63 5.01 9.90
C ALA C 260 -10.35 5.70 8.74
N SER C 261 -9.82 5.55 7.53
CA SER C 261 -10.30 6.29 6.36
C SER C 261 -9.96 5.50 5.10
N LEU C 262 -10.47 5.96 3.94
CA LEU C 262 -10.20 5.28 2.69
C LEU C 262 -8.75 5.48 2.24
N ARG C 263 -8.07 6.46 2.84
CA ARG C 263 -6.65 6.66 2.51
C ARG C 263 -5.86 5.42 2.89
N GLU C 264 -6.31 4.73 3.94
CA GLU C 264 -5.60 3.59 4.52
C GLU C 264 -6.01 2.30 3.83
N VAL C 265 -6.93 2.38 2.86
CA VAL C 265 -7.37 1.20 2.14
C VAL C 265 -6.61 1.12 0.82
N GLN C 266 -6.04 -0.06 0.53
CA GLN C 266 -5.41 -0.29 -0.77
C GLN C 266 -6.47 -0.85 -1.73
N LEU C 267 -6.40 -0.46 -3.00
CA LEU C 267 -7.36 -0.84 -4.01
C LEU C 267 -7.54 -2.37 -4.08
N GLU C 268 -6.43 -3.09 -4.03
CA GLU C 268 -6.46 -4.55 -4.19
C GLU C 268 -7.22 -5.15 -3.02
N GLU C 269 -7.00 -4.65 -1.80
CA GLU C 269 -7.74 -5.09 -0.63
C GLU C 269 -9.24 -4.85 -0.81
N LEU C 270 -9.59 -3.64 -1.28
CA LEU C 270 -10.98 -3.27 -1.45
C LEU C 270 -11.68 -4.22 -2.42
N GLU C 271 -11.04 -4.51 -3.56
CA GLU C 271 -11.65 -5.31 -4.61
C GLU C 271 -11.96 -6.73 -4.11
N ALA C 272 -11.25 -7.16 -3.06
CA ALA C 272 -11.38 -8.50 -2.50
C ALA C 272 -12.36 -8.50 -1.33
N ALA C 273 -12.95 -7.34 -0.98
CA ALA C 273 -13.80 -7.23 0.20
C ALA C 273 -15.24 -6.95 -0.21
N ARG C 274 -15.63 -7.40 -1.40
CA ARG C 274 -16.96 -7.14 -1.94
C ARG C 274 -18.07 -7.69 -1.04
N ASP C 275 -17.79 -8.78 -0.33
CA ASP C 275 -18.76 -9.42 0.55
C ASP C 275 -18.90 -8.68 1.87
N LEU C 276 -18.00 -7.74 2.17
CA LEU C 276 -17.97 -7.08 3.47
C LEU C 276 -18.84 -5.82 3.51
N VAL C 277 -19.29 -5.30 2.35
CA VAL C 277 -19.90 -4.00 2.26
C VAL C 277 -20.98 -4.03 1.17
N SER C 278 -21.80 -2.98 1.10
CA SER C 278 -22.91 -2.87 0.16
C SER C 278 -22.43 -2.77 -1.29
N LYS C 279 -23.34 -2.98 -2.24
CA LYS C 279 -23.09 -2.85 -3.66
C LYS C 279 -22.72 -1.40 -3.98
N GLU C 280 -23.52 -0.47 -3.43
CA GLU C 280 -23.35 0.94 -3.70
C GLU C 280 -22.11 1.47 -2.97
N GLY C 281 -21.99 1.08 -1.70
CA GLY C 281 -20.89 1.49 -0.85
C GLY C 281 -19.54 1.12 -1.48
N PHE C 282 -19.48 -0.11 -2.00
CA PHE C 282 -18.29 -0.63 -2.65
C PHE C 282 -17.84 0.32 -3.77
N ARG C 283 -18.81 0.70 -4.62
CA ARG C 283 -18.57 1.51 -5.79
C ARG C 283 -18.12 2.91 -5.38
N ARG C 284 -18.73 3.48 -4.32
CA ARG C 284 -18.37 4.82 -3.87
C ARG C 284 -16.92 4.80 -3.36
N ALA C 285 -16.61 3.79 -2.53
CA ALA C 285 -15.27 3.67 -1.96
C ALA C 285 -14.22 3.37 -3.05
N ARG C 286 -14.62 2.61 -4.06
CA ARG C 286 -13.71 2.29 -5.15
C ARG C 286 -13.33 3.54 -5.93
N HIS C 287 -14.29 4.46 -6.13
CA HIS C 287 -13.94 5.75 -6.72
C HIS C 287 -12.82 6.42 -5.92
N VAL C 288 -13.04 6.55 -4.61
CA VAL C 288 -12.15 7.33 -3.76
C VAL C 288 -10.77 6.69 -3.68
N VAL C 289 -10.70 5.39 -3.39
CA VAL C 289 -9.43 4.69 -3.28
C VAL C 289 -8.67 4.77 -4.60
N GLY C 290 -9.39 4.53 -5.70
CA GLY C 290 -8.82 4.57 -7.03
C GLY C 290 -8.30 5.98 -7.33
N GLU C 291 -9.08 6.99 -6.90
CA GLU C 291 -8.78 8.39 -7.20
C GLU C 291 -7.51 8.84 -6.48
N ILE C 292 -7.31 8.38 -5.24
CA ILE C 292 -6.11 8.72 -4.50
C ILE C 292 -4.89 8.20 -5.25
N ARG C 293 -4.96 6.94 -5.74
CA ARG C 293 -3.86 6.35 -6.49
C ARG C 293 -3.60 7.15 -7.77
N ARG C 294 -4.68 7.49 -8.51
CA ARG C 294 -4.58 8.20 -9.76
C ARG C 294 -3.93 9.59 -9.55
N THR C 295 -4.25 10.22 -8.41
CA THR C 295 -3.77 11.57 -8.15
C THR C 295 -2.25 11.53 -7.90
N ALA C 296 -1.79 10.53 -7.14
CA ALA C 296 -0.36 10.32 -6.96
C ALA C 296 0.30 10.07 -8.31
N GLN C 297 -0.30 9.24 -9.16
CA GLN C 297 0.25 8.97 -10.48
C GLN C 297 0.24 10.24 -11.34
N ALA C 298 -0.79 11.08 -11.17
CA ALA C 298 -0.90 12.32 -11.94
C ALA C 298 0.21 13.31 -11.56
N ALA C 299 0.47 13.42 -10.25
CA ALA C 299 1.56 14.23 -9.74
C ALA C 299 2.89 13.76 -10.34
N ALA C 300 3.12 12.44 -10.34
CA ALA C 300 4.33 11.86 -10.90
C ALA C 300 4.41 12.17 -12.38
N ALA C 301 3.29 12.11 -13.10
CA ALA C 301 3.28 12.46 -14.52
C ALA C 301 3.66 13.94 -14.70
N LEU C 302 3.18 14.82 -13.80
CA LEU C 302 3.58 16.22 -13.89
C LEU C 302 5.11 16.35 -13.77
N ARG C 303 5.70 15.59 -12.84
CA ARG C 303 7.11 15.67 -12.53
C ARG C 303 7.96 15.23 -13.72
N ARG C 304 7.47 14.27 -14.51
CA ARG C 304 8.15 13.77 -15.69
C ARG C 304 7.88 14.64 -16.91
N GLY C 305 7.00 15.65 -16.77
CA GLY C 305 6.53 16.42 -17.92
C GLY C 305 5.70 15.59 -18.91
N ASP C 306 5.09 14.50 -18.42
CA ASP C 306 4.32 13.60 -19.26
C ASP C 306 2.84 14.03 -19.21
N TYR C 307 2.53 15.07 -19.99
CA TYR C 307 1.19 15.68 -20.00
C TYR C 307 0.14 14.75 -20.63
N ARG C 308 0.56 13.93 -21.59
CA ARG C 308 -0.35 12.96 -22.21
C ARG C 308 -0.83 11.95 -21.17
N ALA C 309 0.08 11.49 -20.31
CA ALA C 309 -0.29 10.53 -19.27
C ALA C 309 -1.18 11.21 -18.23
N PHE C 310 -0.93 12.49 -17.94
CA PHE C 310 -1.78 13.27 -17.06
C PHE C 310 -3.21 13.28 -17.61
N GLY C 311 -3.33 13.57 -18.91
CA GLY C 311 -4.60 13.57 -19.66
C GLY C 311 -5.35 12.23 -19.52
N ARG C 312 -4.62 11.14 -19.72
CA ARG C 312 -5.20 9.80 -19.63
C ARG C 312 -5.74 9.57 -18.22
N LEU C 313 -4.97 10.03 -17.20
CA LEU C 313 -5.41 9.87 -15.83
C LEU C 313 -6.66 10.69 -15.55
N MET C 314 -6.76 11.87 -16.19
CA MET C 314 -7.98 12.65 -16.11
C MET C 314 -9.19 11.85 -16.62
N VAL C 315 -9.03 11.18 -17.76
CA VAL C 315 -10.12 10.42 -18.37
C VAL C 315 -10.52 9.27 -17.45
N GLU C 316 -9.52 8.57 -16.89
CA GLU C 316 -9.80 7.50 -15.94
C GLU C 316 -10.59 8.02 -14.74
N SER C 317 -10.26 9.24 -14.29
CA SER C 317 -10.97 9.88 -13.18
C SER C 317 -12.43 10.11 -13.56
N HIS C 318 -12.68 10.64 -14.77
CA HIS C 318 -14.05 10.85 -15.23
C HIS C 318 -14.86 9.56 -15.21
N ARG C 319 -14.29 8.48 -15.74
CA ARG C 319 -15.02 7.21 -15.86
C ARG C 319 -15.38 6.70 -14.47
N SER C 320 -14.46 6.86 -13.51
CA SER C 320 -14.67 6.49 -12.12
C SER C 320 -15.79 7.33 -11.50
N LEU C 321 -15.78 8.64 -11.77
CA LEU C 321 -16.81 9.54 -11.24
C LEU C 321 -18.17 9.19 -11.84
N ARG C 322 -18.17 8.83 -13.14
CA ARG C 322 -19.37 8.50 -13.88
C ARG C 322 -19.97 7.18 -13.40
N ASP C 323 -19.14 6.15 -13.25
CA ASP C 323 -19.62 4.78 -13.11
C ASP C 323 -19.62 4.35 -11.65
N ASP C 324 -18.61 4.78 -10.88
CA ASP C 324 -18.46 4.32 -9.50
C ASP C 324 -19.07 5.32 -8.52
N TYR C 325 -18.72 6.59 -8.66
CA TYR C 325 -19.22 7.59 -7.72
C TYR C 325 -20.61 8.03 -8.15
N GLU C 326 -20.90 7.92 -9.46
CA GLU C 326 -22.19 8.27 -10.03
C GLU C 326 -22.55 9.72 -9.70
N VAL C 327 -21.68 10.65 -10.09
CA VAL C 327 -21.93 12.06 -9.83
C VAL C 327 -21.80 12.83 -11.13
N SER C 328 -21.60 12.11 -12.23
CA SER C 328 -21.70 12.72 -13.55
C SER C 328 -23.17 12.81 -13.95
N CYS C 329 -23.40 13.22 -15.20
CA CYS C 329 -24.73 13.26 -15.80
C CYS C 329 -24.53 13.24 -17.33
N PRO C 330 -25.59 12.98 -18.13
CA PRO C 330 -25.44 12.87 -19.58
C PRO C 330 -24.75 14.09 -20.20
N GLU C 331 -25.07 15.29 -19.71
CA GLU C 331 -24.48 16.51 -20.23
C GLU C 331 -22.95 16.49 -20.05
N LEU C 332 -22.48 16.15 -18.84
CA LEU C 332 -21.04 16.12 -18.59
C LEU C 332 -20.39 15.03 -19.45
N ASP C 333 -21.04 13.86 -19.55
CA ASP C 333 -20.50 12.74 -20.30
C ASP C 333 -20.36 13.09 -21.77
N GLN C 334 -21.33 13.84 -22.28
CA GLN C 334 -21.34 14.27 -23.68
C GLN C 334 -20.21 15.28 -23.91
N LEU C 335 -20.03 16.21 -22.96
CA LEU C 335 -18.99 17.23 -23.09
C LEU C 335 -17.61 16.58 -23.11
N VAL C 336 -17.42 15.51 -22.32
CA VAL C 336 -16.15 14.80 -22.23
C VAL C 336 -15.89 14.06 -23.53
N GLU C 337 -16.89 13.29 -23.98
CA GLU C 337 -16.82 12.56 -25.25
C GLU C 337 -16.42 13.51 -26.39
N ALA C 338 -17.08 14.66 -26.46
CA ALA C 338 -16.85 15.63 -27.52
C ALA C 338 -15.41 16.12 -27.48
N ALA C 339 -14.90 16.40 -26.26
CA ALA C 339 -13.55 16.92 -26.07
C ALA C 339 -12.52 15.92 -26.57
N LEU C 340 -12.72 14.65 -26.24
CA LEU C 340 -11.74 13.61 -26.47
C LEU C 340 -11.61 13.28 -27.95
N ALA C 341 -12.59 13.73 -28.75
CA ALA C 341 -12.60 13.46 -30.19
C ALA C 341 -11.72 14.45 -30.94
N VAL C 342 -11.28 15.53 -30.26
CA VAL C 342 -10.57 16.62 -30.92
C VAL C 342 -9.06 16.41 -30.84
N PRO C 343 -8.32 16.45 -31.97
CA PRO C 343 -6.85 16.39 -31.94
C PRO C 343 -6.26 17.50 -31.08
N GLY C 344 -5.29 17.12 -30.23
CA GLY C 344 -4.63 18.09 -29.37
C GLY C 344 -5.19 18.12 -27.95
N VAL C 345 -6.29 17.40 -27.73
CA VAL C 345 -6.86 17.26 -26.40
C VAL C 345 -6.19 16.04 -25.76
N TYR C 346 -5.59 16.25 -24.57
CA TYR C 346 -4.90 15.17 -23.88
C TYR C 346 -5.84 14.42 -22.96
N GLY C 347 -6.81 15.13 -22.37
CA GLY C 347 -7.83 14.47 -21.53
C GLY C 347 -8.92 15.43 -21.08
N SER C 348 -9.99 14.90 -20.48
CA SER C 348 -11.10 15.73 -20.05
C SER C 348 -11.85 14.97 -18.95
N ARG C 349 -12.49 15.71 -18.03
CA ARG C 349 -13.26 15.08 -16.96
C ARG C 349 -14.22 16.11 -16.38
N MET C 350 -15.31 15.65 -15.77
CA MET C 350 -16.06 16.58 -14.93
C MET C 350 -15.17 17.07 -13.79
N THR C 351 -15.45 18.27 -13.27
CA THR C 351 -14.73 18.81 -12.13
C THR C 351 -15.76 19.38 -11.15
N GLY C 352 -15.43 19.33 -9.85
CA GLY C 352 -16.34 19.83 -8.83
C GLY C 352 -17.43 18.80 -8.51
N GLY C 353 -18.58 19.28 -8.05
CA GLY C 353 -19.57 18.46 -7.36
C GLY C 353 -20.34 17.52 -8.27
N GLY C 354 -20.43 17.84 -9.57
CA GLY C 354 -21.10 16.98 -10.54
C GLY C 354 -22.59 17.32 -10.71
N PHE C 355 -23.33 16.38 -11.34
CA PHE C 355 -24.74 16.54 -11.66
C PHE C 355 -24.95 17.78 -12.53
N GLY C 356 -23.92 18.20 -13.26
CA GLY C 356 -23.87 19.48 -13.94
C GLY C 356 -22.57 20.21 -13.62
N GLY C 357 -22.56 21.53 -13.76
CA GLY C 357 -21.35 22.32 -13.66
C GLY C 357 -20.42 22.10 -14.85
N CYS C 358 -19.11 22.06 -14.59
CA CYS C 358 -18.11 22.18 -15.64
C CYS C 358 -17.33 20.89 -15.88
N THR C 359 -16.76 20.78 -17.08
CA THR C 359 -15.66 19.87 -17.35
C THR C 359 -14.37 20.67 -17.44
N VAL C 360 -13.24 19.97 -17.22
CA VAL C 360 -11.93 20.54 -17.42
C VAL C 360 -11.21 19.66 -18.43
N THR C 361 -10.64 20.31 -19.46
CA THR C 361 -9.96 19.64 -20.55
C THR C 361 -8.52 20.16 -20.60
N LEU C 362 -7.54 19.25 -20.64
CA LEU C 362 -6.15 19.57 -20.89
C LEU C 362 -5.92 19.42 -22.39
N LEU C 363 -5.43 20.49 -23.05
CA LEU C 363 -5.24 20.46 -24.49
C LEU C 363 -4.13 21.43 -24.90
N GLU C 364 -3.56 21.20 -26.09
CA GLU C 364 -2.72 22.20 -26.72
C GLU C 364 -3.55 23.45 -26.98
N ALA C 365 -3.05 24.63 -26.59
CA ALA C 365 -3.79 25.88 -26.72
C ALA C 365 -4.20 26.12 -28.16
N SER C 366 -3.39 25.69 -29.13
CA SER C 366 -3.66 25.92 -30.55
C SER C 366 -4.88 25.13 -31.02
N ALA C 367 -5.28 24.13 -30.23
CA ALA C 367 -6.41 23.27 -30.55
C ALA C 367 -7.71 23.80 -29.92
N ALA C 368 -7.61 24.83 -29.08
CA ALA C 368 -8.76 25.33 -28.33
C ALA C 368 -9.90 25.76 -29.25
N PRO C 369 -9.66 26.53 -30.35
CA PRO C 369 -10.74 26.91 -31.27
C PRO C 369 -11.45 25.71 -31.89
N HIS C 370 -10.69 24.69 -32.29
CA HIS C 370 -11.29 23.47 -32.80
C HIS C 370 -12.09 22.77 -31.70
N ALA C 371 -11.58 22.79 -30.47
CA ALA C 371 -12.19 22.05 -29.37
C ALA C 371 -13.56 22.63 -29.04
N MET C 372 -13.61 23.97 -28.95
CA MET C 372 -14.81 24.69 -28.60
C MET C 372 -15.87 24.54 -29.71
N ARG C 373 -15.46 24.57 -30.98
CA ARG C 373 -16.39 24.38 -32.09
C ARG C 373 -17.01 23.00 -32.00
N HIS C 374 -16.19 21.95 -31.80
CA HIS C 374 -16.64 20.57 -31.83
C HIS C 374 -17.52 20.24 -30.61
N ILE C 375 -17.07 20.68 -29.43
CA ILE C 375 -17.83 20.49 -28.20
C ILE C 375 -19.20 21.13 -28.39
N GLN C 376 -19.20 22.41 -28.79
CA GLN C 376 -20.42 23.21 -28.85
C GLN C 376 -21.43 22.58 -29.81
N GLU C 377 -20.94 22.04 -30.94
CA GLU C 377 -21.80 21.50 -31.98
C GLU C 377 -22.34 20.14 -31.57
N HIS C 378 -21.58 19.41 -30.74
CA HIS C 378 -21.99 18.07 -30.33
C HIS C 378 -22.72 18.08 -28.98
N TYR C 379 -22.97 19.28 -28.42
CA TYR C 379 -23.63 19.42 -27.13
C TYR C 379 -25.06 19.93 -27.33
N GLY C 380 -26.01 19.24 -26.69
CA GLY C 380 -27.44 19.52 -26.80
C GLY C 380 -27.84 20.84 -26.14
N GLY C 381 -27.06 21.27 -25.12
CA GLY C 381 -27.31 22.52 -24.43
C GLY C 381 -26.51 23.65 -25.07
N THR C 382 -26.37 24.76 -24.34
CA THR C 382 -25.42 25.80 -24.73
C THR C 382 -24.27 25.78 -23.72
N ALA C 383 -23.09 25.44 -24.25
CA ALA C 383 -21.87 25.39 -23.45
C ALA C 383 -21.28 26.79 -23.37
N THR C 384 -20.70 27.10 -22.20
CA THR C 384 -19.90 28.30 -22.00
C THR C 384 -18.44 27.90 -21.76
N PHE C 385 -17.49 28.67 -22.31
CA PHE C 385 -16.08 28.28 -22.32
C PHE C 385 -15.19 29.32 -21.65
N TYR C 386 -14.17 28.84 -20.91
CA TYR C 386 -13.07 29.62 -20.40
C TYR C 386 -11.76 28.91 -20.76
N LEU C 387 -10.76 29.67 -21.20
CA LEU C 387 -9.41 29.19 -21.44
C LEU C 387 -8.48 29.74 -20.37
N SER C 388 -7.68 28.88 -19.74
CA SER C 388 -6.81 29.34 -18.67
C SER C 388 -5.54 28.50 -18.58
N GLN C 389 -4.41 29.16 -18.26
CA GLN C 389 -3.20 28.53 -17.76
C GLN C 389 -3.22 28.67 -16.24
N ALA C 390 -2.23 28.06 -15.56
CA ALA C 390 -2.08 28.16 -14.11
C ALA C 390 -1.80 29.61 -13.74
N ALA C 391 -2.50 30.13 -12.74
CA ALA C 391 -2.40 31.52 -12.34
C ALA C 391 -1.84 31.69 -10.93
N ASP C 392 -1.48 32.93 -10.59
CA ASP C 392 -1.07 33.36 -9.24
C ASP C 392 -2.21 33.26 -8.24
N GLY C 393 -1.84 33.12 -6.98
CA GLY C 393 -2.73 33.19 -5.83
C GLY C 393 -2.94 34.64 -5.42
N ALA C 394 -3.27 34.84 -4.14
CA ALA C 394 -3.67 36.16 -3.63
C ALA C 394 -2.54 37.17 -3.82
N LYS C 395 -2.85 38.38 -4.31
CA LYS C 395 -1.82 39.41 -4.45
C LYS C 395 -2.37 40.80 -4.16
N VAL C 396 -1.42 41.75 -4.02
CA VAL C 396 -1.65 43.12 -3.62
C VAL C 396 -0.98 44.03 -4.64
N LEU C 397 -1.66 45.13 -5.00
CA LEU C 397 -1.05 46.24 -5.72
C LEU C 397 -1.43 47.53 -5.01
N CYS C 398 -0.42 48.25 -4.51
CA CYS C 398 -0.65 49.56 -3.93
C CYS C 398 -0.96 50.55 -5.05
N LEU C 399 -2.00 51.37 -4.85
CA LEU C 399 -2.41 52.32 -5.87
C LEU C 399 -2.07 53.74 -5.40
N ALA D 9 23.07 35.48 25.71
CA ALA D 9 21.66 35.56 25.23
C ALA D 9 21.64 35.83 23.73
N ALA D 10 20.50 35.51 23.11
CA ALA D 10 20.29 35.70 21.68
C ALA D 10 20.07 37.18 21.38
N LEU D 11 20.75 37.72 20.35
CA LEU D 11 20.45 39.03 19.80
C LEU D 11 18.95 39.14 19.52
N ARG D 12 18.31 40.21 20.02
CA ARG D 12 16.93 40.51 19.69
C ARG D 12 16.76 40.61 18.17
N GLN D 13 15.57 40.21 17.74
CA GLN D 13 15.19 40.25 16.34
C GLN D 13 14.00 41.21 16.29
N PRO D 14 14.19 42.46 15.80
CA PRO D 14 13.07 43.39 15.68
C PRO D 14 11.98 42.82 14.77
N GLN D 15 10.71 42.96 15.19
CA GLN D 15 9.58 42.63 14.35
C GLN D 15 9.56 43.60 13.17
N VAL D 16 8.88 43.20 12.09
CA VAL D 16 8.75 44.02 10.90
C VAL D 16 8.19 45.41 11.28
N ALA D 17 7.19 45.46 12.15
CA ALA D 17 6.59 46.69 12.63
C ALA D 17 7.63 47.71 13.07
N GLU D 18 8.65 47.27 13.80
CA GLU D 18 9.69 48.14 14.34
C GLU D 18 10.61 48.63 13.21
N LEU D 19 10.95 47.71 12.31
CA LEU D 19 11.78 48.01 11.15
C LEU D 19 11.05 49.00 10.26
N LEU D 20 9.74 48.76 10.05
CA LEU D 20 8.89 49.61 9.23
C LEU D 20 8.87 51.03 9.80
N ALA D 21 8.67 51.15 11.11
CA ALA D 21 8.62 52.43 11.81
C ALA D 21 9.94 53.18 11.63
N GLU D 22 11.06 52.47 11.83
CA GLU D 22 12.37 53.08 11.67
C GLU D 22 12.54 53.56 10.23
N ALA D 23 12.12 52.73 9.27
CA ALA D 23 12.31 53.02 7.86
C ALA D 23 11.47 54.24 7.49
N ARG D 24 10.24 54.29 8.02
CA ARG D 24 9.26 55.33 7.73
C ARG D 24 9.77 56.69 8.22
N ARG D 25 10.33 56.72 9.43
CA ARG D 25 10.79 57.95 10.06
C ARG D 25 11.98 58.50 9.29
N ALA D 26 12.89 57.60 8.92
CA ALA D 26 14.08 57.97 8.14
C ALA D 26 13.63 58.53 6.81
N PHE D 27 12.68 57.88 6.16
CA PHE D 27 12.21 58.33 4.84
C PHE D 27 11.57 59.72 4.88
N ARG D 28 10.70 59.95 5.87
CA ARG D 28 9.97 61.23 6.02
C ARG D 28 10.99 62.34 6.25
N GLU D 29 11.99 62.07 7.07
CA GLU D 29 13.06 63.05 7.37
C GLU D 29 13.87 63.31 6.10
N GLU D 30 14.23 62.25 5.39
CA GLU D 30 15.12 62.34 4.23
C GLU D 30 14.44 63.00 3.03
N PHE D 31 13.17 62.67 2.76
CA PHE D 31 12.57 63.04 1.49
C PHE D 31 11.46 64.09 1.63
N GLY D 32 11.07 64.38 2.87
CA GLY D 32 10.10 65.44 3.17
C GLY D 32 8.64 65.03 3.00
N ALA D 33 8.38 63.72 2.83
CA ALA D 33 7.04 63.19 2.68
C ALA D 33 7.00 61.74 3.21
N GLU D 34 5.79 61.24 3.50
CA GLU D 34 5.61 59.86 3.90
C GLU D 34 5.84 58.95 2.70
N PRO D 35 6.44 57.76 2.88
CA PRO D 35 6.58 56.79 1.80
C PRO D 35 5.23 56.19 1.46
N GLU D 36 5.06 55.77 0.21
CA GLU D 36 3.82 55.23 -0.31
C GLU D 36 3.73 53.72 -0.10
N LEU D 37 4.88 53.04 0.02
CA LEU D 37 4.95 51.57 -0.01
C LEU D 37 6.04 51.07 0.93
N ALA D 38 5.79 49.89 1.54
CA ALA D 38 6.78 49.14 2.30
C ALA D 38 6.85 47.70 1.76
N VAL D 39 8.06 47.15 1.67
CA VAL D 39 8.25 45.73 1.40
C VAL D 39 9.25 45.18 2.41
N SER D 40 9.27 43.83 2.54
CA SER D 40 10.27 43.17 3.36
C SER D 40 10.64 41.85 2.67
N ALA D 41 11.86 41.40 2.90
CA ALA D 41 12.35 40.10 2.46
C ALA D 41 13.29 39.59 3.53
N PRO D 42 13.19 38.31 3.95
CA PRO D 42 14.02 37.79 5.04
C PRO D 42 15.39 37.30 4.57
N GLY D 43 16.32 37.20 5.54
CA GLY D 43 17.49 36.36 5.37
C GLY D 43 17.08 34.88 5.56
N ARG D 44 18.07 33.99 5.61
CA ARG D 44 17.78 32.57 5.66
C ARG D 44 18.87 31.81 6.40
N VAL D 45 18.49 30.64 6.93
CA VAL D 45 19.41 29.61 7.35
C VAL D 45 19.11 28.35 6.54
N ASN D 46 20.17 27.65 6.10
CA ASN D 46 19.98 26.40 5.39
C ASN D 46 20.09 25.26 6.41
N LEU D 47 19.03 24.48 6.58
CA LEU D 47 19.08 23.45 7.63
C LEU D 47 20.01 22.30 7.20
N ILE D 48 20.00 21.97 5.90
CA ILE D 48 20.83 20.93 5.33
C ILE D 48 20.72 21.04 3.81
N GLY D 49 21.72 20.49 3.10
CA GLY D 49 21.74 20.57 1.64
C GLY D 49 22.70 21.67 1.19
N GLU D 50 23.97 21.51 1.58
CA GLU D 50 24.96 22.54 1.35
C GLU D 50 25.79 22.24 0.11
N HIS D 51 26.02 23.29 -0.71
CA HIS D 51 26.72 23.22 -1.97
C HIS D 51 26.05 22.24 -2.92
N THR D 52 24.70 22.16 -2.81
CA THR D 52 23.92 21.33 -3.71
C THR D 52 23.12 22.16 -4.71
N ASP D 53 22.77 23.42 -4.39
CA ASP D 53 21.87 24.20 -5.25
C ASP D 53 22.42 24.32 -6.68
N TYR D 54 23.72 24.65 -6.81
CA TYR D 54 24.31 24.85 -8.14
C TYR D 54 24.66 23.51 -8.78
N ASN D 55 24.40 22.40 -8.05
CA ASN D 55 24.59 21.05 -8.58
C ASN D 55 23.24 20.41 -8.93
N GLN D 56 22.19 21.24 -9.04
CA GLN D 56 20.83 20.81 -9.33
C GLN D 56 20.31 19.84 -8.26
N GLY D 57 20.71 20.08 -7.00
CA GLY D 57 20.43 19.16 -5.91
C GLY D 57 19.20 19.59 -5.11
N LEU D 58 19.15 19.19 -3.83
CA LEU D 58 18.07 19.50 -2.91
C LEU D 58 18.63 20.37 -1.79
N VAL D 59 17.83 21.36 -1.35
CA VAL D 59 18.22 22.22 -0.25
C VAL D 59 17.01 22.32 0.67
N LEU D 60 17.25 22.51 1.96
CA LEU D 60 16.16 22.63 2.91
C LEU D 60 16.39 23.87 3.79
N PRO D 61 16.27 25.08 3.21
CA PRO D 61 16.36 26.31 4.00
C PRO D 61 15.07 26.69 4.72
N MET D 62 15.17 27.64 5.66
CA MET D 62 14.01 28.33 6.19
C MET D 62 14.32 29.84 6.23
N ALA D 63 13.28 30.65 6.02
CA ALA D 63 13.41 32.10 6.16
C ALA D 63 13.49 32.48 7.64
N LEU D 64 14.23 33.57 7.93
CA LEU D 64 14.47 34.00 9.30
C LEU D 64 13.62 35.22 9.64
N GLU D 65 13.51 35.50 10.94
CA GLU D 65 12.87 36.74 11.40
C GLU D 65 13.80 37.94 11.18
N LEU D 66 15.07 37.70 10.83
CA LEU D 66 15.95 38.77 10.38
C LEU D 66 15.61 39.11 8.94
N MET D 67 15.47 40.41 8.63
CA MET D 67 14.93 40.80 7.35
C MET D 67 15.43 42.19 6.93
N THR D 68 15.28 42.48 5.63
CA THR D 68 15.49 43.80 5.05
C THR D 68 14.13 44.40 4.72
N VAL D 69 13.93 45.69 5.07
CA VAL D 69 12.71 46.43 4.75
C VAL D 69 13.10 47.61 3.86
N LEU D 70 12.40 47.77 2.73
CA LEU D 70 12.46 48.97 1.92
C LEU D 70 11.13 49.69 2.07
N VAL D 71 11.20 51.02 2.25
CA VAL D 71 10.05 51.90 2.16
C VAL D 71 10.38 52.95 1.10
N GLY D 72 9.40 53.28 0.25
CA GLY D 72 9.67 54.23 -0.82
C GLY D 72 8.43 54.71 -1.56
N SER D 73 8.69 55.46 -2.63
CA SER D 73 7.68 56.10 -3.46
C SER D 73 8.20 56.21 -4.89
N PRO D 74 7.33 56.08 -5.92
CA PRO D 74 7.75 56.31 -7.29
C PRO D 74 8.10 57.79 -7.46
N ARG D 75 8.95 58.11 -8.44
CA ARG D 75 9.27 59.48 -8.83
C ARG D 75 8.87 59.66 -10.28
N LYS D 76 8.88 60.93 -10.75
CA LYS D 76 8.43 61.27 -12.09
C LYS D 76 9.61 61.54 -13.01
N ASP D 77 10.83 61.55 -12.46
CA ASP D 77 11.99 62.13 -13.13
C ASP D 77 13.00 61.07 -13.58
N GLY D 78 12.66 59.77 -13.45
CA GLY D 78 13.51 58.72 -14.00
C GLY D 78 14.82 58.51 -13.23
N LEU D 79 14.84 58.95 -11.98
CA LEU D 79 16.06 58.88 -11.17
C LEU D 79 15.80 58.01 -9.94
N VAL D 80 16.86 57.38 -9.44
CA VAL D 80 16.76 56.53 -8.26
C VAL D 80 17.53 57.18 -7.11
N SER D 81 16.85 57.38 -5.97
CA SER D 81 17.48 58.00 -4.80
C SER D 81 17.35 57.09 -3.58
N LEU D 82 18.49 56.66 -3.01
CA LEU D 82 18.53 55.65 -1.97
C LEU D 82 19.21 56.20 -0.72
N LEU D 83 18.73 55.74 0.44
CA LEU D 83 19.40 55.89 1.73
C LEU D 83 19.31 54.54 2.46
N THR D 84 20.42 54.11 3.05
CA THR D 84 20.41 52.99 3.99
C THR D 84 20.87 53.49 5.36
N THR D 85 20.29 52.90 6.43
CA THR D 85 20.68 53.20 7.80
C THR D 85 21.48 52.05 8.39
N SER D 86 21.76 51.01 7.58
CA SER D 86 22.38 49.81 8.10
C SER D 86 23.83 50.07 8.52
N GLU D 87 24.09 49.86 9.81
CA GLU D 87 25.44 49.72 10.34
C GLU D 87 26.06 48.53 9.60
N GLY D 88 27.28 48.76 9.09
CA GLY D 88 27.96 47.78 8.28
C GLY D 88 28.03 48.23 6.82
N ALA D 89 27.02 48.99 6.37
CA ALA D 89 26.99 49.44 4.98
C ALA D 89 28.19 50.34 4.72
N ASP D 90 28.79 50.26 3.53
CA ASP D 90 29.92 51.12 3.20
C ASP D 90 29.44 52.51 2.81
N GLU D 91 30.34 53.50 2.91
CA GLU D 91 30.04 54.90 2.68
C GLU D 91 30.04 55.19 1.17
N PRO D 92 29.23 56.14 0.65
CA PRO D 92 28.23 56.86 1.45
C PRO D 92 26.96 56.04 1.69
N GLN D 93 26.14 56.47 2.64
CA GLN D 93 24.89 55.80 2.96
C GLN D 93 23.76 56.26 2.04
N ARG D 94 24.10 57.15 1.09
CA ARG D 94 23.16 57.66 0.11
C ARG D 94 23.78 57.53 -1.28
N LEU D 95 22.92 57.24 -2.26
CA LEU D 95 23.34 57.20 -3.66
C LEU D 95 22.15 57.57 -4.52
N GLN D 96 22.43 58.35 -5.57
CA GLN D 96 21.44 58.64 -6.59
C GLN D 96 22.08 58.32 -7.95
N PHE D 97 21.23 57.86 -8.87
CA PHE D 97 21.66 57.52 -10.22
C PHE D 97 20.43 57.53 -11.11
N PRO D 98 20.59 57.81 -12.43
CA PRO D 98 19.48 57.71 -13.36
C PRO D 98 19.16 56.22 -13.62
N LEU D 99 17.90 55.93 -13.95
CA LEU D 99 17.53 54.60 -14.41
C LEU D 99 18.41 54.22 -15.60
N PRO D 100 18.73 52.92 -15.79
CA PRO D 100 19.41 52.48 -17.00
C PRO D 100 18.50 52.70 -18.21
N THR D 101 19.15 52.91 -19.37
CA THR D 101 18.51 53.02 -20.66
C THR D 101 19.16 52.04 -21.61
N ALA D 102 18.65 52.00 -22.86
CA ALA D 102 19.17 51.15 -23.91
C ALA D 102 20.65 51.43 -24.17
N GLN D 103 21.03 52.72 -24.09
CA GLN D 103 22.37 53.16 -24.47
C GLN D 103 23.30 53.22 -23.27
N ARG D 104 22.74 53.15 -22.04
CA ARG D 104 23.56 53.28 -20.84
C ARG D 104 23.03 52.38 -19.72
N SER D 105 23.85 51.38 -19.36
CA SER D 105 23.55 50.44 -18.29
C SER D 105 24.01 51.03 -16.96
N LEU D 106 23.42 50.54 -15.84
CA LEU D 106 24.00 50.75 -14.52
C LEU D 106 25.32 49.96 -14.46
N GLU D 107 26.24 50.43 -13.61
CA GLU D 107 27.51 49.73 -13.46
C GLU D 107 27.76 49.48 -11.98
N PRO D 108 28.37 48.33 -11.61
CA PRO D 108 28.73 48.10 -10.21
C PRO D 108 29.82 49.09 -9.80
N GLY D 109 29.86 49.46 -8.52
CA GLY D 109 30.86 50.39 -8.01
C GLY D 109 30.74 50.60 -6.52
N THR D 110 30.89 51.87 -6.12
CA THR D 110 30.92 52.33 -4.74
C THR D 110 29.70 53.22 -4.51
N PRO D 111 28.97 53.07 -3.39
CA PRO D 111 29.23 52.02 -2.39
C PRO D 111 28.69 50.65 -2.79
N ARG D 112 29.27 49.59 -2.19
CA ARG D 112 29.00 48.22 -2.59
C ARG D 112 27.55 47.81 -2.30
N TRP D 113 26.99 48.32 -1.18
CA TRP D 113 25.63 47.97 -0.81
C TRP D 113 24.66 48.31 -1.96
N ALA D 114 24.92 49.40 -2.69
CA ALA D 114 24.00 49.84 -3.74
C ALA D 114 24.05 48.93 -4.97
N ASN D 115 25.13 48.14 -5.09
CA ASN D 115 25.30 47.25 -6.25
C ASN D 115 24.15 46.24 -6.35
N TYR D 116 23.64 45.84 -5.17
CA TYR D 116 22.59 44.83 -5.11
C TYR D 116 21.30 45.41 -5.68
N VAL D 117 21.02 46.67 -5.30
CA VAL D 117 19.85 47.38 -5.80
C VAL D 117 19.98 47.64 -7.30
N LYS D 118 21.16 48.14 -7.72
CA LYS D 118 21.39 48.47 -9.12
C LYS D 118 21.23 47.21 -9.98
N GLY D 119 21.78 46.09 -9.50
CA GLY D 119 21.72 44.84 -10.23
C GLY D 119 20.28 44.39 -10.49
N VAL D 120 19.43 44.49 -9.46
CA VAL D 120 18.04 44.07 -9.61
C VAL D 120 17.31 45.01 -10.58
N ILE D 121 17.56 46.32 -10.45
CA ILE D 121 17.00 47.29 -11.39
C ILE D 121 17.42 46.94 -12.82
N GLN D 122 18.71 46.65 -13.02
CA GLN D 122 19.27 46.44 -14.34
C GLN D 122 18.58 45.26 -15.04
N TYR D 123 18.30 44.19 -14.28
CA TYR D 123 17.77 42.97 -14.87
C TYR D 123 16.26 42.81 -14.64
N TYR D 124 15.61 43.85 -14.10
CA TYR D 124 14.16 43.79 -13.88
C TYR D 124 13.45 43.58 -15.22
N PRO D 125 12.61 42.53 -15.37
CA PRO D 125 12.09 42.13 -16.68
C PRO D 125 10.98 42.98 -17.30
N ALA D 126 10.31 43.83 -16.51
CA ALA D 126 9.14 44.54 -17.01
C ALA D 126 9.40 46.04 -17.11
N ALA D 127 8.62 46.71 -17.97
CA ALA D 127 8.70 48.13 -18.30
C ALA D 127 7.28 48.67 -18.44
N PRO D 128 7.03 49.99 -18.23
CA PRO D 128 8.08 50.95 -17.88
C PRO D 128 8.31 51.03 -16.37
N LEU D 129 9.59 50.97 -15.99
CA LEU D 129 10.01 51.16 -14.62
C LEU D 129 10.24 52.65 -14.37
N PRO D 130 9.47 53.30 -13.46
CA PRO D 130 9.74 54.69 -13.11
C PRO D 130 10.92 54.76 -12.15
N GLY D 131 11.40 55.97 -11.89
CA GLY D 131 12.35 56.18 -10.81
C GLY D 131 11.65 56.11 -9.47
N PHE D 132 12.43 56.15 -8.38
CA PHE D 132 11.86 56.02 -7.06
C PHE D 132 12.84 56.52 -6.00
N SER D 133 12.27 56.88 -4.85
CA SER D 133 13.00 57.17 -3.62
C SER D 133 12.75 56.03 -2.65
N ALA D 134 13.81 55.58 -1.94
CA ALA D 134 13.70 54.46 -1.02
C ALA D 134 14.70 54.56 0.13
N VAL D 135 14.25 54.16 1.34
CA VAL D 135 15.12 53.89 2.48
C VAL D 135 15.17 52.38 2.71
N VAL D 136 16.37 51.86 3.01
CA VAL D 136 16.65 50.45 3.24
C VAL D 136 17.18 50.29 4.67
N VAL D 137 16.51 49.42 5.45
CA VAL D 137 17.00 49.00 6.75
C VAL D 137 17.02 47.46 6.79
N SER D 138 17.86 46.89 7.67
CA SER D 138 17.97 45.45 7.75
C SER D 138 18.41 45.03 9.16
N SER D 139 17.89 43.87 9.60
CA SER D 139 18.36 43.21 10.82
C SER D 139 19.21 42.00 10.46
N VAL D 140 19.40 41.76 9.14
CA VAL D 140 20.26 40.67 8.73
C VAL D 140 21.71 41.15 8.84
N PRO D 141 22.58 40.45 9.61
CA PRO D 141 23.95 40.92 9.82
C PRO D 141 24.64 40.91 8.46
N LEU D 142 25.24 42.05 8.08
CA LEU D 142 25.69 42.26 6.71
C LEU D 142 26.93 41.40 6.45
N GLY D 143 26.80 40.50 5.48
CA GLY D 143 27.86 39.56 5.15
C GLY D 143 28.16 38.51 6.22
N GLY D 144 27.21 38.28 7.15
CA GLY D 144 27.45 37.36 8.26
C GLY D 144 27.03 35.90 8.02
N GLY D 145 26.54 35.61 6.80
CA GLY D 145 26.29 34.24 6.38
C GLY D 145 24.81 33.87 6.31
N LEU D 146 23.92 34.84 6.54
CA LEU D 146 22.48 34.59 6.56
C LEU D 146 21.76 35.28 5.39
N SER D 147 22.52 35.55 4.32
CA SER D 147 22.01 35.98 3.02
C SER D 147 21.44 37.40 3.09
N SER D 148 22.22 38.32 3.68
CA SER D 148 21.82 39.72 3.72
C SER D 148 21.60 40.23 2.30
N SER D 149 22.47 39.82 1.36
CA SER D 149 22.40 40.37 0.01
C SER D 149 21.15 39.87 -0.73
N ALA D 150 20.82 38.58 -0.57
CA ALA D 150 19.60 38.05 -1.18
C ALA D 150 18.37 38.78 -0.62
N SER D 151 18.37 39.05 0.70
CA SER D 151 17.22 39.75 1.28
C SER D 151 17.09 41.15 0.66
N LEU D 152 18.24 41.80 0.37
CA LEU D 152 18.19 43.13 -0.23
C LEU D 152 17.72 43.04 -1.68
N GLU D 153 18.25 42.06 -2.42
CA GLU D 153 17.84 41.86 -3.79
C GLU D 153 16.34 41.56 -3.86
N VAL D 154 15.86 40.66 -3.00
CA VAL D 154 14.45 40.25 -3.07
C VAL D 154 13.54 41.39 -2.61
N ALA D 155 13.97 42.16 -1.61
CA ALA D 155 13.18 43.30 -1.18
C ALA D 155 13.10 44.30 -2.33
N THR D 156 14.23 44.52 -3.02
CA THR D 156 14.23 45.45 -4.15
C THR D 156 13.26 44.95 -5.21
N TYR D 157 13.36 43.65 -5.55
CA TYR D 157 12.52 43.07 -6.58
C TYR D 157 11.04 43.27 -6.24
N THR D 158 10.68 42.98 -4.98
CA THR D 158 9.32 43.10 -4.48
C THR D 158 8.80 44.54 -4.63
N PHE D 159 9.68 45.50 -4.36
CA PHE D 159 9.35 46.92 -4.52
C PHE D 159 9.11 47.25 -6.00
N LEU D 160 9.99 46.79 -6.88
CA LEU D 160 9.86 47.08 -8.30
C LEU D 160 8.55 46.52 -8.86
N GLN D 161 8.09 45.38 -8.31
CA GLN D 161 6.82 44.79 -8.72
C GLN D 161 5.66 45.74 -8.43
N GLN D 162 5.76 46.49 -7.33
CA GLN D 162 4.75 47.48 -6.98
C GLN D 162 4.80 48.68 -7.94
N LEU D 163 6.00 49.03 -8.43
CA LEU D 163 6.16 50.14 -9.36
C LEU D 163 5.74 49.73 -10.76
N CYS D 164 5.98 48.47 -11.12
CA CYS D 164 5.73 47.98 -12.47
C CYS D 164 5.57 46.45 -12.46
N PRO D 165 4.33 45.93 -12.23
CA PRO D 165 4.10 44.50 -12.08
C PRO D 165 4.76 43.70 -13.20
N ASP D 166 5.42 42.59 -12.80
CA ASP D 166 5.99 41.68 -13.77
C ASP D 166 4.89 40.68 -14.15
N SER D 167 5.15 39.79 -15.11
CA SER D 167 4.09 38.84 -15.35
C SER D 167 4.63 37.43 -15.20
N GLY D 168 5.57 37.26 -14.25
CA GLY D 168 6.39 36.07 -14.30
C GLY D 168 6.11 35.07 -13.18
N THR D 169 7.04 34.12 -13.05
CA THR D 169 7.02 33.08 -12.03
C THR D 169 8.00 33.48 -10.93
N ILE D 170 7.86 32.79 -9.79
CA ILE D 170 8.74 33.03 -8.66
C ILE D 170 10.18 32.71 -9.04
N ALA D 171 10.41 31.61 -9.77
CA ALA D 171 11.75 31.18 -10.17
C ALA D 171 12.43 32.24 -11.04
N ALA D 172 11.68 32.83 -11.99
CA ALA D 172 12.20 33.92 -12.80
C ALA D 172 12.63 35.10 -11.93
N ARG D 173 11.85 35.40 -10.89
CA ARG D 173 12.21 36.48 -9.97
C ARG D 173 13.50 36.15 -9.21
N ALA D 174 13.61 34.92 -8.72
CA ALA D 174 14.81 34.47 -8.04
C ALA D 174 16.01 34.58 -8.99
N GLN D 175 15.83 34.21 -10.25
CA GLN D 175 16.89 34.24 -11.25
C GLN D 175 17.39 35.67 -11.55
N VAL D 176 16.47 36.64 -11.50
CA VAL D 176 16.88 38.03 -11.69
C VAL D 176 17.76 38.47 -10.50
N CYS D 177 17.34 38.13 -9.29
CA CYS D 177 18.11 38.50 -8.11
C CYS D 177 19.46 37.79 -8.11
N GLN D 178 19.48 36.51 -8.52
CA GLN D 178 20.71 35.74 -8.69
C GLN D 178 21.62 36.41 -9.74
N GLN D 179 21.05 36.85 -10.86
CA GLN D 179 21.81 37.56 -11.88
C GLN D 179 22.46 38.81 -11.29
N ALA D 180 21.71 39.57 -10.48
CA ALA D 180 22.24 40.77 -9.82
C ALA D 180 23.44 40.40 -8.93
N GLU D 181 23.32 39.29 -8.20
CA GLU D 181 24.41 38.78 -7.37
C GLU D 181 25.65 38.46 -8.22
N HIS D 182 25.46 37.73 -9.33
CA HIS D 182 26.57 37.33 -10.17
C HIS D 182 27.27 38.54 -10.79
N SER D 183 26.46 39.44 -11.39
CA SER D 183 26.96 40.45 -12.32
C SER D 183 27.36 41.73 -11.59
N PHE D 184 26.66 42.04 -10.49
CA PHE D 184 26.86 43.31 -9.81
C PHE D 184 27.60 43.14 -8.48
N ALA D 185 27.72 41.89 -8.00
CA ALA D 185 28.43 41.67 -6.76
C ALA D 185 29.53 40.64 -6.96
N GLY D 186 29.64 40.11 -8.20
CA GLY D 186 30.69 39.18 -8.54
C GLY D 186 30.68 37.92 -7.67
N MET D 187 29.48 37.46 -7.27
CA MET D 187 29.34 36.25 -6.47
C MET D 187 28.41 35.29 -7.19
N PRO D 188 28.95 34.22 -7.81
CA PRO D 188 28.18 33.34 -8.70
C PRO D 188 27.36 32.31 -7.92
N CYS D 189 26.38 32.80 -7.16
CA CYS D 189 25.63 31.97 -6.23
C CYS D 189 24.65 31.09 -7.00
N GLY D 190 24.21 30.02 -6.34
CA GLY D 190 23.07 29.23 -6.81
C GLY D 190 21.76 29.95 -6.48
N ILE D 191 20.66 29.20 -6.59
CA ILE D 191 19.34 29.83 -6.54
C ILE D 191 18.80 29.89 -5.11
N MET D 192 19.43 29.17 -4.17
CA MET D 192 18.77 28.89 -2.89
C MET D 192 18.36 30.17 -2.18
N ASP D 193 19.30 31.11 -2.00
CA ASP D 193 19.09 32.19 -1.02
C ASP D 193 17.95 33.10 -1.48
N GLN D 194 17.92 33.39 -2.79
CA GLN D 194 16.89 34.23 -3.37
C GLN D 194 15.55 33.51 -3.31
N PHE D 195 15.56 32.20 -3.60
CA PHE D 195 14.34 31.42 -3.65
C PHE D 195 13.65 31.39 -2.27
N ILE D 196 14.43 31.17 -1.19
CA ILE D 196 13.84 31.05 0.12
C ILE D 196 13.36 32.42 0.59
N SER D 197 14.08 33.48 0.20
CA SER D 197 13.67 34.83 0.60
C SER D 197 12.31 35.14 0.00
N LEU D 198 12.09 34.73 -1.26
CA LEU D 198 10.81 34.89 -1.92
C LEU D 198 9.72 33.98 -1.34
N MET D 199 10.05 32.71 -1.07
CA MET D 199 9.03 31.66 -0.92
C MET D 199 8.80 31.20 0.53
N GLY D 200 9.59 31.71 1.47
CA GLY D 200 9.43 31.27 2.85
C GLY D 200 7.99 31.44 3.37
N GLN D 201 7.62 30.63 4.36
CA GLN D 201 6.34 30.77 5.05
C GLN D 201 6.55 30.52 6.54
N LYS D 202 5.92 31.35 7.37
CA LYS D 202 5.99 31.13 8.80
C LYS D 202 5.68 29.67 9.15
N GLY D 203 6.49 29.11 10.05
CA GLY D 203 6.29 27.79 10.62
C GLY D 203 6.70 26.67 9.65
N HIS D 204 7.39 27.03 8.55
CA HIS D 204 7.82 26.01 7.59
C HIS D 204 9.29 26.22 7.19
N ALA D 205 9.98 25.11 6.96
CA ALA D 205 11.12 25.06 6.06
C ALA D 205 10.62 24.82 4.64
N LEU D 206 11.48 25.05 3.65
CA LEU D 206 11.13 24.85 2.26
C LEU D 206 12.12 23.85 1.67
N LEU D 207 11.61 22.70 1.21
CA LEU D 207 12.43 21.79 0.44
C LEU D 207 12.41 22.25 -1.00
N ILE D 208 13.60 22.56 -1.53
CA ILE D 208 13.69 23.09 -2.88
C ILE D 208 14.45 22.08 -3.73
N ASP D 209 13.80 21.63 -4.80
CA ASP D 209 14.46 20.81 -5.79
C ASP D 209 15.04 21.78 -6.81
N CYS D 210 16.38 21.88 -6.84
CA CYS D 210 17.07 22.85 -7.65
C CYS D 210 17.27 22.36 -9.09
N ARG D 211 16.79 21.14 -9.40
CA ARG D 211 16.68 20.72 -10.78
C ARG D 211 15.32 21.14 -11.36
N SER D 212 14.25 20.67 -10.72
CA SER D 212 12.90 20.83 -11.25
C SER D 212 12.30 22.18 -10.86
N LEU D 213 12.80 22.76 -9.76
CA LEU D 213 12.29 23.99 -9.17
C LEU D 213 10.95 23.74 -8.49
N GLU D 214 10.61 22.48 -8.24
CA GLU D 214 9.53 22.14 -7.33
C GLU D 214 9.91 22.49 -5.89
N THR D 215 8.94 23.02 -5.13
CA THR D 215 9.16 23.40 -3.75
C THR D 215 8.06 22.78 -2.88
N SER D 216 8.43 22.38 -1.67
CA SER D 216 7.47 21.80 -0.76
C SER D 216 7.64 22.45 0.60
N LEU D 217 6.54 22.82 1.24
CA LEU D 217 6.59 23.41 2.57
C LEU D 217 6.57 22.32 3.64
N VAL D 218 7.56 22.30 4.55
CA VAL D 218 7.73 21.27 5.55
C VAL D 218 7.56 21.88 6.95
N PRO D 219 6.54 21.50 7.74
CA PRO D 219 6.32 22.08 9.08
C PRO D 219 7.54 22.04 10.00
N LEU D 220 7.74 23.16 10.71
CA LEU D 220 8.82 23.32 11.68
C LEU D 220 8.45 24.38 12.71
N SER D 221 7.67 24.00 13.76
CA SER D 221 7.19 24.97 14.74
C SER D 221 6.78 24.35 16.08
N ASP D 222 7.05 23.06 16.26
CA ASP D 222 6.98 22.36 17.54
C ASP D 222 7.70 23.18 18.63
N PRO D 223 7.04 23.61 19.72
CA PRO D 223 7.69 24.44 20.74
C PRO D 223 8.73 23.72 21.59
N LYS D 224 8.82 22.39 21.48
CA LYS D 224 9.87 21.65 22.17
C LYS D 224 11.20 21.72 21.39
N LEU D 225 11.15 22.28 20.17
CA LEU D 225 12.28 22.32 19.26
C LEU D 225 12.68 23.77 19.08
N ALA D 226 13.98 24.02 18.94
CA ALA D 226 14.48 25.33 18.55
C ALA D 226 15.57 25.19 17.49
N VAL D 227 15.75 26.26 16.72
CA VAL D 227 16.87 26.38 15.80
C VAL D 227 17.78 27.52 16.32
N LEU D 228 19.01 27.16 16.72
CA LEU D 228 19.99 28.11 17.22
C LEU D 228 21.02 28.36 16.12
N ILE D 229 21.11 29.62 15.71
CA ILE D 229 22.10 30.07 14.74
C ILE D 229 23.24 30.70 15.53
N THR D 230 24.48 30.27 15.27
CA THR D 230 25.66 30.87 15.87
C THR D 230 26.53 31.50 14.79
N ASN D 231 26.73 32.82 14.91
CA ASN D 231 27.65 33.56 14.06
C ASN D 231 29.06 33.49 14.64
N SER D 232 30.00 32.93 13.87
CA SER D 232 31.42 32.86 14.20
C SER D 232 32.05 34.25 14.21
N ASN D 233 31.42 35.21 13.52
CA ASN D 233 31.92 36.57 13.40
C ASN D 233 33.30 36.59 12.73
N VAL D 234 33.52 35.61 11.85
CA VAL D 234 34.72 35.48 11.06
C VAL D 234 34.25 35.25 9.62
N ARG D 235 35.04 35.79 8.68
CA ARG D 235 34.84 35.56 7.27
C ARG D 235 36.22 35.56 6.63
N HIS D 236 36.74 34.36 6.33
CA HIS D 236 38.00 34.22 5.62
C HIS D 236 37.76 34.60 4.16
N SER D 237 38.81 35.10 3.48
CA SER D 237 38.68 35.65 2.14
C SER D 237 38.27 34.54 1.19
N LEU D 238 38.69 33.30 1.50
CA LEU D 238 38.28 32.09 0.82
C LEU D 238 36.77 32.01 0.61
N ALA D 239 35.97 32.58 1.52
CA ALA D 239 34.52 32.57 1.37
C ALA D 239 34.15 33.11 -0.02
N SER D 240 34.84 34.18 -0.45
CA SER D 240 34.63 34.77 -1.77
C SER D 240 35.35 33.95 -2.83
N SER D 241 36.65 33.65 -2.62
CA SER D 241 37.51 33.24 -3.73
C SER D 241 37.35 31.75 -4.07
N GLU D 242 37.04 30.93 -3.06
CA GLU D 242 36.99 29.48 -3.23
C GLU D 242 35.61 29.00 -3.71
N TYR D 243 34.55 29.78 -3.48
CA TYR D 243 33.20 29.43 -3.90
C TYR D 243 33.19 29.13 -5.41
N PRO D 244 33.65 30.05 -6.29
CA PRO D 244 33.71 29.77 -7.73
C PRO D 244 34.59 28.59 -8.11
N VAL D 245 35.66 28.36 -7.34
CA VAL D 245 36.51 27.19 -7.53
C VAL D 245 35.70 25.90 -7.33
N ARG D 246 34.89 25.82 -6.27
CA ARG D 246 34.02 24.65 -6.03
C ARG D 246 33.06 24.45 -7.21
N ARG D 247 32.44 25.53 -7.70
CA ARG D 247 31.52 25.41 -8.82
C ARG D 247 32.24 24.80 -10.02
N ARG D 248 33.47 25.26 -10.27
CA ARG D 248 34.27 24.77 -11.39
C ARG D 248 34.64 23.31 -11.20
N GLN D 249 35.01 22.91 -9.98
CA GLN D 249 35.42 21.54 -9.71
C GLN D 249 34.24 20.60 -9.92
N CYS D 250 33.03 21.01 -9.49
CA CYS D 250 31.84 20.19 -9.67
C CYS D 250 31.53 20.04 -11.16
N GLU D 251 31.64 21.14 -11.91
CA GLU D 251 31.34 21.14 -13.34
C GLU D 251 32.26 20.17 -14.07
N GLU D 252 33.55 20.14 -13.69
CA GLU D 252 34.55 19.27 -14.29
C GLU D 252 34.18 17.80 -14.10
N VAL D 253 33.67 17.45 -12.92
CA VAL D 253 33.34 16.06 -12.62
C VAL D 253 32.12 15.63 -13.43
N ALA D 254 31.08 16.47 -13.46
CA ALA D 254 29.92 16.21 -14.31
C ALA D 254 30.31 16.00 -15.77
N ARG D 255 31.22 16.86 -16.27
CA ARG D 255 31.70 16.82 -17.64
C ARG D 255 32.37 15.48 -17.90
N ALA D 256 33.32 15.10 -17.04
CA ALA D 256 34.10 13.88 -17.16
C ALA D 256 33.23 12.63 -17.16
N LEU D 257 32.07 12.67 -16.47
CA LEU D 257 31.22 11.50 -16.30
C LEU D 257 30.13 11.48 -17.38
N GLY D 258 30.09 12.53 -18.20
CA GLY D 258 29.03 12.73 -19.17
C GLY D 258 27.65 12.92 -18.53
N ALA D 259 27.64 13.66 -17.41
CA ALA D 259 26.39 13.94 -16.71
C ALA D 259 26.07 15.41 -16.86
N ALA D 260 24.77 15.72 -17.02
CA ALA D 260 24.28 17.08 -17.06
C ALA D 260 24.63 17.80 -15.76
N SER D 261 24.55 17.09 -14.62
CA SER D 261 24.90 17.63 -13.32
C SER D 261 25.18 16.49 -12.36
N LEU D 262 25.65 16.81 -11.15
CA LEU D 262 25.93 15.80 -10.14
C LEU D 262 24.65 15.23 -9.56
N ARG D 263 23.49 15.88 -9.82
CA ARG D 263 22.21 15.32 -9.42
C ARG D 263 22.01 13.95 -10.08
N GLU D 264 22.57 13.77 -11.27
CA GLU D 264 22.37 12.56 -12.07
C GLU D 264 23.36 11.47 -11.63
N VAL D 265 24.30 11.81 -10.74
CA VAL D 265 25.39 10.91 -10.37
C VAL D 265 25.11 10.34 -8.97
N GLN D 266 25.26 9.03 -8.82
CA GLN D 266 25.24 8.38 -7.51
C GLN D 266 26.65 7.92 -7.14
N LEU D 267 26.87 7.61 -5.85
CA LEU D 267 28.18 7.26 -5.31
C LEU D 267 28.78 6.07 -6.07
N GLU D 268 27.96 5.08 -6.43
CA GLU D 268 28.42 3.89 -7.14
C GLU D 268 29.05 4.29 -8.48
N GLU D 269 28.39 5.20 -9.20
CA GLU D 269 28.88 5.69 -10.49
C GLU D 269 30.20 6.43 -10.29
N LEU D 270 30.24 7.28 -9.26
CA LEU D 270 31.43 8.08 -8.97
C LEU D 270 32.64 7.18 -8.71
N GLU D 271 32.46 6.13 -7.90
CA GLU D 271 33.56 5.26 -7.51
C GLU D 271 34.10 4.50 -8.72
N ALA D 272 33.23 4.27 -9.72
CA ALA D 272 33.58 3.47 -10.89
C ALA D 272 34.31 4.31 -11.93
N ALA D 273 34.21 5.65 -11.80
CA ALA D 273 34.89 6.59 -12.67
C ALA D 273 35.93 7.37 -11.87
N ARG D 274 36.49 6.74 -10.82
CA ARG D 274 37.49 7.37 -9.98
C ARG D 274 38.73 7.78 -10.77
N ASP D 275 39.05 7.04 -11.85
CA ASP D 275 40.23 7.30 -12.65
C ASP D 275 39.97 8.42 -13.65
N LEU D 276 38.71 8.91 -13.74
CA LEU D 276 38.36 9.96 -14.69
C LEU D 276 38.48 11.35 -14.08
N VAL D 277 38.73 11.44 -12.76
CA VAL D 277 38.73 12.72 -12.05
C VAL D 277 39.91 12.78 -11.08
N SER D 278 40.27 14.00 -10.66
CA SER D 278 41.30 14.24 -9.68
C SER D 278 40.87 13.71 -8.31
N LYS D 279 41.83 13.61 -7.37
CA LYS D 279 41.54 13.18 -6.01
C LYS D 279 40.60 14.18 -5.33
N GLU D 280 40.87 15.47 -5.54
CA GLU D 280 40.05 16.53 -4.99
C GLU D 280 38.67 16.56 -5.66
N GLY D 281 38.60 16.46 -6.98
CA GLY D 281 37.33 16.35 -7.69
C GLY D 281 36.42 15.25 -7.13
N PHE D 282 37.05 14.08 -6.91
CA PHE D 282 36.34 12.92 -6.37
C PHE D 282 35.70 13.26 -5.03
N ARG D 283 36.49 13.91 -4.14
CA ARG D 283 36.06 14.29 -2.80
C ARG D 283 34.91 15.32 -2.86
N ARG D 284 34.99 16.27 -3.79
CA ARG D 284 33.96 17.29 -3.93
C ARG D 284 32.66 16.62 -4.35
N ALA D 285 32.74 15.74 -5.36
CA ALA D 285 31.57 15.06 -5.88
C ALA D 285 30.97 14.09 -4.85
N ARG D 286 31.84 13.48 -4.03
CA ARG D 286 31.36 12.57 -3.00
C ARG D 286 30.49 13.33 -1.99
N HIS D 287 30.97 14.52 -1.58
CA HIS D 287 30.18 15.40 -0.72
C HIS D 287 28.82 15.67 -1.35
N VAL D 288 28.81 16.08 -2.63
CA VAL D 288 27.59 16.58 -3.28
C VAL D 288 26.54 15.48 -3.36
N VAL D 289 26.95 14.33 -3.91
CA VAL D 289 26.10 13.18 -4.05
C VAL D 289 25.54 12.75 -2.69
N GLY D 290 26.44 12.68 -1.70
CA GLY D 290 26.05 12.31 -0.35
C GLY D 290 25.04 13.32 0.23
N GLU D 291 25.28 14.61 -0.06
CA GLU D 291 24.49 15.70 0.52
C GLU D 291 23.06 15.69 -0.02
N ILE D 292 22.92 15.40 -1.31
CA ILE D 292 21.60 15.30 -1.93
C ILE D 292 20.80 14.20 -1.22
N ARG D 293 21.45 13.04 -0.99
CA ARG D 293 20.80 11.93 -0.32
C ARG D 293 20.40 12.31 1.10
N ARG D 294 21.32 12.97 1.84
CA ARG D 294 21.07 13.35 3.23
C ARG D 294 19.88 14.31 3.30
N THR D 295 19.76 15.20 2.30
CA THR D 295 18.70 16.21 2.33
C THR D 295 17.34 15.55 2.15
N ALA D 296 17.25 14.59 1.21
CA ALA D 296 16.04 13.80 1.05
C ALA D 296 15.71 13.07 2.35
N GLN D 297 16.72 12.43 2.97
CA GLN D 297 16.51 11.71 4.22
C GLN D 297 16.08 12.69 5.32
N ALA D 298 16.67 13.90 5.30
CA ALA D 298 16.40 14.89 6.33
C ALA D 298 14.96 15.40 6.23
N ALA D 299 14.51 15.68 5.01
CA ALA D 299 13.13 16.09 4.76
C ALA D 299 12.18 15.04 5.32
N ALA D 300 12.43 13.75 5.00
CA ALA D 300 11.59 12.67 5.48
C ALA D 300 11.58 12.66 7.01
N ALA D 301 12.78 12.82 7.61
CA ALA D 301 12.88 12.81 9.06
C ALA D 301 12.09 13.97 9.66
N LEU D 302 12.17 15.16 9.04
CA LEU D 302 11.50 16.33 9.59
C LEU D 302 9.99 16.07 9.60
N ARG D 303 9.49 15.48 8.51
CA ARG D 303 8.07 15.27 8.31
C ARG D 303 7.51 14.36 9.42
N ARG D 304 8.30 13.35 9.81
CA ARG D 304 7.81 12.41 10.80
C ARG D 304 8.19 12.84 12.21
N GLY D 305 8.78 14.03 12.34
CA GLY D 305 9.15 14.56 13.65
C GLY D 305 10.30 13.78 14.28
N ASP D 306 11.13 13.12 13.46
CA ASP D 306 12.31 12.42 13.94
C ASP D 306 13.52 13.37 13.95
N TYR D 307 13.58 14.20 14.99
CA TYR D 307 14.59 15.21 15.17
C TYR D 307 15.97 14.60 15.42
N ARG D 308 16.00 13.46 16.12
CA ARG D 308 17.26 12.78 16.41
C ARG D 308 17.93 12.37 15.10
N ALA D 309 17.12 11.81 14.19
CA ALA D 309 17.64 11.38 12.90
C ALA D 309 18.08 12.60 12.07
N PHE D 310 17.27 13.66 12.13
CA PHE D 310 17.55 14.90 11.42
C PHE D 310 18.91 15.44 11.87
N GLY D 311 19.08 15.47 13.19
CA GLY D 311 20.31 15.94 13.81
C GLY D 311 21.53 15.13 13.39
N ARG D 312 21.39 13.80 13.36
CA ARG D 312 22.48 12.94 12.92
C ARG D 312 22.87 13.31 11.49
N LEU D 313 21.85 13.52 10.64
CA LEU D 313 22.11 13.85 9.24
C LEU D 313 22.80 15.20 9.13
N MET D 314 22.43 16.15 10.01
CA MET D 314 23.13 17.43 10.06
C MET D 314 24.62 17.24 10.34
N VAL D 315 24.95 16.38 11.32
CA VAL D 315 26.33 16.18 11.71
C VAL D 315 27.08 15.54 10.55
N GLU D 316 26.46 14.55 9.87
CA GLU D 316 27.08 13.94 8.71
C GLU D 316 27.35 14.99 7.62
N SER D 317 26.44 15.96 7.46
CA SER D 317 26.61 17.06 6.52
C SER D 317 27.84 17.89 6.88
N HIS D 318 27.98 18.24 8.17
CA HIS D 318 29.15 18.99 8.62
C HIS D 318 30.46 18.28 8.26
N ARG D 319 30.52 16.98 8.60
CA ARG D 319 31.73 16.19 8.44
C ARG D 319 32.13 16.13 6.98
N SER D 320 31.12 15.99 6.11
CA SER D 320 31.30 15.91 4.68
C SER D 320 31.82 17.25 4.15
N LEU D 321 31.23 18.36 4.64
CA LEU D 321 31.64 19.68 4.22
C LEU D 321 33.09 19.94 4.69
N ARG D 322 33.42 19.46 5.90
CA ARG D 322 34.73 19.66 6.50
C ARG D 322 35.79 18.86 5.75
N ASP D 323 35.52 17.57 5.48
CA ASP D 323 36.56 16.63 5.05
C ASP D 323 36.59 16.46 3.54
N ASP D 324 35.41 16.41 2.90
CA ASP D 324 35.34 16.14 1.47
C ASP D 324 35.26 17.44 0.67
N TYR D 325 34.40 18.38 1.10
CA TYR D 325 34.24 19.59 0.32
C TYR D 325 35.26 20.64 0.75
N GLU D 326 35.74 20.52 1.99
CA GLU D 326 36.77 21.40 2.55
C GLU D 326 36.35 22.85 2.47
N VAL D 327 35.21 23.18 3.10
CA VAL D 327 34.72 24.55 3.11
C VAL D 327 34.42 24.97 4.53
N SER D 328 34.77 24.10 5.48
CA SER D 328 34.74 24.53 6.88
C SER D 328 36.05 25.27 7.18
N CYS D 329 36.21 25.64 8.44
CA CYS D 329 37.41 26.28 8.95
C CYS D 329 37.45 26.00 10.46
N PRO D 330 38.61 26.22 11.14
CA PRO D 330 38.73 25.92 12.57
C PRO D 330 37.63 26.55 13.41
N GLU D 331 37.24 27.79 13.07
CA GLU D 331 36.23 28.50 13.83
C GLU D 331 34.91 27.73 13.79
N LEU D 332 34.48 27.35 12.57
CA LEU D 332 33.20 26.67 12.42
C LEU D 332 33.29 25.30 13.11
N ASP D 333 34.42 24.60 12.94
CA ASP D 333 34.56 23.26 13.48
C ASP D 333 34.50 23.29 15.00
N GLN D 334 35.05 24.35 15.60
CA GLN D 334 35.05 24.51 17.05
C GLN D 334 33.62 24.76 17.52
N LEU D 335 32.88 25.61 16.79
CA LEU D 335 31.51 25.92 17.17
C LEU D 335 30.64 24.67 17.13
N VAL D 336 30.87 23.81 16.14
CA VAL D 336 30.06 22.61 15.92
C VAL D 336 30.37 21.61 17.05
N GLU D 337 31.67 21.36 17.27
CA GLU D 337 32.12 20.46 18.34
C GLU D 337 31.51 20.89 19.67
N ALA D 338 31.55 22.19 19.97
CA ALA D 338 30.99 22.72 21.20
C ALA D 338 29.49 22.41 21.31
N ALA D 339 28.75 22.61 20.21
CA ALA D 339 27.31 22.41 20.20
C ALA D 339 26.96 20.94 20.46
N LEU D 340 27.73 20.03 19.87
CA LEU D 340 27.44 18.61 19.92
C LEU D 340 27.70 18.05 21.33
N ALA D 341 28.42 18.80 22.15
CA ALA D 341 28.78 18.41 23.50
C ALA D 341 27.67 18.77 24.48
N VAL D 342 26.65 19.51 24.03
CA VAL D 342 25.61 20.02 24.92
C VAL D 342 24.42 19.06 24.94
N PRO D 343 23.96 18.61 26.14
CA PRO D 343 22.78 17.76 26.22
C PRO D 343 21.56 18.46 25.63
N GLY D 344 20.77 17.74 24.83
CA GLY D 344 19.56 18.28 24.25
C GLY D 344 19.75 18.80 22.82
N VAL D 345 21.00 18.83 22.35
CA VAL D 345 21.32 19.19 20.97
C VAL D 345 21.16 17.94 20.11
N TYR D 346 20.36 18.04 19.03
CA TYR D 346 20.17 16.90 18.15
C TYR D 346 21.28 16.85 17.09
N GLY D 347 21.69 18.03 16.60
CA GLY D 347 22.82 18.10 15.68
C GLY D 347 23.17 19.55 15.36
N SER D 348 24.30 19.72 14.67
CA SER D 348 24.85 21.05 14.39
C SER D 348 25.77 20.90 13.19
N ARG D 349 25.90 21.98 12.41
CA ARG D 349 26.71 21.98 11.20
C ARG D 349 26.92 23.44 10.76
N MET D 350 27.99 23.68 10.01
CA MET D 350 28.08 24.97 9.32
C MET D 350 26.86 25.11 8.39
N THR D 351 26.47 26.36 8.12
CA THR D 351 25.41 26.66 7.19
C THR D 351 25.92 27.70 6.18
N GLY D 352 25.38 27.70 4.97
CA GLY D 352 25.80 28.62 3.94
C GLY D 352 27.10 28.18 3.28
N GLY D 353 27.87 29.16 2.75
CA GLY D 353 28.98 28.89 1.85
C GLY D 353 30.21 28.30 2.55
N GLY D 354 30.42 28.66 3.82
CA GLY D 354 31.59 28.15 4.54
C GLY D 354 32.68 29.20 4.72
N PHE D 355 33.82 28.76 5.27
CA PHE D 355 34.99 29.61 5.53
C PHE D 355 34.65 30.75 6.48
N GLY D 356 33.69 30.50 7.37
CA GLY D 356 33.19 31.52 8.26
C GLY D 356 31.67 31.53 8.29
N GLY D 357 31.08 32.65 8.73
CA GLY D 357 29.64 32.75 8.86
C GLY D 357 29.13 31.96 10.06
N CYS D 358 27.97 31.32 9.86
CA CYS D 358 27.19 30.78 10.96
C CYS D 358 27.19 29.25 10.98
N THR D 359 26.88 28.68 12.14
CA THR D 359 26.44 27.30 12.25
C THR D 359 24.94 27.32 12.56
N VAL D 360 24.30 26.17 12.30
CA VAL D 360 22.91 25.97 12.67
C VAL D 360 22.85 24.71 13.54
N THR D 361 22.11 24.80 14.64
CA THR D 361 21.97 23.73 15.62
C THR D 361 20.47 23.48 15.81
N LEU D 362 20.06 22.22 15.71
CA LEU D 362 18.72 21.80 16.10
C LEU D 362 18.80 21.23 17.52
N LEU D 363 17.95 21.71 18.43
CA LEU D 363 18.03 21.29 19.83
C LEU D 363 16.68 21.44 20.53
N GLU D 364 16.50 20.71 21.65
CA GLU D 364 15.34 20.92 22.52
C GLU D 364 15.38 22.37 23.01
N ALA D 365 14.24 23.05 22.94
CA ALA D 365 14.10 24.46 23.24
C ALA D 365 14.73 24.81 24.61
N SER D 366 14.51 23.93 25.60
CA SER D 366 14.90 24.18 26.97
C SER D 366 16.42 24.17 27.12
N ALA D 367 17.12 23.62 26.11
CA ALA D 367 18.56 23.47 26.14
C ALA D 367 19.26 24.70 25.55
N ALA D 368 18.50 25.61 24.91
CA ALA D 368 19.10 26.72 24.18
C ALA D 368 20.01 27.57 25.06
N PRO D 369 19.59 28.00 26.28
CA PRO D 369 20.44 28.81 27.14
C PRO D 369 21.74 28.12 27.56
N HIS D 370 21.66 26.81 27.84
CA HIS D 370 22.86 26.05 28.15
C HIS D 370 23.76 25.96 26.92
N ALA D 371 23.15 25.84 25.73
CA ALA D 371 23.93 25.71 24.51
C ALA D 371 24.77 26.96 24.27
N MET D 372 24.14 28.13 24.44
CA MET D 372 24.77 29.41 24.19
C MET D 372 25.91 29.67 25.19
N ARG D 373 25.70 29.30 26.47
CA ARG D 373 26.75 29.46 27.47
C ARG D 373 27.97 28.62 27.08
N HIS D 374 27.74 27.34 26.75
CA HIS D 374 28.80 26.38 26.47
C HIS D 374 29.54 26.70 25.17
N ILE D 375 28.79 27.03 24.12
CA ILE D 375 29.38 27.37 22.84
C ILE D 375 30.30 28.57 23.02
N GLN D 376 29.79 29.62 23.67
CA GLN D 376 30.56 30.85 23.86
C GLN D 376 31.86 30.60 24.61
N GLU D 377 31.80 29.73 25.64
CA GLU D 377 32.92 29.47 26.52
C GLU D 377 33.95 28.60 25.81
N HIS D 378 33.51 27.76 24.87
CA HIS D 378 34.41 26.92 24.12
C HIS D 378 34.89 27.57 22.83
N TYR D 379 34.40 28.79 22.53
CA TYR D 379 34.75 29.44 21.27
C TYR D 379 35.82 30.49 21.50
N GLY D 380 36.92 30.36 20.75
CA GLY D 380 38.09 31.22 20.86
C GLY D 380 37.81 32.65 20.39
N GLY D 381 36.83 32.82 19.49
CA GLY D 381 36.42 34.13 19.00
C GLY D 381 35.27 34.69 19.85
N THR D 382 34.47 35.63 19.33
CA THR D 382 33.25 35.96 20.04
C THR D 382 32.03 35.65 19.17
N ALA D 383 31.19 34.75 19.67
CA ALA D 383 30.01 34.26 18.96
C ALA D 383 28.84 35.19 19.22
N THR D 384 27.95 35.34 18.22
CA THR D 384 26.63 35.93 18.41
C THR D 384 25.54 34.91 18.07
N PHE D 385 24.38 35.01 18.74
CA PHE D 385 23.36 33.99 18.69
C PHE D 385 22.02 34.56 18.22
N TYR D 386 21.29 33.77 17.42
CA TYR D 386 19.89 33.98 17.12
C TYR D 386 19.11 32.70 17.39
N LEU D 387 17.97 32.85 18.06
CA LEU D 387 17.00 31.77 18.17
C LEU D 387 15.88 32.11 17.20
N SER D 388 15.72 31.31 16.14
CA SER D 388 14.80 31.72 15.10
C SER D 388 13.70 30.72 14.85
N GLN D 389 12.47 31.21 14.76
CA GLN D 389 11.38 30.48 14.14
C GLN D 389 11.49 30.65 12.62
N ALA D 390 10.93 29.68 11.89
CA ALA D 390 10.76 29.76 10.46
C ALA D 390 9.79 30.91 10.16
N ALA D 391 10.18 31.80 9.24
CA ALA D 391 9.47 33.05 9.02
C ALA D 391 8.88 33.11 7.61
N ASP D 392 8.03 34.13 7.39
CA ASP D 392 7.48 34.46 6.08
C ASP D 392 8.58 34.94 5.11
N GLY D 393 8.30 34.75 3.82
CA GLY D 393 9.12 35.27 2.74
C GLY D 393 8.70 36.71 2.40
N ALA D 394 8.93 37.14 1.15
CA ALA D 394 8.77 38.55 0.81
C ALA D 394 7.33 39.01 1.00
N LYS D 395 7.12 40.21 1.56
CA LYS D 395 5.79 40.77 1.79
C LYS D 395 5.73 42.26 1.39
N VAL D 396 4.51 42.76 1.15
CA VAL D 396 4.22 44.13 0.76
C VAL D 396 3.17 44.69 1.72
N LEU D 397 3.36 45.94 2.11
CA LEU D 397 2.34 46.68 2.86
C LEU D 397 2.21 48.07 2.23
N CYS D 398 0.99 48.37 1.76
CA CYS D 398 0.65 49.68 1.23
C CYS D 398 0.56 50.65 2.40
N LEU D 399 1.18 51.83 2.25
CA LEU D 399 1.20 52.81 3.33
C LEU D 399 0.32 54.00 2.94
C1 GAL E . -24.64 -28.60 9.75
C2 GAL E . -24.78 -29.21 8.37
C3 GAL E . -23.96 -28.17 7.57
C4 GAL E . -24.47 -26.74 7.90
C5 GAL E . -24.75 -26.45 9.37
C6 GAL E . -25.44 -25.09 9.63
O1 GAL E . -24.64 -29.42 10.90
O2 GAL E . -24.16 -30.50 8.31
O3 GAL E . -24.07 -28.45 6.16
O4 GAL E . -25.68 -26.49 7.14
O5 GAL E . -25.55 -27.52 9.85
O6 GAL E . -24.44 -24.05 9.76
C10 HFK F . -26.32 -43.26 16.53
C13 HFK F . -26.24 -42.35 13.79
C15 HFK F . -24.12 -39.99 13.87
C20 HFK F . -20.91 -42.90 14.19
C21 HFK F . -19.91 -41.97 13.91
C24 HFK F . -18.15 -43.59 14.26
C26 HFK F . -20.50 -44.23 14.51
C02 HFK F . -28.33 -39.78 14.84
C03 HFK F . -29.00 -38.43 14.64
C04 HFK F . -28.43 -37.68 13.43
C05 HFK F . -26.92 -37.43 13.57
C06 HFK F . -26.18 -38.74 13.90
C07 HFK F . -26.86 -39.92 14.55
C08 HFK F . -26.13 -41.25 14.88
C09 HFK F . -26.06 -41.76 16.34
C11 HFK F . -25.58 -44.15 15.53
C12 HFK F . -25.94 -43.83 14.09
C18 HFK F . -21.89 -40.98 13.73
C23 HFK F . -18.52 -42.28 13.94
C25 HFK F . -19.15 -44.52 14.55
N14 HFK F . -24.71 -41.18 14.46
N16 HFK F . -24.84 -38.82 13.61
N17 HFK F . -22.74 -39.89 13.51
N19 HFK F . -22.16 -42.27 14.07
O01 HFK F . -28.94 -40.77 15.23
O22 HFK F . -20.55 -40.78 13.67
C1 GAL G . 13.19 -19.79 -6.65
C2 GAL G . 13.27 -19.82 -5.13
C3 GAL G . 11.90 -19.29 -4.66
C4 GAL G . 11.58 -17.89 -5.25
C5 GAL G . 11.80 -17.90 -6.79
C6 GAL G . 11.62 -16.53 -7.44
O1 GAL G . 14.30 -20.43 -7.28
O2 GAL G . 13.44 -21.14 -4.61
O3 GAL G . 11.88 -19.30 -3.23
O4 GAL G . 12.41 -16.90 -4.65
O5 GAL G . 13.12 -18.41 -7.02
O6 GAL G . 10.22 -16.16 -7.38
C10 HFK H . 21.62 -33.16 -10.02
C13 HFK H . 21.38 -32.01 -7.36
C15 HFK H . 18.57 -30.86 -7.93
C20 HFK H . 15.94 -34.61 -7.31
C21 HFK H . 17.27 -34.95 -7.44
C24 HFK H . 16.63 -37.30 -7.33
C26 HFK H . 14.93 -35.60 -7.20
C02 HFK H . 22.30 -28.79 -8.57
C03 HFK H . 22.24 -27.25 -8.75
C04 HFK H . 20.86 -26.72 -9.19
C05 HFK H . 19.75 -27.25 -8.30
C06 HFK H . 19.76 -28.78 -8.32
C07 HFK H . 21.03 -29.56 -8.28
C08 HFK H . 20.99 -31.09 -8.54
C09 HFK H . 21.33 -31.65 -9.94
C11 HFK H . 22.43 -33.75 -8.85
C12 HFK H . 22.65 -32.80 -7.66
C18 HFK H . 17.08 -32.74 -7.45
C23 HFK H . 17.63 -36.34 -7.44
C25 HFK H . 15.29 -36.95 -7.21
N14 HFK H . 19.72 -31.70 -8.16
N16 HFK H . 18.59 -29.47 -8.02
N17 HFK H . 17.29 -31.36 -7.54
N19 HFK H . 15.85 -33.22 -7.35
O01 HFK H . 23.35 -29.41 -8.66
O22 HFK H . 18.00 -33.75 -7.52
N1 S6V I . 1.64 25.71 -18.39
N3 S6V I . -1.95 22.19 -17.25
C4 S6V I . 2.54 26.81 -18.25
C5 S6V I . 2.14 28.13 -17.82
C6 S6V I . 3.13 29.15 -17.79
C7 S6V I . 0.34 25.78 -17.95
C8 S6V I . -1.85 24.66 -17.63
C10 S6V I . -2.68 21.46 -16.21
C13 S6V I . -0.85 21.43 -17.74
C1 S6V I . 4.44 28.84 -18.18
C11 S6V I . -1.66 20.38 -15.75
C12 S6V I . -0.68 20.18 -16.94
C2 S6V I . 4.80 27.54 -18.59
C3 S6V I . 3.87 26.52 -18.62
C9 S6V I . -2.58 23.34 -17.95
N2 S6V I . -0.41 24.62 -18.13
O1 S6V I . -0.15 26.78 -17.44
O2 S6V I . -0.13 21.78 -18.68
C1 GAL J . 25.61 30.17 -0.49
C2 GAL J . 25.25 30.62 -1.91
C3 GAL J . 24.11 29.60 -2.16
C4 GAL J . 24.58 28.16 -1.79
C5 GAL J . 25.38 28.07 -0.46
C6 GAL J . 25.96 26.74 -0.03
O1 GAL J . 26.02 31.05 0.48
O2 GAL J . 24.73 31.91 -1.93
O3 GAL J . 23.55 29.69 -3.50
O4 GAL J . 25.37 27.66 -2.88
O5 GAL J . 26.44 29.03 -0.54
O6 GAL J . 24.92 25.77 0.08
C10 HFK K . 28.39 45.53 3.75
C13 HFK K . 28.47 44.62 0.93
C15 HFK K . 26.24 42.34 2.00
C20 HFK K . 22.23 44.46 2.87
C21 HFK K . 23.23 45.36 2.70
C24 HFK K . 21.69 47.10 3.31
C26 HFK K . 20.94 44.82 3.28
C02 HFK K . 30.51 41.97 1.44
C03 HFK K . 31.11 40.60 1.13
C04 HFK K . 30.14 39.44 0.84
C05 HFK K . 28.75 39.50 1.50
C06 HFK K . 28.20 40.93 1.67
C07 HFK K . 29.01 42.16 1.59
C08 HFK K . 28.47 43.53 2.07
C09 HFK K . 28.88 44.12 3.45
C11 HFK K . 28.72 46.55 2.63
C12 HFK K . 28.16 46.11 1.27
C18 HFK K . 24.04 43.37 2.32
C23 HFK K . 22.97 46.73 2.90
C25 HFK K . 20.68 46.16 3.50
N14 HFK K . 27.00 43.57 2.10
N16 HFK K . 26.83 41.09 1.80
N17 HFK K . 24.83 42.26 2.05
N19 HFK K . 22.76 43.24 2.66
O01 HFK K . 31.24 42.94 1.60
O22 HFK K . 24.38 44.67 2.34
#